data_1QPO
#
_entry.id   1QPO
#
_cell.length_a   100.584
_cell.length_b   100.584
_cell.length_c   145.448
_cell.angle_alpha   90.00
_cell.angle_beta   90.00
_cell.angle_gamma   120.00
#
_symmetry.space_group_name_H-M   'P 31'
#
loop_
_entity.id
_entity.type
_entity.pdbx_description
1 polymer 'QUINOLINATE ACID PHOSPHORIBOSYL TRANSFERASE'
2 non-polymer 'SULFATE ION'
3 water water
#
_entity_poly.entity_id   1
_entity_poly.type   'polypeptide(L)'
_entity_poly.pdbx_seq_one_letter_code
;GLSDWELAAARAAIARGLDEDLRYGPDVTTLATVPASATTTASLVTREAGVVAGLDVALLTLNEVLGTNGYRVLDRVEDG
ARVPPGEALMTLEAQTRGLLTAERTMLNLVGHLSGIATATAAWVDAVRGTKAKIRDTRKTLPGLRALQKYAVRTGGGVNH
RLGLGDAALIKDNHVAAAGSVVDALRAVRNAAPDLPCEVEVDSLEQLDAVLPEKPELILLDNFAVWQTQTAVQRRDSRAP
TVMLESSGGLSLQTAATYAETGVDYLAVGALTHSVRVLDIGLDM
;
_entity_poly.pdbx_strand_id   A,B,C,D,E,F
#
loop_
_chem_comp.id
_chem_comp.type
_chem_comp.name
_chem_comp.formula
SO4 non-polymer 'SULFATE ION' 'O4 S -2'
#
# COMPACT_ATOMS: atom_id res chain seq x y z
N GLY A 1 7.21 28.49 -30.61
CA GLY A 1 7.77 27.24 -30.01
C GLY A 1 7.89 26.16 -31.07
N LEU A 2 6.81 25.97 -31.81
CA LEU A 2 6.77 24.98 -32.87
C LEU A 2 7.60 25.52 -34.01
N SER A 3 8.43 24.67 -34.58
CA SER A 3 9.29 25.04 -35.70
C SER A 3 8.44 24.88 -36.95
N ASP A 4 9.06 25.04 -38.10
CA ASP A 4 8.36 24.90 -39.37
C ASP A 4 7.85 23.47 -39.53
N TRP A 5 8.73 22.50 -39.28
CA TRP A 5 8.43 21.08 -39.38
C TRP A 5 7.30 20.72 -38.42
N GLU A 6 7.39 21.27 -37.21
CA GLU A 6 6.37 21.02 -36.21
C GLU A 6 5.06 21.73 -36.52
N LEU A 7 5.17 22.93 -37.06
CA LEU A 7 3.99 23.70 -37.40
C LEU A 7 3.21 22.94 -38.48
N ALA A 8 3.90 22.44 -39.50
CA ALA A 8 3.27 21.69 -40.59
C ALA A 8 2.61 20.44 -40.06
N ALA A 9 3.31 19.71 -39.20
CA ALA A 9 2.78 18.50 -38.58
C ALA A 9 1.52 18.86 -37.76
N ALA A 10 1.61 19.93 -37.00
CA ALA A 10 0.49 20.38 -36.20
C ALA A 10 -0.71 20.67 -37.09
N ARG A 11 -0.50 21.42 -38.19
CA ARG A 11 -1.60 21.75 -39.13
C ARG A 11 -2.21 20.49 -39.71
N ALA A 12 -1.35 19.57 -40.10
CA ALA A 12 -1.81 18.29 -40.64
C ALA A 12 -2.64 17.53 -39.62
N ALA A 13 -2.16 17.45 -38.38
CA ALA A 13 -2.92 16.75 -37.35
C ALA A 13 -4.27 17.45 -37.10
N ILE A 14 -4.27 18.77 -36.86
CA ILE A 14 -5.54 19.45 -36.61
C ILE A 14 -6.50 19.23 -37.77
N ALA A 15 -6.01 19.35 -39.01
CA ALA A 15 -6.84 19.11 -40.19
C ALA A 15 -7.45 17.72 -40.13
N ARG A 16 -6.68 16.71 -39.71
CA ARG A 16 -7.21 15.36 -39.61
C ARG A 16 -8.27 15.28 -38.51
N GLY A 17 -8.00 15.91 -37.38
CA GLY A 17 -8.96 15.86 -36.31
C GLY A 17 -10.31 16.44 -36.71
N LEU A 18 -10.28 17.64 -37.29
CA LEU A 18 -11.50 18.34 -37.71
C LEU A 18 -12.28 17.54 -38.73
N ASP A 19 -11.60 16.93 -39.69
CA ASP A 19 -12.29 16.15 -40.68
C ASP A 19 -13.00 14.96 -40.04
N GLU A 20 -12.39 14.30 -39.09
CA GLU A 20 -13.06 13.19 -38.43
C GLU A 20 -14.32 13.73 -37.76
N ASP A 21 -14.19 14.89 -37.12
CA ASP A 21 -15.31 15.50 -36.41
C ASP A 21 -16.43 16.06 -37.26
N LEU A 22 -16.10 16.52 -38.46
CA LEU A 22 -17.06 17.15 -39.35
C LEU A 22 -17.53 16.28 -40.50
N ARG A 23 -16.99 15.08 -40.56
CA ARG A 23 -17.35 14.14 -41.61
C ARG A 23 -18.84 13.78 -41.67
N TYR A 24 -19.56 13.88 -40.56
CA TYR A 24 -20.96 13.49 -40.53
C TYR A 24 -21.94 14.62 -40.52
N GLY A 25 -21.47 15.85 -40.62
CA GLY A 25 -22.41 16.97 -40.61
C GLY A 25 -22.00 17.96 -39.55
N PRO A 26 -22.45 19.22 -39.64
CA PRO A 26 -22.08 20.23 -38.64
C PRO A 26 -22.78 20.00 -37.34
N ASP A 27 -22.36 20.74 -36.33
CA ASP A 27 -22.95 20.64 -35.02
C ASP A 27 -24.34 21.28 -35.06
N VAL A 28 -25.31 20.49 -35.50
CA VAL A 28 -26.68 20.93 -35.63
C VAL A 28 -27.26 21.56 -34.37
N THR A 29 -26.77 21.16 -33.21
CA THR A 29 -27.30 21.75 -32.00
C THR A 29 -26.83 23.17 -31.75
N THR A 30 -25.56 23.49 -32.03
CA THR A 30 -25.13 24.87 -31.80
C THR A 30 -25.70 25.77 -32.88
N LEU A 31 -25.94 25.21 -34.07
CA LEU A 31 -26.51 25.97 -35.18
C LEU A 31 -27.91 26.37 -34.77
N ALA A 32 -28.64 25.44 -34.16
CA ALA A 32 -29.99 25.71 -33.72
C ALA A 32 -30.11 26.57 -32.45
N THR A 33 -29.14 26.51 -31.54
CA THR A 33 -29.23 27.28 -30.30
C THR A 33 -28.37 28.56 -30.18
N VAL A 34 -27.26 28.64 -30.92
CA VAL A 34 -26.42 29.81 -30.83
C VAL A 34 -26.26 30.62 -32.12
N PRO A 35 -26.66 31.88 -32.04
CA PRO A 35 -26.57 32.77 -33.18
C PRO A 35 -25.14 32.96 -33.67
N ALA A 36 -25.03 33.27 -34.95
CA ALA A 36 -23.75 33.48 -35.57
C ALA A 36 -23.01 34.65 -34.97
N SER A 37 -23.77 35.65 -34.53
CA SER A 37 -23.19 36.86 -33.95
C SER A 37 -22.68 36.71 -32.53
N ALA A 38 -23.02 35.61 -31.88
CA ALA A 38 -22.59 35.39 -30.50
C ALA A 38 -21.07 35.26 -30.37
N THR A 39 -20.54 35.81 -29.30
CA THR A 39 -19.13 35.82 -29.03
C THR A 39 -18.95 35.62 -27.53
N THR A 40 -17.92 34.87 -27.12
CA THR A 40 -17.63 34.66 -25.69
C THR A 40 -16.17 34.77 -25.33
N THR A 41 -15.94 34.73 -24.02
CA THR A 41 -14.63 34.72 -23.45
C THR A 41 -14.66 33.29 -22.91
N ALA A 42 -13.70 32.47 -23.31
CA ALA A 42 -13.64 31.09 -22.87
C ALA A 42 -12.24 30.90 -22.33
N SER A 43 -12.06 29.87 -21.51
CA SER A 43 -10.77 29.59 -20.94
C SER A 43 -10.47 28.13 -21.00
N LEU A 44 -9.23 27.81 -21.33
CA LEU A 44 -8.81 26.42 -21.34
C LEU A 44 -8.32 26.31 -19.92
N VAL A 45 -8.97 25.48 -19.10
CA VAL A 45 -8.50 25.35 -17.74
C VAL A 45 -8.23 23.90 -17.41
N THR A 46 -7.12 23.64 -16.73
CA THR A 46 -6.79 22.28 -16.34
C THR A 46 -7.67 21.82 -15.21
N ARG A 47 -7.94 20.52 -15.25
CA ARG A 47 -8.72 19.90 -14.19
C ARG A 47 -7.73 19.28 -13.24
N GLU A 48 -6.45 19.24 -13.62
CA GLU A 48 -5.44 18.64 -12.80
C GLU A 48 -4.11 19.31 -12.97
N ALA A 49 -3.18 18.98 -12.09
CA ALA A 49 -1.85 19.57 -12.10
C ALA A 49 -0.99 18.88 -13.12
N GLY A 50 -0.07 19.63 -13.73
CA GLY A 50 0.80 19.07 -14.73
C GLY A 50 1.62 20.13 -15.42
N VAL A 51 2.17 19.79 -16.57
CA VAL A 51 3.00 20.70 -17.31
C VAL A 51 2.27 20.90 -18.60
N VAL A 52 2.12 22.15 -18.99
CA VAL A 52 1.42 22.48 -20.22
C VAL A 52 2.31 22.47 -21.48
N ALA A 53 1.75 21.93 -22.56
CA ALA A 53 2.43 21.89 -23.84
C ALA A 53 1.34 21.83 -24.90
N GLY A 54 1.57 22.49 -26.03
CA GLY A 54 0.62 22.43 -27.11
C GLY A 54 -0.36 23.59 -27.24
N LEU A 55 -0.08 24.66 -26.52
CA LEU A 55 -0.96 25.80 -26.57
C LEU A 55 -1.03 26.45 -27.95
N ASP A 56 0.08 26.43 -28.70
CA ASP A 56 0.07 27.01 -30.03
C ASP A 56 -0.80 26.16 -30.94
N VAL A 57 -0.81 24.86 -30.70
CA VAL A 57 -1.66 23.99 -31.48
C VAL A 57 -3.13 24.37 -31.26
N ALA A 58 -3.46 24.89 -30.09
CA ALA A 58 -4.85 25.28 -29.84
C ALA A 58 -5.17 26.49 -30.70
N LEU A 59 -4.29 27.49 -30.69
CA LEU A 59 -4.51 28.66 -31.52
C LEU A 59 -4.61 28.25 -32.98
N LEU A 60 -3.78 27.30 -33.43
CA LEU A 60 -3.82 26.85 -34.82
C LEU A 60 -5.17 26.25 -35.21
N THR A 61 -5.84 25.61 -34.25
CA THR A 61 -7.15 25.00 -34.50
C THR A 61 -8.17 26.11 -34.73
N LEU A 62 -8.05 27.17 -33.94
CA LEU A 62 -8.94 28.31 -34.04
C LEU A 62 -8.70 28.98 -35.39
N ASN A 63 -7.45 29.15 -35.77
CA ASN A 63 -7.16 29.76 -37.06
C ASN A 63 -7.90 29.05 -38.15
N GLU A 64 -7.85 27.74 -38.09
CA GLU A 64 -8.48 26.93 -39.08
C GLU A 64 -9.98 27.08 -39.09
N VAL A 65 -10.61 27.08 -37.91
CA VAL A 65 -12.05 27.18 -37.81
C VAL A 65 -12.61 28.60 -37.87
N LEU A 66 -11.95 29.54 -37.20
CA LEU A 66 -12.39 30.93 -37.17
C LEU A 66 -11.65 31.94 -38.06
N GLY A 67 -10.49 31.56 -38.59
CA GLY A 67 -9.72 32.49 -39.39
C GLY A 67 -8.81 33.20 -38.41
N THR A 68 -7.61 33.52 -38.86
CA THR A 68 -6.60 34.15 -38.03
C THR A 68 -7.05 35.29 -37.16
N ASN A 69 -8.05 36.03 -37.61
CA ASN A 69 -8.54 37.16 -36.84
C ASN A 69 -9.95 36.85 -36.37
N GLY A 70 -10.23 35.56 -36.20
CA GLY A 70 -11.56 35.18 -35.78
C GLY A 70 -11.73 35.21 -34.27
N TYR A 71 -10.65 35.51 -33.56
CA TYR A 71 -10.68 35.48 -32.11
C TYR A 71 -9.62 36.39 -31.55
N ARG A 72 -9.65 36.59 -30.24
CA ARG A 72 -8.70 37.42 -29.53
C ARG A 72 -8.22 36.70 -28.27
N VAL A 73 -6.91 36.58 -28.12
CA VAL A 73 -6.33 35.93 -26.95
C VAL A 73 -6.14 36.99 -25.87
N LEU A 74 -6.94 36.95 -24.82
CA LEU A 74 -6.84 37.94 -23.75
C LEU A 74 -5.68 37.62 -22.84
N ASP A 75 -5.35 36.33 -22.73
CA ASP A 75 -4.26 35.93 -21.89
C ASP A 75 -3.91 34.48 -22.14
N ARG A 76 -2.66 34.14 -21.84
CA ARG A 76 -2.17 32.77 -22.01
C ARG A 76 -0.92 32.50 -21.20
N VAL A 77 -0.68 31.21 -20.98
CA VAL A 77 0.45 30.73 -20.21
C VAL A 77 1.46 30.28 -21.26
N GLU A 78 2.73 30.13 -20.88
CA GLU A 78 3.72 29.68 -21.84
C GLU A 78 3.83 28.19 -21.80
N ASP A 79 4.09 27.58 -22.94
CA ASP A 79 4.28 26.14 -22.99
C ASP A 79 5.43 25.79 -22.04
N GLY A 80 5.29 24.72 -21.28
CA GLY A 80 6.36 24.34 -20.36
C GLY A 80 6.03 24.71 -18.93
N ALA A 81 5.02 25.54 -18.75
CA ALA A 81 4.62 25.98 -17.43
C ALA A 81 4.06 24.85 -16.61
N ARG A 82 4.46 24.80 -15.35
CA ARG A 82 3.99 23.76 -14.42
C ARG A 82 2.72 24.45 -13.95
N VAL A 83 1.63 23.71 -13.90
CA VAL A 83 0.38 24.35 -13.61
C VAL A 83 -0.42 23.55 -12.61
N PRO A 84 -1.12 24.23 -11.69
CA PRO A 84 -1.97 23.61 -10.64
C PRO A 84 -3.35 23.36 -11.21
N PRO A 85 -4.16 22.54 -10.52
CA PRO A 85 -5.52 22.22 -10.95
C PRO A 85 -6.44 23.27 -11.57
N GLY A 86 -6.92 24.28 -10.89
CA GLY A 86 -7.83 25.15 -11.65
C GLY A 86 -7.22 26.29 -12.48
N GLU A 87 -6.04 26.03 -13.04
CA GLU A 87 -5.32 27.04 -13.78
C GLU A 87 -5.87 27.36 -15.16
N ALA A 88 -6.03 28.64 -15.46
CA ALA A 88 -6.50 29.07 -16.78
C ALA A 88 -5.27 29.20 -17.66
N LEU A 89 -5.10 28.25 -18.56
CA LEU A 89 -3.95 28.20 -19.44
C LEU A 89 -4.00 29.26 -20.52
N MET A 90 -5.20 29.55 -21.01
CA MET A 90 -5.39 30.52 -22.06
C MET A 90 -6.84 31.03 -22.01
N THR A 91 -7.01 32.36 -22.11
CA THR A 91 -8.32 32.96 -22.11
C THR A 91 -8.42 33.71 -23.40
N LEU A 92 -9.53 33.53 -24.09
CA LEU A 92 -9.76 34.19 -25.37
C LEU A 92 -11.22 34.60 -25.58
N GLU A 93 -11.45 35.47 -26.54
CA GLU A 93 -12.76 35.95 -26.86
C GLU A 93 -12.93 35.53 -28.30
N ALA A 94 -13.99 34.80 -28.61
CA ALA A 94 -14.17 34.37 -29.98
C ALA A 94 -15.63 34.11 -30.27
N GLN A 95 -15.92 33.78 -31.51
CA GLN A 95 -17.28 33.50 -31.88
C GLN A 95 -17.60 32.20 -31.21
N THR A 96 -18.74 32.16 -30.54
CA THR A 96 -19.15 30.97 -29.84
C THR A 96 -19.32 29.73 -30.71
N ARG A 97 -19.89 29.86 -31.90
CA ARG A 97 -20.07 28.69 -32.74
C ARG A 97 -18.73 28.07 -33.14
N GLY A 98 -17.74 28.93 -33.34
CA GLY A 98 -16.42 28.49 -33.75
C GLY A 98 -15.77 27.76 -32.61
N LEU A 99 -15.83 28.33 -31.40
CA LEU A 99 -15.25 27.68 -30.24
C LEU A 99 -15.80 26.28 -30.03
N LEU A 100 -17.12 26.13 -30.15
CA LEU A 100 -17.75 24.84 -29.95
C LEU A 100 -17.42 23.80 -31.01
N THR A 101 -17.07 24.25 -32.19
CA THR A 101 -16.71 23.33 -33.26
C THR A 101 -15.26 22.89 -33.11
N ALA A 102 -14.40 23.82 -32.70
CA ALA A 102 -12.97 23.60 -32.46
C ALA A 102 -12.63 22.79 -31.21
N GLU A 103 -13.41 23.01 -30.16
CA GLU A 103 -13.25 22.41 -28.83
C GLU A 103 -12.66 21.00 -28.67
N ARG A 104 -13.35 19.99 -29.17
CA ARG A 104 -12.89 18.62 -29.00
C ARG A 104 -11.53 18.33 -29.61
N THR A 105 -11.30 18.83 -30.82
CA THR A 105 -10.06 18.59 -31.51
C THR A 105 -8.95 19.30 -30.77
N MET A 106 -9.25 20.51 -30.34
CA MET A 106 -8.31 21.33 -29.62
C MET A 106 -7.93 20.68 -28.29
N LEU A 107 -8.93 20.28 -27.53
CA LEU A 107 -8.71 19.66 -26.23
C LEU A 107 -8.01 18.29 -26.30
N ASN A 108 -8.38 17.49 -27.28
CA ASN A 108 -7.76 16.18 -27.50
C ASN A 108 -6.27 16.35 -27.78
N LEU A 109 -5.91 17.36 -28.55
CA LEU A 109 -4.52 17.59 -28.86
C LEU A 109 -3.70 18.17 -27.70
N VAL A 110 -4.16 19.25 -27.05
CA VAL A 110 -3.34 19.82 -25.96
C VAL A 110 -3.33 18.93 -24.74
N GLY A 111 -4.39 18.13 -24.58
CA GLY A 111 -4.47 17.22 -23.47
C GLY A 111 -3.44 16.11 -23.65
N HIS A 112 -3.24 15.67 -24.89
CA HIS A 112 -2.28 14.61 -25.18
C HIS A 112 -0.86 15.13 -25.03
N LEU A 113 -0.60 16.28 -25.62
CA LEU A 113 0.73 16.84 -25.55
C LEU A 113 1.11 17.25 -24.14
N SER A 114 0.13 17.67 -23.34
CA SER A 114 0.41 18.05 -21.98
C SER A 114 0.61 16.77 -21.16
N GLY A 115 -0.05 15.68 -21.53
CA GLY A 115 0.14 14.45 -20.81
C GLY A 115 1.58 13.99 -20.93
N ILE A 116 2.12 14.09 -22.14
CA ILE A 116 3.52 13.68 -22.45
C ILE A 116 4.51 14.55 -21.72
N ALA A 117 4.34 15.87 -21.80
CA ALA A 117 5.21 16.82 -21.12
C ALA A 117 5.16 16.64 -19.61
N THR A 118 3.99 16.26 -19.10
CA THR A 118 3.83 16.08 -17.67
C THR A 118 4.68 14.92 -17.23
N ALA A 119 4.47 13.78 -17.90
CA ALA A 119 5.20 12.57 -17.59
C ALA A 119 6.68 12.74 -17.74
N THR A 120 7.15 13.42 -18.79
CA THR A 120 8.59 13.56 -18.92
C THR A 120 9.18 14.44 -17.85
N ALA A 121 8.41 15.43 -17.41
CA ALA A 121 8.89 16.28 -16.36
C ALA A 121 9.08 15.44 -15.09
N ALA A 122 8.27 14.40 -14.88
CA ALA A 122 8.40 13.56 -13.69
C ALA A 122 9.66 12.74 -13.75
N TRP A 123 9.99 12.26 -14.94
CA TRP A 123 11.19 11.48 -15.12
C TRP A 123 12.40 12.34 -14.87
N VAL A 124 12.36 13.54 -15.44
CA VAL A 124 13.41 14.52 -15.29
C VAL A 124 13.60 14.83 -13.80
N ASP A 125 12.54 15.02 -13.02
CA ASP A 125 12.75 15.28 -11.59
C ASP A 125 13.38 14.08 -10.89
N ALA A 126 13.01 12.90 -11.33
CA ALA A 126 13.50 11.67 -10.74
C ALA A 126 15.00 11.50 -10.89
N VAL A 127 15.55 11.88 -12.02
CA VAL A 127 16.98 11.70 -12.18
C VAL A 127 17.77 12.95 -11.88
N ARG A 128 17.16 13.97 -11.27
CA ARG A 128 17.94 15.16 -11.02
C ARG A 128 19.07 14.92 -10.01
N GLY A 129 20.16 15.67 -10.19
CA GLY A 129 21.32 15.51 -9.33
C GLY A 129 22.17 14.38 -9.90
N THR A 130 21.87 14.03 -11.13
CA THR A 130 22.53 12.98 -11.85
C THR A 130 22.86 13.64 -13.19
N LYS A 131 23.77 13.09 -13.99
CA LYS A 131 24.04 13.74 -15.27
C LYS A 131 23.11 13.26 -16.37
N ALA A 132 22.31 12.23 -16.06
CA ALA A 132 21.43 11.60 -17.02
C ALA A 132 20.38 12.49 -17.57
N LYS A 133 20.09 12.31 -18.86
CA LYS A 133 19.04 13.04 -19.59
C LYS A 133 17.99 12.01 -20.01
N ILE A 134 16.73 12.43 -19.98
CA ILE A 134 15.60 11.59 -20.35
C ILE A 134 15.41 11.74 -21.87
N ARG A 135 15.49 10.63 -22.60
CA ARG A 135 15.37 10.67 -24.04
C ARG A 135 14.20 9.88 -24.50
N ASP A 136 13.65 10.26 -25.65
CA ASP A 136 12.51 9.56 -26.20
C ASP A 136 12.94 8.49 -27.19
N THR A 137 11.97 7.83 -27.79
CA THR A 137 12.21 6.77 -28.74
C THR A 137 11.37 6.93 -30.03
N ARG A 138 11.43 5.92 -30.89
CA ARG A 138 10.62 5.94 -32.12
C ARG A 138 9.28 5.25 -31.87
N LYS A 139 9.01 4.93 -30.61
CA LYS A 139 7.76 4.30 -30.24
C LYS A 139 6.72 5.41 -30.06
N THR A 140 6.40 6.04 -31.19
CA THR A 140 5.46 7.15 -31.30
C THR A 140 4.16 6.75 -32.04
N LEU A 141 3.14 7.60 -32.07
CA LEU A 141 1.94 7.19 -32.76
C LEU A 141 2.04 7.71 -34.17
N PRO A 142 1.66 6.89 -35.15
CA PRO A 142 1.69 7.25 -36.57
C PRO A 142 0.99 8.57 -36.85
N GLY A 143 1.72 9.48 -37.47
CA GLY A 143 1.14 10.75 -37.78
C GLY A 143 1.38 11.76 -36.69
N LEU A 144 1.80 11.33 -35.49
CA LEU A 144 2.01 12.28 -34.38
C LEU A 144 3.43 12.42 -33.85
N ARG A 145 4.42 11.86 -34.55
CA ARG A 145 5.80 11.96 -34.07
C ARG A 145 6.42 13.34 -33.76
N ALA A 146 6.37 14.28 -34.71
CA ALA A 146 6.95 15.59 -34.49
C ALA A 146 6.35 16.26 -33.28
N LEU A 147 5.03 16.13 -33.13
CA LEU A 147 4.29 16.73 -32.01
C LEU A 147 4.67 16.05 -30.68
N GLN A 148 4.71 14.73 -30.68
CA GLN A 148 5.06 14.01 -29.45
C GLN A 148 6.50 14.30 -29.10
N LYS A 149 7.35 14.42 -30.11
CA LYS A 149 8.76 14.68 -29.89
C LYS A 149 8.88 16.08 -29.32
N TYR A 150 8.08 17.00 -29.86
CA TYR A 150 8.07 18.39 -29.37
C TYR A 150 7.68 18.47 -27.90
N ALA A 151 6.64 17.75 -27.53
CA ALA A 151 6.16 17.71 -26.15
C ALA A 151 7.15 17.12 -25.13
N VAL A 152 7.99 16.14 -25.49
CA VAL A 152 8.96 15.60 -24.52
C VAL A 152 10.04 16.66 -24.26
N ARG A 153 10.37 17.39 -25.31
CA ARG A 153 11.35 18.45 -25.23
C ARG A 153 10.83 19.54 -24.30
N THR A 154 9.53 19.85 -24.42
CA THR A 154 8.89 20.87 -23.58
C THR A 154 8.92 20.41 -22.13
N GLY A 155 8.79 19.10 -21.92
CA GLY A 155 8.84 18.58 -20.57
C GLY A 155 10.25 18.53 -20.00
N GLY A 156 11.24 18.81 -20.84
CA GLY A 156 12.62 18.81 -20.37
C GLY A 156 13.41 17.63 -20.84
N GLY A 157 12.84 16.85 -21.76
CA GLY A 157 13.53 15.70 -22.30
C GLY A 157 14.32 16.08 -23.54
N VAL A 158 15.08 15.14 -24.12
CA VAL A 158 15.84 15.45 -25.30
C VAL A 158 15.44 14.42 -26.32
N ASN A 159 15.23 14.86 -27.55
CA ASN A 159 14.82 13.99 -28.63
C ASN A 159 15.93 13.11 -29.12
N HIS A 160 15.62 11.86 -29.44
CA HIS A 160 16.64 10.98 -29.96
C HIS A 160 16.49 10.85 -31.49
N ARG A 161 16.20 9.65 -31.98
CA ARG A 161 16.07 9.45 -33.42
C ARG A 161 14.73 9.90 -33.97
N LEU A 162 14.75 10.60 -35.10
CA LEU A 162 13.51 11.04 -35.71
C LEU A 162 12.98 10.01 -36.72
N GLY A 163 13.85 9.16 -37.22
CA GLY A 163 13.44 8.18 -38.20
C GLY A 163 14.51 7.15 -38.30
N LEU A 164 14.39 6.31 -39.32
CA LEU A 164 15.30 5.20 -39.59
C LEU A 164 16.65 5.59 -40.20
N GLY A 165 16.71 6.70 -40.94
CA GLY A 165 17.97 7.07 -41.56
C GLY A 165 18.75 8.10 -40.79
N ASP A 166 18.14 8.53 -39.71
CA ASP A 166 18.65 9.53 -38.76
C ASP A 166 20.05 9.21 -38.24
N ALA A 167 20.26 7.95 -37.89
CA ALA A 167 21.52 7.49 -37.37
C ALA A 167 21.59 6.00 -37.67
N ALA A 168 22.75 5.39 -37.50
CA ALA A 168 22.90 3.97 -37.75
C ALA A 168 22.76 3.25 -36.43
N LEU A 169 21.74 2.40 -36.29
CA LEU A 169 21.56 1.69 -35.07
C LEU A 169 21.63 0.21 -35.34
N ILE A 170 22.71 -0.42 -34.85
CA ILE A 170 22.94 -1.85 -35.01
C ILE A 170 22.27 -2.62 -33.85
N LYS A 171 21.35 -3.51 -34.23
CA LYS A 171 20.62 -4.35 -33.30
C LYS A 171 21.01 -5.79 -33.58
N ASP A 172 20.39 -6.68 -32.83
CA ASP A 172 20.54 -8.15 -32.92
C ASP A 172 20.44 -8.70 -34.34
N ASN A 173 19.42 -8.24 -35.09
CA ASN A 173 19.16 -8.65 -36.46
C ASN A 173 20.35 -8.36 -37.36
N HIS A 174 20.91 -7.16 -37.23
CA HIS A 174 22.05 -6.76 -38.04
C HIS A 174 23.29 -7.56 -37.61
N VAL A 175 23.42 -7.71 -36.29
CA VAL A 175 24.50 -8.45 -35.65
C VAL A 175 24.56 -9.88 -36.22
N ALA A 176 23.40 -10.53 -36.28
CA ALA A 176 23.27 -11.90 -36.79
C ALA A 176 23.75 -12.00 -38.23
N ALA A 177 23.14 -11.19 -39.11
CA ALA A 177 23.48 -11.16 -40.52
C ALA A 177 24.95 -10.88 -40.72
N ALA A 178 25.50 -10.00 -39.89
CA ALA A 178 26.91 -9.64 -39.99
C ALA A 178 27.77 -10.77 -39.44
N GLY A 179 27.18 -11.52 -38.53
CA GLY A 179 27.87 -12.61 -37.87
C GLY A 179 27.87 -12.22 -36.41
N SER A 180 28.47 -11.07 -36.13
CA SER A 180 28.55 -10.57 -34.77
C SER A 180 28.32 -9.08 -34.71
N VAL A 181 28.19 -8.60 -33.48
CA VAL A 181 27.97 -7.19 -33.23
C VAL A 181 29.11 -6.37 -33.84
N VAL A 182 30.35 -6.75 -33.57
CA VAL A 182 31.50 -6.02 -34.12
C VAL A 182 31.57 -6.12 -35.65
N ASP A 183 31.07 -7.24 -36.19
CA ASP A 183 31.06 -7.45 -37.64
C ASP A 183 30.11 -6.43 -38.24
N ALA A 184 28.90 -6.36 -37.67
CA ALA A 184 27.89 -5.40 -38.11
C ALA A 184 28.40 -3.97 -37.98
N LEU A 185 28.95 -3.67 -36.80
CA LEU A 185 29.47 -2.34 -36.52
C LEU A 185 30.43 -1.91 -37.61
N ARG A 186 31.33 -2.80 -37.97
CA ARG A 186 32.31 -2.51 -39.00
C ARG A 186 31.67 -2.31 -40.37
N ALA A 187 30.75 -3.21 -40.70
CA ALA A 187 30.04 -3.14 -41.98
C ALA A 187 29.39 -1.78 -42.21
N VAL A 188 28.60 -1.36 -41.24
CA VAL A 188 27.91 -0.08 -41.35
C VAL A 188 28.88 1.08 -41.38
N ARG A 189 29.95 0.98 -40.61
CA ARG A 189 30.95 2.05 -40.56
C ARG A 189 31.53 2.21 -41.95
N ASN A 190 31.76 1.07 -42.58
CA ASN A 190 32.32 1.06 -43.92
C ASN A 190 31.30 1.48 -44.98
N ALA A 191 30.01 1.29 -44.69
CA ALA A 191 28.99 1.67 -45.64
C ALA A 191 28.50 3.12 -45.51
N ALA A 192 28.38 3.62 -44.29
CA ALA A 192 27.92 4.99 -44.04
C ALA A 192 28.83 5.60 -42.98
N PRO A 193 30.08 5.88 -43.35
CA PRO A 193 31.10 6.46 -42.46
C PRO A 193 30.78 7.84 -41.87
N ASP A 194 29.81 8.54 -42.45
CA ASP A 194 29.44 9.87 -41.99
C ASP A 194 28.25 9.88 -41.00
N LEU A 195 27.79 8.71 -40.62
CA LEU A 195 26.61 8.59 -39.78
C LEU A 195 26.88 8.13 -38.35
N PRO A 196 26.13 8.66 -37.37
CA PRO A 196 26.28 8.29 -35.96
C PRO A 196 26.01 6.81 -35.82
N CYS A 197 26.96 6.11 -35.23
CA CYS A 197 26.85 4.70 -35.06
C CYS A 197 26.45 4.37 -33.62
N GLU A 198 25.29 3.77 -33.46
CA GLU A 198 24.75 3.39 -32.17
C GLU A 198 24.54 1.91 -32.21
N VAL A 199 24.96 1.22 -31.19
CA VAL A 199 24.78 -0.22 -31.16
C VAL A 199 24.09 -0.62 -29.88
N GLU A 200 23.17 -1.56 -30.01
CA GLU A 200 22.38 -2.11 -28.93
C GLU A 200 22.94 -3.46 -28.45
N VAL A 201 23.21 -3.58 -27.15
CA VAL A 201 23.74 -4.82 -26.60
C VAL A 201 22.88 -5.28 -25.43
N ASP A 202 22.81 -6.58 -25.23
CA ASP A 202 22.00 -7.11 -24.16
C ASP A 202 22.82 -7.93 -23.16
N SER A 203 24.14 -7.81 -23.23
CA SER A 203 24.96 -8.56 -22.31
C SER A 203 26.26 -7.84 -22.11
N LEU A 204 26.86 -8.06 -20.95
CA LEU A 204 28.14 -7.42 -20.67
C LEU A 204 29.20 -7.97 -21.63
N GLU A 205 28.92 -9.16 -22.19
CA GLU A 205 29.83 -9.79 -23.13
C GLU A 205 29.85 -9.03 -24.44
N GLN A 206 28.68 -8.64 -24.94
CA GLN A 206 28.64 -7.87 -26.16
C GLN A 206 29.23 -6.51 -25.88
N LEU A 207 29.01 -5.99 -24.69
CA LEU A 207 29.53 -4.67 -24.33
C LEU A 207 31.02 -4.67 -24.49
N ASP A 208 31.71 -5.63 -23.86
CA ASP A 208 33.18 -5.72 -23.92
C ASP A 208 33.69 -5.82 -25.34
N ALA A 209 32.89 -6.49 -26.18
CA ALA A 209 33.24 -6.69 -27.57
C ALA A 209 33.19 -5.41 -28.37
N VAL A 210 32.14 -4.61 -28.18
CA VAL A 210 32.00 -3.36 -28.93
C VAL A 210 32.69 -2.10 -28.41
N LEU A 211 33.01 -2.06 -27.13
CA LEU A 211 33.66 -0.87 -26.57
C LEU A 211 34.89 -0.44 -27.34
N PRO A 212 35.82 -1.36 -27.63
CA PRO A 212 37.03 -0.97 -28.36
C PRO A 212 36.75 -0.35 -29.76
N GLU A 213 35.67 -0.80 -30.39
CA GLU A 213 35.25 -0.30 -31.70
C GLU A 213 34.82 1.16 -31.59
N LYS A 214 34.59 1.59 -30.36
CA LYS A 214 34.18 2.96 -30.07
C LYS A 214 33.00 3.52 -30.86
N PRO A 215 31.81 2.91 -30.75
CA PRO A 215 30.66 3.45 -31.46
C PRO A 215 30.24 4.75 -30.75
N GLU A 216 29.38 5.53 -31.38
CA GLU A 216 28.95 6.78 -30.78
C GLU A 216 28.12 6.57 -29.49
N LEU A 217 27.34 5.51 -29.47
CA LEU A 217 26.44 5.22 -28.37
C LEU A 217 26.13 3.74 -28.29
N ILE A 218 26.04 3.24 -27.07
CA ILE A 218 25.71 1.84 -26.85
C ILE A 218 24.44 1.87 -26.01
N LEU A 219 23.42 1.14 -26.44
CA LEU A 219 22.17 1.06 -25.72
C LEU A 219 22.22 -0.18 -24.88
N LEU A 220 22.14 -0.03 -23.57
CA LEU A 220 22.14 -1.18 -22.66
C LEU A 220 20.72 -1.74 -22.64
N ASP A 221 20.50 -2.84 -23.33
CA ASP A 221 19.18 -3.41 -23.41
C ASP A 221 18.83 -4.34 -22.26
N ASN A 222 17.94 -3.86 -21.39
CA ASN A 222 17.45 -4.58 -20.23
C ASN A 222 18.51 -5.01 -19.27
N PHE A 223 19.35 -4.10 -18.81
CA PHE A 223 20.40 -4.41 -17.84
C PHE A 223 19.89 -4.12 -16.42
N ALA A 224 20.33 -4.91 -15.46
CA ALA A 224 19.98 -4.72 -14.05
C ALA A 224 20.82 -3.53 -13.66
N VAL A 225 20.51 -2.90 -12.52
CA VAL A 225 21.31 -1.76 -12.10
C VAL A 225 22.77 -2.15 -11.91
N TRP A 226 23.03 -3.32 -11.34
CA TRP A 226 24.40 -3.70 -11.11
C TRP A 226 25.18 -3.89 -12.39
N GLN A 227 24.55 -4.43 -13.44
CA GLN A 227 25.22 -4.57 -14.73
C GLN A 227 25.43 -3.21 -15.37
N THR A 228 24.49 -2.28 -15.14
CA THR A 228 24.63 -0.92 -15.70
C THR A 228 25.83 -0.23 -15.02
N GLN A 229 26.00 -0.45 -13.72
CA GLN A 229 27.12 0.13 -12.99
C GLN A 229 28.41 -0.39 -13.57
N THR A 230 28.45 -1.70 -13.77
CA THR A 230 29.63 -2.36 -14.35
C THR A 230 29.94 -1.78 -15.74
N ALA A 231 28.91 -1.70 -16.60
CA ALA A 231 29.07 -1.15 -17.93
C ALA A 231 29.63 0.27 -17.90
N VAL A 232 29.20 1.09 -16.96
CA VAL A 232 29.73 2.44 -16.82
C VAL A 232 31.21 2.36 -16.41
N GLN A 233 31.53 1.52 -15.45
CA GLN A 233 32.92 1.34 -15.01
C GLN A 233 33.83 0.90 -16.17
N ARG A 234 33.42 -0.11 -16.93
CA ARG A 234 34.22 -0.55 -18.07
C ARG A 234 34.33 0.53 -19.17
N ARG A 235 33.25 1.27 -19.43
CA ARG A 235 33.26 2.33 -20.43
C ARG A 235 34.24 3.43 -19.99
N ASP A 236 34.13 3.86 -18.74
CA ASP A 236 34.99 4.90 -18.21
C ASP A 236 36.46 4.57 -18.30
N SER A 237 36.78 3.29 -18.21
CA SER A 237 38.19 2.87 -18.26
C SER A 237 38.66 2.51 -19.65
N ARG A 238 37.76 2.05 -20.50
CA ARG A 238 38.18 1.63 -21.82
C ARG A 238 37.85 2.49 -23.00
N ALA A 239 36.73 3.19 -22.97
CA ALA A 239 36.32 4.04 -24.08
C ALA A 239 35.50 5.20 -23.53
N PRO A 240 36.16 6.12 -22.86
CA PRO A 240 35.53 7.28 -22.25
C PRO A 240 34.61 8.12 -23.16
N THR A 241 34.78 7.98 -24.46
CA THR A 241 34.00 8.77 -25.40
C THR A 241 32.66 8.18 -25.74
N VAL A 242 32.49 6.88 -25.47
CA VAL A 242 31.26 6.16 -25.77
C VAL A 242 30.15 6.52 -24.77
N MET A 243 29.02 6.98 -25.31
CA MET A 243 27.87 7.36 -24.50
C MET A 243 27.14 6.10 -24.17
N LEU A 244 26.47 6.09 -23.03
CA LEU A 244 25.74 4.90 -22.62
C LEU A 244 24.31 5.32 -22.36
N GLU A 245 23.35 4.49 -22.78
CA GLU A 245 21.93 4.78 -22.60
C GLU A 245 21.20 3.54 -22.11
N SER A 246 20.46 3.66 -21.00
CA SER A 246 19.71 2.52 -20.48
C SER A 246 18.38 2.40 -21.21
N SER A 247 18.04 1.21 -21.66
CA SER A 247 16.80 1.01 -22.36
C SER A 247 16.19 -0.34 -21.92
N GLY A 248 14.94 -0.34 -21.52
CA GLY A 248 14.36 -1.60 -21.12
C GLY A 248 13.56 -1.70 -19.84
N GLY A 249 14.20 -2.15 -18.76
CA GLY A 249 13.48 -2.34 -17.51
C GLY A 249 13.38 -1.13 -16.62
N LEU A 250 13.03 0.01 -17.21
CA LEU A 250 12.96 1.25 -16.48
C LEU A 250 11.56 1.59 -16.04
N SER A 251 11.46 2.04 -14.80
CA SER A 251 10.19 2.48 -14.27
C SER A 251 10.56 3.74 -13.55
N LEU A 252 9.58 4.60 -13.33
CA LEU A 252 9.83 5.86 -12.64
C LEU A 252 10.32 5.58 -11.21
N GLN A 253 9.98 4.42 -10.65
CA GLN A 253 10.47 4.09 -9.29
C GLN A 253 11.97 3.74 -9.28
N THR A 254 12.44 3.10 -10.36
CA THR A 254 13.84 2.73 -10.50
C THR A 254 14.72 3.77 -11.23
N ALA A 255 14.09 4.83 -11.77
CA ALA A 255 14.84 5.83 -12.53
C ALA A 255 16.12 6.38 -11.90
N ALA A 256 16.02 6.89 -10.68
CA ALA A 256 17.17 7.47 -9.99
C ALA A 256 18.28 6.47 -9.73
N THR A 257 17.92 5.24 -9.47
CA THR A 257 18.88 4.20 -9.23
C THR A 257 19.71 3.97 -10.46
N TYR A 258 19.05 3.82 -11.59
CA TYR A 258 19.80 3.63 -12.83
C TYR A 258 20.64 4.86 -13.10
N ALA A 259 20.04 6.03 -12.95
CA ALA A 259 20.73 7.28 -13.19
C ALA A 259 21.97 7.41 -12.34
N GLU A 260 21.89 6.96 -11.11
CA GLU A 260 23.00 7.07 -10.21
C GLU A 260 24.22 6.26 -10.64
N THR A 261 24.03 5.29 -11.53
CA THR A 261 25.15 4.49 -12.01
C THR A 261 26.06 5.32 -12.88
N GLY A 262 25.56 6.48 -13.32
CA GLY A 262 26.35 7.32 -14.20
C GLY A 262 26.01 7.24 -15.69
N VAL A 263 25.06 6.39 -16.14
CA VAL A 263 24.72 6.38 -17.56
C VAL A 263 24.39 7.80 -18.00
N ASP A 264 24.55 8.06 -19.28
CA ASP A 264 24.30 9.37 -19.83
C ASP A 264 22.85 9.66 -20.15
N TYR A 265 22.09 8.64 -20.55
CA TYR A 265 20.70 8.81 -20.92
C TYR A 265 19.80 7.69 -20.49
N LEU A 266 18.51 7.97 -20.39
CA LEU A 266 17.52 6.96 -20.09
C LEU A 266 16.57 7.07 -21.24
N ALA A 267 16.47 6.01 -22.02
CA ALA A 267 15.55 5.95 -23.14
C ALA A 267 14.19 5.52 -22.57
N VAL A 268 13.18 6.38 -22.64
CA VAL A 268 11.86 6.05 -22.09
C VAL A 268 10.82 6.00 -23.18
N GLY A 269 10.40 4.81 -23.56
CA GLY A 269 9.40 4.73 -24.61
C GLY A 269 8.03 5.13 -24.13
N ALA A 270 7.80 4.92 -22.84
CA ALA A 270 6.51 5.21 -22.22
C ALA A 270 6.08 6.66 -22.32
N LEU A 271 7.03 7.54 -22.49
CA LEU A 271 6.74 8.92 -22.64
C LEU A 271 5.79 9.14 -23.84
N THR A 272 5.99 8.36 -24.90
CA THR A 272 5.19 8.49 -26.14
C THR A 272 4.18 7.38 -26.42
N HIS A 273 4.47 6.15 -26.01
CA HIS A 273 3.48 5.06 -26.15
C HIS A 273 2.89 5.11 -24.73
N SER A 274 1.76 4.55 -24.43
CA SER A 274 1.35 4.72 -23.01
C SER A 274 1.25 6.14 -22.42
N VAL A 275 0.57 7.09 -23.06
CA VAL A 275 0.45 8.42 -22.44
C VAL A 275 -0.93 8.66 -21.79
N ARG A 276 -0.94 9.34 -20.64
CA ARG A 276 -2.17 9.64 -19.91
C ARG A 276 -2.52 11.10 -20.15
N VAL A 277 -3.72 11.36 -20.63
CA VAL A 277 -4.08 12.72 -20.95
C VAL A 277 -4.06 13.72 -19.76
N LEU A 278 -3.73 14.99 -20.01
CA LEU A 278 -3.82 15.98 -18.95
C LEU A 278 -5.23 16.52 -19.16
N ASP A 279 -6.09 16.31 -18.20
CA ASP A 279 -7.48 16.73 -18.29
C ASP A 279 -7.59 18.24 -18.26
N ILE A 280 -8.07 18.80 -19.37
CA ILE A 280 -8.23 20.22 -19.58
C ILE A 280 -9.60 20.46 -20.19
N GLY A 281 -10.29 21.50 -19.76
CA GLY A 281 -11.60 21.77 -20.34
C GLY A 281 -11.68 23.20 -20.87
N LEU A 282 -12.68 23.47 -21.71
CA LEU A 282 -12.93 24.81 -22.27
C LEU A 282 -14.11 25.33 -21.47
N ASP A 283 -13.87 26.30 -20.59
CA ASP A 283 -14.92 26.86 -19.78
C ASP A 283 -15.41 28.18 -20.34
N MET A 284 -16.69 28.25 -20.60
CA MET A 284 -17.33 29.44 -21.16
C MET A 284 -18.33 29.99 -20.18
N GLY B 1 -12.83 -7.61 -40.39
CA GLY B 1 -13.10 -6.84 -39.14
C GLY B 1 -13.14 -5.35 -39.44
N LEU B 2 -12.13 -4.90 -40.20
CA LEU B 2 -12.04 -3.50 -40.57
C LEU B 2 -13.13 -3.20 -41.59
N SER B 3 -13.81 -2.09 -41.45
CA SER B 3 -14.83 -1.71 -42.39
C SER B 3 -14.13 -0.99 -43.53
N ASP B 4 -14.90 -0.40 -44.44
CA ASP B 4 -14.37 0.32 -45.58
C ASP B 4 -13.60 1.53 -45.06
N TRP B 5 -14.31 2.31 -44.25
CA TRP B 5 -13.85 3.52 -43.63
C TRP B 5 -12.62 3.28 -42.76
N GLU B 6 -12.62 2.18 -42.03
CA GLU B 6 -11.53 1.81 -41.14
C GLU B 6 -10.28 1.38 -41.89
N LEU B 7 -10.48 0.62 -42.97
CA LEU B 7 -9.40 0.12 -43.80
C LEU B 7 -8.72 1.34 -44.44
N ALA B 8 -9.50 2.35 -44.79
CA ALA B 8 -8.93 3.56 -45.40
C ALA B 8 -8.12 4.31 -44.36
N ALA B 9 -8.72 4.48 -43.19
CA ALA B 9 -8.09 5.14 -42.07
C ALA B 9 -6.78 4.42 -41.76
N ALA B 10 -6.84 3.10 -41.69
CA ALA B 10 -5.65 2.28 -41.43
C ALA B 10 -4.56 2.53 -42.47
N ARG B 11 -4.89 2.45 -43.74
CA ARG B 11 -3.87 2.68 -44.76
C ARG B 11 -3.24 4.06 -44.66
N ALA B 12 -4.05 5.05 -44.32
CA ALA B 12 -3.57 6.42 -44.18
C ALA B 12 -2.63 6.53 -42.99
N ALA B 13 -2.99 5.87 -41.88
CA ALA B 13 -2.15 5.90 -40.68
C ALA B 13 -0.82 5.20 -40.94
N ILE B 14 -0.84 3.98 -41.50
CA ILE B 14 0.41 3.28 -41.77
C ILE B 14 1.25 4.12 -42.76
N ALA B 15 0.61 4.67 -43.77
CA ALA B 15 1.31 5.50 -44.72
C ALA B 15 2.02 6.62 -43.97
N ARG B 16 1.33 7.30 -43.06
CA ARG B 16 1.93 8.39 -42.27
C ARG B 16 3.08 7.89 -41.39
N GLY B 17 2.91 6.73 -40.77
CA GLY B 17 3.98 6.21 -39.94
C GLY B 17 5.26 5.94 -40.72
N LEU B 18 5.11 5.30 -41.89
CA LEU B 18 6.25 4.99 -42.77
C LEU B 18 6.92 6.24 -43.28
N ASP B 19 6.13 7.27 -43.61
CA ASP B 19 6.74 8.50 -44.09
C ASP B 19 7.54 9.15 -42.99
N GLU B 20 7.08 9.07 -41.75
CA GLU B 20 7.84 9.67 -40.67
C GLU B 20 9.14 8.95 -40.51
N ASP B 21 9.10 7.65 -40.74
CA ASP B 21 10.29 6.81 -40.56
C ASP B 21 11.28 6.82 -41.70
N LEU B 22 10.80 7.08 -42.91
CA LEU B 22 11.63 7.07 -44.09
C LEU B 22 11.96 8.42 -44.64
N ARG B 23 11.49 9.46 -43.98
CA ARG B 23 11.73 10.83 -44.39
C ARG B 23 13.23 11.22 -44.39
N TYR B 24 14.04 10.58 -43.55
CA TYR B 24 15.46 10.95 -43.44
C TYR B 24 16.39 10.00 -44.14
N GLY B 25 15.83 9.10 -44.91
CA GLY B 25 16.66 8.15 -45.62
C GLY B 25 16.33 6.74 -45.22
N PRO B 26 16.81 5.78 -46.01
CA PRO B 26 16.55 4.36 -45.73
C PRO B 26 17.33 3.85 -44.54
N ASP B 27 17.03 2.63 -44.16
CA ASP B 27 17.69 2.04 -43.03
C ASP B 27 19.08 1.59 -43.48
N VAL B 28 19.99 2.54 -43.47
CA VAL B 28 21.35 2.29 -43.89
C VAL B 28 21.99 1.05 -43.28
N THR B 29 21.66 0.75 -42.03
CA THR B 29 22.28 -0.40 -41.39
C THR B 29 21.79 -1.77 -41.88
N THR B 30 20.52 -1.89 -42.25
CA THR B 30 20.07 -3.19 -42.77
C THR B 30 20.54 -3.31 -44.21
N LEU B 31 20.67 -2.17 -44.89
CA LEU B 31 21.16 -2.17 -46.27
C LEU B 31 22.60 -2.69 -46.26
N ALA B 32 23.38 -2.22 -45.30
CA ALA B 32 24.78 -2.62 -45.15
C ALA B 32 24.98 -4.02 -44.60
N THR B 33 24.09 -4.51 -43.74
CA THR B 33 24.27 -5.84 -43.15
C THR B 33 23.49 -7.02 -43.75
N VAL B 34 22.30 -6.75 -44.29
CA VAL B 34 21.45 -7.79 -44.86
C VAL B 34 21.15 -7.66 -46.36
N PRO B 35 21.46 -8.71 -47.10
CA PRO B 35 21.24 -8.75 -48.54
C PRO B 35 19.75 -8.71 -48.92
N ALA B 36 19.48 -8.11 -50.06
CA ALA B 36 18.12 -8.00 -50.58
C ALA B 36 17.43 -9.38 -50.76
N SER B 37 18.21 -10.40 -51.08
CA SER B 37 17.66 -11.73 -51.24
C SER B 37 17.31 -12.44 -49.94
N ALA B 38 17.70 -11.87 -48.80
CA ALA B 38 17.43 -12.49 -47.50
C ALA B 38 15.96 -12.64 -47.19
N THR B 39 15.63 -13.73 -46.53
CA THR B 39 14.27 -14.01 -46.15
C THR B 39 14.25 -14.65 -44.78
N THR B 40 13.25 -14.38 -43.95
CA THR B 40 13.15 -15.02 -42.64
C THR B 40 11.72 -15.29 -42.26
N THR B 41 11.62 -15.97 -41.14
CA THR B 41 10.38 -16.30 -40.50
C THR B 41 10.53 -15.44 -39.26
N ALA B 42 9.54 -14.62 -38.96
CA ALA B 42 9.60 -13.75 -37.79
C ALA B 42 8.25 -13.91 -37.13
N SER B 43 8.20 -13.63 -35.84
CA SER B 43 6.95 -13.73 -35.10
C SER B 43 6.64 -12.49 -34.28
N LEU B 44 5.39 -12.10 -34.26
CA LEU B 44 4.96 -10.98 -33.43
C LEU B 44 4.67 -11.71 -32.13
N VAL B 45 5.37 -11.40 -31.05
CA VAL B 45 5.05 -12.12 -29.83
C VAL B 45 4.82 -11.11 -28.72
N THR B 46 3.75 -11.32 -27.94
CA THR B 46 3.47 -10.41 -26.85
C THR B 46 4.44 -10.64 -25.74
N ARG B 47 4.75 -9.59 -25.02
CA ARG B 47 5.62 -9.69 -23.88
C ARG B 47 4.73 -9.67 -22.63
N GLU B 48 3.43 -9.49 -22.81
CA GLU B 48 2.48 -9.46 -21.72
C GLU B 48 1.14 -9.95 -22.17
N ALA B 49 0.28 -10.27 -21.21
CA ALA B 49 -1.05 -10.79 -21.48
C ALA B 49 -1.97 -9.65 -21.82
N GLY B 50 -2.96 -9.92 -22.66
CA GLY B 50 -3.92 -8.89 -23.02
C GLY B 50 -4.85 -9.39 -24.08
N VAL B 51 -5.53 -8.48 -24.75
CA VAL B 51 -6.43 -8.79 -25.86
C VAL B 51 -5.79 -8.20 -27.12
N VAL B 52 -5.68 -9.01 -28.16
CA VAL B 52 -5.04 -8.55 -29.37
C VAL B 52 -5.99 -7.84 -30.32
N ALA B 53 -5.49 -6.78 -30.96
CA ALA B 53 -6.30 -6.07 -31.94
C ALA B 53 -5.40 -5.35 -32.89
N GLY B 54 -5.82 -5.29 -34.15
CA GLY B 54 -5.03 -4.60 -35.15
C GLY B 54 -4.08 -5.47 -35.95
N LEU B 55 -4.28 -6.78 -35.91
CA LEU B 55 -3.42 -7.71 -36.67
C LEU B 55 -3.55 -7.50 -38.18
N ASP B 56 -4.73 -7.13 -38.65
CA ASP B 56 -4.90 -6.87 -40.07
C ASP B 56 -4.04 -5.66 -40.39
N VAL B 57 -4.02 -4.69 -39.48
CA VAL B 57 -3.21 -3.49 -39.69
C VAL B 57 -1.71 -3.89 -39.85
N ALA B 58 -1.30 -5.00 -39.25
CA ALA B 58 0.07 -5.45 -39.39
C ALA B 58 0.24 -5.84 -40.85
N LEU B 59 -0.68 -6.66 -41.35
CA LEU B 59 -0.65 -7.12 -42.73
C LEU B 59 -0.67 -5.95 -43.70
N LEU B 60 -1.41 -4.89 -43.36
CA LEU B 60 -1.48 -3.74 -44.24
C LEU B 60 -0.17 -3.03 -44.36
N THR B 61 0.60 -3.04 -43.28
CA THR B 61 1.91 -2.38 -43.29
C THR B 61 2.89 -3.13 -44.22
N LEU B 62 2.82 -4.46 -44.18
CA LEU B 62 3.68 -5.31 -45.02
C LEU B 62 3.26 -5.11 -46.48
N ASN B 63 1.97 -5.06 -46.77
CA ASN B 63 1.54 -4.84 -48.15
C ASN B 63 2.17 -3.57 -48.66
N GLU B 64 2.27 -2.58 -47.80
CA GLU B 64 2.82 -1.31 -48.23
C GLU B 64 4.31 -1.36 -48.47
N VAL B 65 5.05 -1.96 -47.55
CA VAL B 65 6.48 -2.03 -47.69
C VAL B 65 6.90 -3.14 -48.63
N LEU B 66 6.29 -4.32 -48.52
CA LEU B 66 6.64 -5.48 -49.35
C LEU B 66 5.84 -5.81 -50.60
N GLY B 67 4.61 -5.30 -50.69
CA GLY B 67 3.78 -5.60 -51.82
C GLY B 67 2.94 -6.76 -51.32
N THR B 68 1.68 -6.81 -51.72
CA THR B 68 0.75 -7.84 -51.29
C THR B 68 1.26 -9.28 -51.25
N ASN B 69 2.14 -9.63 -52.17
CA ASN B 69 2.67 -10.99 -52.21
C ASN B 69 4.12 -10.99 -51.78
N GLY B 70 4.51 -10.02 -50.96
CA GLY B 70 5.90 -9.93 -50.56
C GLY B 70 6.22 -10.75 -49.35
N TYR B 71 5.19 -11.41 -48.81
CA TYR B 71 5.34 -12.20 -47.61
C TYR B 71 4.27 -13.25 -47.56
N ARG B 72 4.46 -14.18 -46.64
CA ARG B 72 3.54 -15.29 -46.43
C ARG B 72 3.23 -15.40 -44.93
N VAL B 73 1.95 -15.48 -44.60
CA VAL B 73 1.54 -15.62 -43.21
C VAL B 73 1.44 -17.12 -42.92
N LEU B 74 2.34 -17.63 -42.12
CA LEU B 74 2.33 -19.05 -41.80
C LEU B 74 1.30 -19.32 -40.73
N ASP B 75 1.03 -18.33 -39.90
CA ASP B 75 0.04 -18.51 -38.83
C ASP B 75 -0.32 -17.21 -38.17
N ARG B 76 -1.53 -17.19 -37.62
CA ARG B 76 -2.00 -16.01 -36.93
C ARG B 76 -3.20 -16.29 -36.04
N VAL B 77 -3.35 -15.40 -35.06
CA VAL B 77 -4.41 -15.42 -34.08
C VAL B 77 -5.48 -14.47 -34.61
N GLU B 78 -6.68 -14.51 -34.07
CA GLU B 78 -7.68 -13.59 -34.51
C GLU B 78 -7.75 -12.42 -33.59
N ASP B 79 -8.08 -11.26 -34.12
CA ASP B 79 -8.23 -10.06 -33.29
C ASP B 79 -9.34 -10.33 -32.24
N GLY B 80 -9.09 -9.96 -31.00
CA GLY B 80 -10.08 -10.16 -29.96
C GLY B 80 -9.66 -11.27 -29.04
N ALA B 81 -8.63 -12.01 -29.47
CA ALA B 81 -8.09 -13.12 -28.68
C ALA B 81 -7.42 -12.66 -27.37
N ARG B 82 -7.79 -13.30 -26.27
CA ARG B 82 -7.19 -13.00 -24.99
C ARG B 82 -5.88 -13.82 -25.12
N VAL B 83 -4.75 -13.19 -24.80
CA VAL B 83 -3.47 -13.81 -24.99
C VAL B 83 -2.54 -13.77 -23.79
N PRO B 84 -1.79 -14.85 -23.54
CA PRO B 84 -0.85 -14.93 -22.44
C PRO B 84 0.49 -14.37 -22.88
N PRO B 85 1.38 -14.04 -21.92
CA PRO B 85 2.69 -13.49 -22.22
C PRO B 85 3.53 -13.95 -23.42
N GLY B 86 4.01 -15.17 -23.51
CA GLY B 86 4.85 -15.43 -24.69
C GLY B 86 4.15 -15.92 -25.94
N GLU B 87 2.94 -15.43 -26.18
CA GLU B 87 2.15 -15.86 -27.32
C GLU B 87 2.54 -15.32 -28.68
N ALA B 88 2.70 -16.20 -29.67
CA ALA B 88 3.02 -15.78 -31.05
C ALA B 88 1.69 -15.41 -31.69
N LEU B 89 1.49 -14.13 -31.93
CA LEU B 89 0.25 -13.65 -32.49
C LEU B 89 0.20 -13.92 -33.97
N MET B 90 1.34 -13.87 -34.61
CA MET B 90 1.41 -14.05 -36.06
C MET B 90 2.79 -14.49 -36.49
N THR B 91 2.86 -15.47 -37.38
CA THR B 91 4.15 -15.92 -37.85
C THR B 91 4.11 -15.77 -39.36
N LEU B 92 5.17 -15.20 -39.89
CA LEU B 92 5.26 -15.00 -41.31
C LEU B 92 6.66 -15.17 -41.83
N GLU B 93 6.77 -15.30 -43.14
CA GLU B 93 8.05 -15.45 -43.80
C GLU B 93 8.05 -14.28 -44.78
N ALA B 94 9.14 -13.53 -44.81
CA ALA B 94 9.17 -12.38 -45.68
C ALA B 94 10.59 -11.94 -45.94
N GLN B 95 10.73 -11.03 -46.90
CA GLN B 95 12.02 -10.47 -47.21
C GLN B 95 12.47 -9.75 -45.95
N THR B 96 13.66 -10.08 -45.50
CA THR B 96 14.20 -9.50 -44.29
C THR B 96 14.30 -8.00 -44.22
N ARG B 97 14.77 -7.36 -45.28
CA ARG B 97 14.86 -5.91 -45.28
C ARG B 97 13.49 -5.29 -45.09
N GLY B 98 12.49 -5.86 -45.76
CA GLY B 98 11.14 -5.36 -45.67
C GLY B 98 10.61 -5.42 -44.28
N LEU B 99 10.83 -6.53 -43.59
CA LEU B 99 10.36 -6.65 -42.23
C LEU B 99 11.03 -5.62 -41.37
N LEU B 100 12.35 -5.54 -41.41
CA LEU B 100 13.04 -4.54 -40.56
C LEU B 100 12.57 -3.10 -40.80
N THR B 101 12.12 -2.79 -42.00
CA THR B 101 11.69 -1.44 -42.29
C THR B 101 10.31 -1.20 -41.75
N ALA B 102 9.44 -2.19 -41.89
CA ALA B 102 8.05 -2.12 -41.44
C ALA B 102 7.86 -2.25 -39.90
N GLU B 103 8.77 -2.99 -39.27
CA GLU B 103 8.77 -3.29 -37.85
C GLU B 103 8.23 -2.25 -36.87
N ARG B 104 8.90 -1.12 -36.76
CA ARG B 104 8.51 -0.11 -35.81
C ARG B 104 7.10 0.45 -36.02
N THR B 105 6.70 0.72 -37.27
CA THR B 105 5.36 1.23 -37.59
C THR B 105 4.30 0.20 -37.24
N MET B 106 4.53 -1.02 -37.68
CA MET B 106 3.64 -2.15 -37.44
C MET B 106 3.48 -2.40 -35.94
N LEU B 107 4.59 -2.47 -35.19
CA LEU B 107 4.53 -2.68 -33.73
C LEU B 107 3.89 -1.49 -33.00
N ASN B 108 4.18 -0.27 -33.42
CA ASN B 108 3.54 0.89 -32.82
C ASN B 108 2.01 0.87 -32.95
N LEU B 109 1.53 0.42 -34.10
CA LEU B 109 0.11 0.40 -34.35
C LEU B 109 -0.67 -0.74 -33.65
N VAL B 110 -0.17 -1.97 -33.70
CA VAL B 110 -0.88 -3.05 -33.02
C VAL B 110 -0.68 -2.97 -31.51
N GLY B 111 0.43 -2.40 -31.08
CA GLY B 111 0.65 -2.24 -29.65
C GLY B 111 -0.37 -1.27 -29.05
N HIS B 112 -0.67 -0.21 -29.80
CA HIS B 112 -1.61 0.80 -29.36
C HIS B 112 -3.01 0.20 -29.38
N LEU B 113 -3.40 -0.38 -30.50
CA LEU B 113 -4.73 -0.93 -30.62
C LEU B 113 -4.98 -2.03 -29.62
N SER B 114 -3.99 -2.86 -29.36
CA SER B 114 -4.10 -3.95 -28.41
C SER B 114 -4.25 -3.34 -27.03
N GLY B 115 -3.55 -2.24 -26.84
CA GLY B 115 -3.60 -1.54 -25.58
C GLY B 115 -5.03 -1.13 -25.29
N ILE B 116 -5.72 -0.60 -26.30
CA ILE B 116 -7.09 -0.17 -26.15
C ILE B 116 -8.07 -1.32 -25.92
N ALA B 117 -7.93 -2.38 -26.70
CA ALA B 117 -8.82 -3.51 -26.60
C ALA B 117 -8.68 -4.17 -25.26
N THR B 118 -7.45 -4.29 -24.83
CA THR B 118 -7.13 -4.90 -23.54
C THR B 118 -7.78 -4.14 -22.39
N ALA B 119 -7.65 -2.80 -22.42
CA ALA B 119 -8.24 -1.95 -21.40
C ALA B 119 -9.76 -2.05 -21.41
N THR B 120 -10.38 -1.98 -22.60
CA THR B 120 -11.83 -2.04 -22.65
C THR B 120 -12.36 -3.38 -22.19
N ALA B 121 -11.62 -4.44 -22.46
CA ALA B 121 -11.99 -5.76 -22.01
C ALA B 121 -12.02 -5.77 -20.47
N ALA B 122 -11.11 -5.03 -19.85
CA ALA B 122 -11.07 -5.00 -18.40
C ALA B 122 -12.34 -4.31 -17.89
N TRP B 123 -12.74 -3.21 -18.53
CA TRP B 123 -13.93 -2.48 -18.11
C TRP B 123 -15.17 -3.32 -18.27
N VAL B 124 -15.20 -4.06 -19.36
CA VAL B 124 -16.31 -4.95 -19.67
C VAL B 124 -16.39 -6.06 -18.59
N ASP B 125 -15.26 -6.59 -18.14
CA ASP B 125 -15.29 -7.60 -17.09
C ASP B 125 -15.77 -7.01 -15.80
N ALA B 126 -15.31 -5.80 -15.52
CA ALA B 126 -15.66 -5.10 -14.28
C ALA B 126 -17.15 -4.98 -14.07
N VAL B 127 -17.88 -4.68 -15.13
CA VAL B 127 -19.30 -4.51 -15.00
C VAL B 127 -20.11 -5.74 -15.40
N ARG B 128 -19.49 -6.92 -15.47
CA ARG B 128 -20.31 -8.05 -15.87
C ARG B 128 -21.30 -8.45 -14.80
N GLY B 129 -22.46 -8.97 -15.23
CA GLY B 129 -23.53 -9.34 -14.31
C GLY B 129 -24.40 -8.12 -13.99
N THR B 130 -24.24 -7.08 -14.82
CA THR B 130 -24.91 -5.78 -14.78
C THR B 130 -25.38 -5.59 -16.23
N LYS B 131 -26.31 -4.68 -16.48
CA LYS B 131 -26.77 -4.50 -17.85
C LYS B 131 -25.97 -3.44 -18.60
N ALA B 132 -25.06 -2.79 -17.88
CA ALA B 132 -24.24 -1.73 -18.43
C ALA B 132 -23.29 -2.18 -19.52
N LYS B 133 -23.22 -1.41 -20.59
CA LYS B 133 -22.33 -1.65 -21.70
C LYS B 133 -21.29 -0.55 -21.56
N ILE B 134 -20.06 -0.82 -22.03
CA ILE B 134 -18.94 0.15 -21.94
C ILE B 134 -18.92 0.90 -23.25
N ARG B 135 -18.92 2.23 -23.19
CA ARG B 135 -18.94 3.00 -24.43
C ARG B 135 -17.80 3.92 -24.49
N ASP B 136 -17.37 4.23 -25.72
CA ASP B 136 -16.26 5.12 -25.95
C ASP B 136 -16.76 6.53 -26.18
N THR B 137 -15.84 7.44 -26.48
CA THR B 137 -16.14 8.83 -26.66
C THR B 137 -15.47 9.45 -27.92
N ARG B 138 -15.57 10.77 -28.06
CA ARG B 138 -14.91 11.53 -29.13
C ARG B 138 -13.54 12.02 -28.63
N LYS B 139 -13.14 11.59 -27.42
CA LYS B 139 -11.81 11.94 -26.89
C LYS B 139 -10.80 10.96 -27.51
N THR B 140 -10.59 11.06 -28.83
CA THR B 140 -9.70 10.21 -29.60
C THR B 140 -8.49 11.00 -30.08
N LEU B 141 -7.46 10.33 -30.58
CA LEU B 141 -6.27 11.03 -31.08
C LEU B 141 -6.54 11.39 -32.54
N PRO B 142 -6.29 12.65 -32.93
CA PRO B 142 -6.50 13.12 -34.31
C PRO B 142 -5.89 12.27 -35.37
N GLY B 143 -6.74 11.71 -36.22
CA GLY B 143 -6.26 10.88 -37.30
C GLY B 143 -6.35 9.42 -36.98
N LEU B 144 -6.65 9.09 -35.72
CA LEU B 144 -6.71 7.69 -35.31
C LEU B 144 -8.09 7.28 -34.81
N ARG B 145 -9.08 8.14 -34.97
CA ARG B 145 -10.42 7.78 -34.51
C ARG B 145 -11.01 6.50 -35.00
N ALA B 146 -11.03 6.25 -36.30
CA ALA B 146 -11.62 5.01 -36.82
C ALA B 146 -10.94 3.77 -36.23
N LEU B 147 -9.63 3.84 -36.08
CA LEU B 147 -8.85 2.73 -35.53
C LEU B 147 -9.09 2.55 -34.03
N GLN B 148 -9.11 3.64 -33.29
CA GLN B 148 -9.34 3.55 -31.88
C GLN B 148 -10.73 3.00 -31.60
N LYS B 149 -11.69 3.43 -32.38
CA LYS B 149 -13.07 3.01 -32.26
C LYS B 149 -13.12 1.51 -32.56
N TYR B 150 -12.45 1.10 -33.61
CA TYR B 150 -12.44 -0.29 -33.97
C TYR B 150 -11.89 -1.14 -32.80
N ALA B 151 -10.81 -0.69 -32.19
CA ALA B 151 -10.20 -1.41 -31.10
C ALA B 151 -11.11 -1.51 -29.88
N VAL B 152 -11.97 -0.52 -29.58
CA VAL B 152 -12.83 -0.68 -28.40
C VAL B 152 -13.92 -1.69 -28.69
N ARG B 153 -14.32 -1.78 -29.94
CA ARG B 153 -15.33 -2.76 -30.33
C ARG B 153 -14.75 -4.18 -30.18
N THR B 154 -13.49 -4.34 -30.56
CA THR B 154 -12.76 -5.59 -30.48
C THR B 154 -12.62 -6.06 -29.03
N GLY B 155 -12.56 -5.11 -28.10
CA GLY B 155 -12.43 -5.46 -26.70
C GLY B 155 -13.79 -5.63 -26.06
N GLY B 156 -14.86 -5.45 -26.83
CA GLY B 156 -16.20 -5.64 -26.30
C GLY B 156 -16.98 -4.39 -25.95
N GLY B 157 -16.41 -3.23 -26.26
CA GLY B 157 -17.09 -1.99 -25.95
C GLY B 157 -18.02 -1.63 -27.09
N VAL B 158 -18.79 -0.56 -26.92
CA VAL B 158 -19.68 -0.15 -27.98
C VAL B 158 -19.34 1.30 -28.31
N ASN B 159 -19.23 1.59 -29.61
CA ASN B 159 -18.91 2.92 -30.09
C ASN B 159 -20.11 3.83 -29.90
N HIS B 160 -19.82 5.09 -29.60
CA HIS B 160 -20.85 6.07 -29.38
C HIS B 160 -20.84 7.06 -30.53
N ARG B 161 -20.41 8.30 -30.28
CA ARG B 161 -20.48 9.26 -31.36
C ARG B 161 -19.24 9.24 -32.27
N LEU B 162 -19.45 9.25 -33.57
CA LEU B 162 -18.32 9.22 -34.50
C LEU B 162 -17.87 10.62 -34.86
N GLY B 163 -18.76 11.58 -34.65
CA GLY B 163 -18.45 12.96 -34.95
C GLY B 163 -19.47 13.95 -34.43
N LEU B 164 -19.32 15.20 -34.80
CA LEU B 164 -20.21 16.25 -34.35
C LEU B 164 -21.63 16.17 -34.86
N GLY B 165 -21.79 15.74 -36.10
CA GLY B 165 -23.11 15.70 -36.69
C GLY B 165 -23.82 14.40 -36.48
N ASP B 166 -23.08 13.48 -35.88
CA ASP B 166 -23.50 12.12 -35.56
C ASP B 166 -24.85 12.01 -34.80
N ALA B 167 -25.06 12.90 -33.82
CA ALA B 167 -26.24 12.91 -32.98
C ALA B 167 -26.27 14.30 -32.36
N ALA B 168 -27.43 14.72 -31.83
CA ALA B 168 -27.54 16.03 -31.22
C ALA B 168 -27.24 15.89 -29.72
N LEU B 169 -26.26 16.63 -29.24
CA LEU B 169 -25.91 16.54 -27.85
C LEU B 169 -26.03 17.93 -27.27
N ILE B 170 -26.97 18.11 -26.35
CA ILE B 170 -27.21 19.38 -25.70
C ILE B 170 -26.44 19.48 -24.41
N LYS B 171 -25.53 20.44 -24.34
CA LYS B 171 -24.70 20.68 -23.17
C LYS B 171 -25.06 22.01 -22.62
N ASP B 172 -24.36 22.37 -21.56
CA ASP B 172 -24.48 23.63 -20.82
C ASP B 172 -24.56 24.89 -21.70
N ASN B 173 -23.62 25.00 -22.63
CA ASN B 173 -23.53 26.13 -23.56
C ASN B 173 -24.82 26.33 -24.36
N HIS B 174 -25.40 25.21 -24.82
CA HIS B 174 -26.63 25.21 -25.61
C HIS B 174 -27.83 25.61 -24.77
N VAL B 175 -27.86 25.06 -23.55
CA VAL B 175 -28.93 25.32 -22.58
C VAL B 175 -29.06 26.81 -22.32
N ALA B 176 -27.93 27.46 -22.07
CA ALA B 176 -27.85 28.90 -21.79
C ALA B 176 -28.41 29.72 -22.95
N ALA B 177 -27.85 29.51 -24.14
CA ALA B 177 -28.25 30.20 -25.35
C ALA B 177 -29.73 29.99 -25.62
N ALA B 178 -30.21 28.77 -25.34
CA ALA B 178 -31.63 28.43 -25.53
C ALA B 178 -32.48 29.08 -24.42
N GLY B 179 -31.87 29.22 -23.24
CA GLY B 179 -32.53 29.80 -22.09
C GLY B 179 -32.45 28.73 -21.03
N SER B 180 -32.95 27.56 -21.39
CA SER B 180 -32.95 26.43 -20.49
C SER B 180 -32.69 25.14 -21.27
N VAL B 181 -32.47 24.07 -20.51
CA VAL B 181 -32.21 22.76 -21.09
C VAL B 181 -33.39 22.34 -21.95
N VAL B 182 -34.61 22.47 -21.46
CA VAL B 182 -35.77 22.09 -22.26
C VAL B 182 -35.96 22.95 -23.50
N ASP B 183 -35.49 24.19 -23.41
CA ASP B 183 -35.60 25.13 -24.51
C ASP B 183 -34.70 24.64 -25.64
N ALA B 184 -33.45 24.37 -25.28
CA ALA B 184 -32.45 23.86 -26.22
C ALA B 184 -32.97 22.56 -26.85
N LEU B 185 -33.50 21.69 -26.00
CA LEU B 185 -34.01 20.40 -26.40
C LEU B 185 -35.10 20.51 -27.43
N ARG B 186 -36.01 21.43 -27.21
CA ARG B 186 -37.09 21.62 -28.16
C ARG B 186 -36.59 22.19 -29.50
N ALA B 187 -35.70 23.17 -29.40
CA ALA B 187 -35.14 23.81 -30.60
C ALA B 187 -34.50 22.81 -31.56
N VAL B 188 -33.63 21.95 -31.01
CA VAL B 188 -32.95 20.91 -31.78
C VAL B 188 -33.94 19.88 -32.32
N ARG B 189 -34.93 19.50 -31.51
CA ARG B 189 -35.94 18.53 -31.92
C ARG B 189 -36.65 19.08 -33.15
N ASN B 190 -36.97 20.36 -33.09
CA ASN B 190 -37.66 21.00 -34.17
C ASN B 190 -36.79 21.21 -35.41
N ALA B 191 -35.48 21.32 -35.21
CA ALA B 191 -34.53 21.54 -36.32
C ALA B 191 -34.00 20.26 -36.96
N ALA B 192 -33.83 19.20 -36.17
CA ALA B 192 -33.30 17.93 -36.66
C ALA B 192 -34.09 16.82 -36.00
N PRO B 193 -35.39 16.70 -36.33
CA PRO B 193 -36.31 15.69 -35.78
C PRO B 193 -35.95 14.22 -36.00
N ASP B 194 -35.07 13.96 -36.96
CA ASP B 194 -34.64 12.61 -37.28
C ASP B 194 -33.33 12.22 -36.57
N LEU B 195 -32.80 13.13 -35.76
CA LEU B 195 -31.55 12.89 -35.07
C LEU B 195 -31.68 12.50 -33.60
N PRO B 196 -30.88 11.50 -33.15
CA PRO B 196 -30.87 11.01 -31.77
C PRO B 196 -30.53 12.20 -30.88
N CYS B 197 -31.36 12.42 -29.87
CA CYS B 197 -31.20 13.54 -28.96
C CYS B 197 -30.63 13.10 -27.63
N GLU B 198 -29.46 13.61 -27.31
CA GLU B 198 -28.76 13.26 -26.10
C GLU B 198 -28.55 14.53 -25.36
N VAL B 199 -28.83 14.50 -24.07
CA VAL B 199 -28.65 15.69 -23.27
C VAL B 199 -27.80 15.37 -22.06
N GLU B 200 -26.88 16.28 -21.78
CA GLU B 200 -25.96 16.17 -20.70
C GLU B 200 -26.41 17.04 -19.53
N VAL B 201 -26.58 16.42 -18.38
CA VAL B 201 -26.95 17.14 -17.16
C VAL B 201 -25.86 16.99 -16.10
N ASP B 202 -25.77 17.97 -15.20
CA ASP B 202 -24.80 17.93 -14.12
C ASP B 202 -25.43 18.03 -12.73
N SER B 203 -26.76 17.94 -12.67
CA SER B 203 -27.46 17.98 -11.39
C SER B 203 -28.74 17.17 -11.46
N LEU B 204 -29.31 16.84 -10.31
CA LEU B 204 -30.56 16.10 -10.31
C LEU B 204 -31.71 17.01 -10.70
N GLU B 205 -31.52 18.32 -10.54
CA GLU B 205 -32.56 19.31 -10.87
C GLU B 205 -32.74 19.40 -12.36
N GLN B 206 -31.62 19.43 -13.10
CA GLN B 206 -31.65 19.48 -14.55
C GLN B 206 -32.23 18.17 -15.07
N LEU B 207 -31.88 17.08 -14.39
CA LEU B 207 -32.38 15.76 -14.75
C LEU B 207 -33.88 15.77 -14.67
N ASP B 208 -34.43 16.23 -13.54
CA ASP B 208 -35.89 16.28 -13.38
C ASP B 208 -36.54 17.09 -14.48
N ALA B 209 -35.89 18.17 -14.90
CA ALA B 209 -36.36 19.04 -15.97
C ALA B 209 -36.44 18.39 -17.34
N VAL B 210 -35.39 17.66 -17.72
CA VAL B 210 -35.38 17.03 -19.03
C VAL B 210 -36.07 15.69 -19.18
N LEU B 211 -36.23 14.93 -18.10
CA LEU B 211 -36.85 13.59 -18.17
C LEU B 211 -38.18 13.55 -18.89
N PRO B 212 -39.07 14.49 -18.59
CA PRO B 212 -40.35 14.48 -19.26
C PRO B 212 -40.24 14.74 -20.76
N GLU B 213 -39.21 15.47 -21.18
CA GLU B 213 -38.99 15.75 -22.60
C GLU B 213 -38.60 14.47 -23.34
N LYS B 214 -38.23 13.46 -22.59
CA LYS B 214 -37.87 12.17 -23.15
C LYS B 214 -36.79 12.16 -24.21
N PRO B 215 -35.61 12.68 -23.88
CA PRO B 215 -34.58 12.63 -24.89
C PRO B 215 -34.15 11.17 -25.02
N GLU B 216 -33.41 10.82 -26.07
CA GLU B 216 -32.96 9.44 -26.26
C GLU B 216 -32.01 8.98 -25.17
N LEU B 217 -31.15 9.89 -24.71
CA LEU B 217 -30.15 9.56 -23.71
C LEU B 217 -29.78 10.78 -22.89
N ILE B 218 -29.46 10.53 -21.63
CA ILE B 218 -29.04 11.59 -20.73
C ILE B 218 -27.69 11.12 -20.18
N LEU B 219 -26.71 12.00 -20.25
CA LEU B 219 -25.39 11.73 -19.73
C LEU B 219 -25.31 12.37 -18.37
N LEU B 220 -25.09 11.57 -17.34
CA LEU B 220 -24.99 12.06 -15.97
C LEU B 220 -23.55 12.54 -15.80
N ASP B 221 -23.36 13.84 -15.92
CA ASP B 221 -22.06 14.41 -15.80
C ASP B 221 -21.51 14.54 -14.38
N ASN B 222 -20.56 13.66 -14.03
CA ASN B 222 -19.91 13.67 -12.72
C ASN B 222 -20.87 13.53 -11.54
N PHE B 223 -21.72 12.53 -11.57
CA PHE B 223 -22.63 12.26 -10.47
C PHE B 223 -21.93 11.30 -9.48
N ALA B 224 -22.24 11.41 -8.18
CA ALA B 224 -21.73 10.51 -7.15
C ALA B 224 -22.56 9.26 -7.33
N VAL B 225 -22.15 8.15 -6.73
CA VAL B 225 -22.94 6.95 -6.89
C VAL B 225 -24.35 7.18 -6.36
N TRP B 226 -24.47 7.80 -5.19
CA TRP B 226 -25.78 8.04 -4.57
C TRP B 226 -26.70 8.85 -5.47
N GLN B 227 -26.17 9.87 -6.14
CA GLN B 227 -26.93 10.64 -7.09
C GLN B 227 -27.30 9.82 -8.32
N THR B 228 -26.42 8.90 -8.73
CA THR B 228 -26.69 8.06 -9.90
C THR B 228 -27.83 7.11 -9.58
N GLN B 229 -27.80 6.56 -8.37
CA GLN B 229 -28.85 5.67 -7.92
C GLN B 229 -30.17 6.44 -7.97
N THR B 230 -30.17 7.68 -7.47
CA THR B 230 -31.38 8.53 -7.49
C THR B 230 -31.90 8.77 -8.91
N ALA B 231 -30.98 9.08 -9.82
CA ALA B 231 -31.28 9.36 -11.24
C ALA B 231 -31.96 8.16 -11.90
N VAL B 232 -31.44 6.98 -11.60
CA VAL B 232 -31.99 5.74 -12.12
C VAL B 232 -33.40 5.53 -11.54
N GLN B 233 -33.59 5.78 -10.26
CA GLN B 233 -34.89 5.62 -9.64
C GLN B 233 -35.86 6.57 -10.30
N ARG B 234 -35.48 7.82 -10.44
CA ARG B 234 -36.36 8.78 -11.08
C ARG B 234 -36.69 8.42 -12.54
N ARG B 235 -35.71 7.97 -13.29
CA ARG B 235 -35.92 7.60 -14.69
C ARG B 235 -36.87 6.43 -14.78
N ASP B 236 -36.66 5.42 -13.95
CA ASP B 236 -37.50 4.23 -13.98
C ASP B 236 -38.96 4.51 -13.76
N SER B 237 -39.25 5.51 -12.93
CA SER B 237 -40.62 5.84 -12.62
C SER B 237 -41.24 6.84 -13.57
N ARG B 238 -40.44 7.75 -14.09
CA ARG B 238 -40.96 8.81 -14.94
C ARG B 238 -40.77 8.71 -16.45
N ALA B 239 -39.66 8.14 -16.90
CA ALA B 239 -39.39 8.04 -18.31
C ALA B 239 -38.58 6.80 -18.56
N PRO B 240 -39.23 5.65 -18.48
CA PRO B 240 -38.59 4.34 -18.69
C PRO B 240 -37.82 4.20 -19.99
N THR B 241 -38.20 4.95 -21.04
CA THR B 241 -37.51 4.87 -22.34
C THR B 241 -36.19 5.62 -22.47
N VAL B 242 -35.91 6.53 -21.54
CA VAL B 242 -34.69 7.32 -21.57
C VAL B 242 -33.52 6.53 -21.05
N MET B 243 -32.46 6.47 -21.84
CA MET B 243 -31.23 5.77 -21.47
C MET B 243 -30.40 6.69 -20.62
N LEU B 244 -29.65 6.11 -19.70
CA LEU B 244 -28.81 6.87 -18.77
C LEU B 244 -27.37 6.41 -18.93
N GLU B 245 -26.46 7.37 -19.06
CA GLU B 245 -25.05 7.06 -19.24
C GLU B 245 -24.19 7.83 -18.26
N SER B 246 -23.42 7.14 -17.45
CA SER B 246 -22.53 7.81 -16.49
C SER B 246 -21.28 8.29 -17.21
N SER B 247 -20.93 9.55 -17.00
CA SER B 247 -19.76 10.16 -17.62
C SER B 247 -19.03 10.99 -16.58
N GLY B 248 -17.72 10.83 -16.49
CA GLY B 248 -17.01 11.64 -15.53
C GLY B 248 -16.10 10.98 -14.51
N GLY B 249 -16.60 10.81 -13.29
CA GLY B 249 -15.76 10.25 -12.23
C GLY B 249 -15.59 8.75 -12.20
N LEU B 250 -15.34 8.19 -13.38
CA LEU B 250 -15.22 6.75 -13.52
C LEU B 250 -13.82 6.21 -13.55
N SER B 251 -13.62 5.14 -12.78
CA SER B 251 -12.35 4.46 -12.73
C SER B 251 -12.71 3.00 -12.71
N LEU B 252 -11.74 2.20 -13.09
CA LEU B 252 -11.95 0.78 -13.13
C LEU B 252 -12.28 0.22 -11.73
N GLN B 253 -11.86 0.91 -10.68
CA GLN B 253 -12.15 0.40 -9.34
C GLN B 253 -13.59 0.68 -8.96
N THR B 254 -14.16 1.79 -9.45
CA THR B 254 -15.53 2.17 -9.14
C THR B 254 -16.58 1.74 -10.16
N ALA B 255 -16.11 1.30 -11.32
CA ALA B 255 -16.99 0.91 -12.40
C ALA B 255 -18.17 0.01 -12.00
N ALA B 256 -17.91 -1.04 -11.23
CA ALA B 256 -18.96 -1.96 -10.81
C ALA B 256 -19.98 -1.24 -9.95
N THR B 257 -19.50 -0.39 -9.07
CA THR B 257 -20.34 0.35 -8.16
C THR B 257 -21.32 1.17 -8.96
N TYR B 258 -20.81 1.91 -9.95
CA TYR B 258 -21.70 2.70 -10.79
C TYR B 258 -22.64 1.80 -11.56
N ALA B 259 -22.10 0.71 -12.08
CA ALA B 259 -22.87 -0.20 -12.89
C ALA B 259 -24.02 -0.80 -12.12
N GLU B 260 -23.77 -1.14 -10.88
CA GLU B 260 -24.79 -1.72 -10.03
C GLU B 260 -25.99 -0.81 -9.75
N THR B 261 -25.84 0.51 -9.92
CA THR B 261 -26.98 1.41 -9.74
C THR B 261 -28.06 1.15 -10.81
N GLY B 262 -27.67 0.53 -11.91
CA GLY B 262 -28.61 0.27 -12.99
C GLY B 262 -28.50 1.17 -14.23
N VAL B 263 -27.48 2.03 -14.31
CA VAL B 263 -27.32 2.88 -15.49
C VAL B 263 -27.15 1.99 -16.73
N ASP B 264 -27.44 2.52 -17.91
CA ASP B 264 -27.35 1.71 -19.12
C ASP B 264 -25.96 1.66 -19.74
N TYR B 265 -25.20 2.74 -19.60
CA TYR B 265 -23.85 2.82 -20.18
C TYR B 265 -22.84 3.51 -19.27
N LEU B 266 -21.57 3.23 -19.49
CA LEU B 266 -20.50 3.87 -18.78
C LEU B 266 -19.72 4.45 -19.93
N ALA B 267 -19.59 5.77 -19.96
CA ALA B 267 -18.81 6.46 -20.99
C ALA B 267 -17.38 6.52 -20.46
N VAL B 268 -16.44 5.87 -21.14
CA VAL B 268 -15.04 5.84 -20.67
C VAL B 268 -14.10 6.51 -21.66
N GLY B 269 -13.76 7.77 -21.38
CA GLY B 269 -12.86 8.48 -22.23
C GLY B 269 -11.47 7.86 -22.17
N ALA B 270 -11.13 7.24 -21.04
CA ALA B 270 -9.78 6.69 -20.89
C ALA B 270 -9.43 5.58 -21.86
N LEU B 271 -10.45 4.94 -22.41
CA LEU B 271 -10.21 3.86 -23.36
C LEU B 271 -9.42 4.38 -24.56
N THR B 272 -9.60 5.66 -24.90
CA THR B 272 -8.97 6.27 -26.07
C THR B 272 -7.95 7.34 -25.81
N HIS B 273 -8.13 8.13 -24.76
CA HIS B 273 -7.06 9.08 -24.42
C HIS B 273 -6.35 8.23 -23.33
N SER B 274 -5.18 8.56 -22.84
CA SER B 274 -4.67 7.62 -21.80
C SER B 274 -4.57 6.09 -22.13
N VAL B 275 -4.04 5.68 -23.28
CA VAL B 275 -3.94 4.23 -23.50
C VAL B 275 -2.51 3.72 -23.23
N ARG B 276 -2.41 2.51 -22.67
CA ARG B 276 -1.14 1.86 -22.33
C ARG B 276 -0.88 0.78 -23.37
N VAL B 277 0.27 0.85 -24.02
CA VAL B 277 0.60 -0.07 -25.09
C VAL B 277 0.67 -1.55 -24.65
N LEU B 278 0.27 -2.48 -25.51
CA LEU B 278 0.41 -3.88 -25.16
C LEU B 278 1.79 -4.10 -25.78
N ASP B 279 2.76 -4.52 -24.98
CA ASP B 279 4.12 -4.75 -25.42
C ASP B 279 4.24 -5.96 -26.33
N ILE B 280 4.54 -5.70 -27.59
CA ILE B 280 4.69 -6.77 -28.55
C ILE B 280 6.06 -6.63 -29.26
N GLY B 281 6.73 -7.73 -29.55
CA GLY B 281 8.00 -7.64 -30.28
C GLY B 281 7.94 -8.46 -31.56
N LEU B 282 8.87 -8.21 -32.47
CA LEU B 282 8.99 -8.97 -33.71
C LEU B 282 10.28 -9.77 -33.51
N ASP B 283 10.14 -11.06 -33.26
CA ASP B 283 11.25 -11.95 -33.02
C ASP B 283 11.64 -12.69 -34.28
N MET B 284 12.92 -12.61 -34.61
CA MET B 284 13.44 -13.27 -35.79
C MET B 284 14.46 -14.27 -35.37
N GLY C 1 41.06 -7.18 10.59
CA GLY C 1 39.73 -6.82 11.20
C GLY C 1 39.28 -7.92 12.15
N LEU C 2 39.39 -9.15 11.67
CA LEU C 2 39.01 -10.28 12.47
C LEU C 2 40.08 -10.50 13.53
N SER C 3 39.64 -10.77 14.75
CA SER C 3 40.58 -11.02 15.83
C SER C 3 40.89 -12.51 15.78
N ASP C 4 41.68 -12.98 16.74
CA ASP C 4 42.08 -14.38 16.82
C ASP C 4 40.91 -15.34 16.94
N TRP C 5 40.05 -15.11 17.92
CA TRP C 5 38.88 -15.96 18.12
C TRP C 5 38.01 -15.99 16.84
N GLU C 6 37.91 -14.83 16.18
CA GLU C 6 37.14 -14.71 14.96
C GLU C 6 37.81 -15.34 13.74
N LEU C 7 39.12 -15.27 13.70
CA LEU C 7 39.87 -15.85 12.60
C LEU C 7 39.75 -17.37 12.68
N ALA C 8 39.76 -17.89 13.91
CA ALA C 8 39.65 -19.32 14.17
C ALA C 8 38.27 -19.83 13.77
N ALA C 9 37.25 -19.09 14.19
CA ALA C 9 35.90 -19.44 13.85
C ALA C 9 35.73 -19.36 12.32
N ALA C 10 36.33 -18.36 11.70
CA ALA C 10 36.23 -18.20 10.25
C ALA C 10 36.81 -19.41 9.56
N ARG C 11 38.03 -19.78 9.94
CA ARG C 11 38.70 -20.94 9.34
C ARG C 11 37.88 -22.20 9.52
N ALA C 12 37.33 -22.37 10.72
CA ALA C 12 36.51 -23.56 10.99
C ALA C 12 35.25 -23.60 10.10
N ALA C 13 34.62 -22.45 9.88
CA ALA C 13 33.44 -22.37 9.04
C ALA C 13 33.79 -22.62 7.58
N ILE C 14 34.85 -21.97 7.07
CA ILE C 14 35.20 -22.18 5.67
C ILE C 14 35.55 -23.68 5.46
N ALA C 15 36.17 -24.31 6.45
CA ALA C 15 36.52 -25.74 6.36
C ALA C 15 35.28 -26.59 6.27
N ARG C 16 34.25 -26.23 7.03
CA ARG C 16 33.01 -26.99 7.00
C ARG C 16 32.29 -26.79 5.68
N GLY C 17 32.38 -25.57 5.15
CA GLY C 17 31.74 -25.29 3.90
C GLY C 17 32.35 -26.07 2.74
N LEU C 18 33.68 -26.09 2.69
CA LEU C 18 34.36 -26.81 1.60
C LEU C 18 34.11 -28.28 1.67
N ASP C 19 34.17 -28.83 2.87
CA ASP C 19 33.93 -30.25 3.00
C ASP C 19 32.53 -30.59 2.51
N GLU C 20 31.52 -29.75 2.79
CA GLU C 20 30.16 -30.05 2.33
C GLU C 20 30.11 -30.09 0.80
N ASP C 21 30.88 -29.20 0.19
CA ASP C 21 30.91 -29.07 -1.25
C ASP C 21 31.73 -30.08 -1.98
N LEU C 22 32.77 -30.59 -1.32
CA LEU C 22 33.68 -31.54 -1.91
C LEU C 22 33.48 -32.96 -1.43
N ARG C 23 32.47 -33.19 -0.60
CA ARG C 23 32.15 -34.51 -0.07
C ARG C 23 31.73 -35.54 -1.13
N TYR C 24 31.21 -35.09 -2.25
CA TYR C 24 30.78 -36.04 -3.26
C TYR C 24 31.76 -36.10 -4.41
N GLY C 25 32.90 -35.43 -4.26
CA GLY C 25 33.90 -35.43 -5.31
C GLY C 25 34.20 -34.03 -5.78
N PRO C 26 35.21 -33.89 -6.63
CA PRO C 26 35.58 -32.57 -7.12
C PRO C 26 34.61 -32.05 -8.15
N ASP C 27 34.85 -30.81 -8.54
CA ASP C 27 34.04 -30.17 -9.55
C ASP C 27 34.38 -30.77 -10.92
N VAL C 28 33.78 -31.90 -11.22
CA VAL C 28 34.02 -32.59 -12.48
C VAL C 28 33.87 -31.71 -13.71
N THR C 29 32.93 -30.76 -13.67
CA THR C 29 32.72 -29.89 -14.80
C THR C 29 33.83 -28.90 -15.07
N THR C 30 34.49 -28.37 -14.04
CA THR C 30 35.58 -27.43 -14.32
C THR C 30 36.79 -28.24 -14.67
N LEU C 31 36.89 -29.44 -14.13
CA LEU C 31 38.02 -30.28 -14.46
C LEU C 31 38.00 -30.60 -15.95
N ALA C 32 36.82 -30.90 -16.45
CA ALA C 32 36.61 -31.21 -17.84
C ALA C 32 36.70 -30.02 -18.81
N THR C 33 36.29 -28.83 -18.37
CA THR C 33 36.30 -27.63 -19.25
C THR C 33 37.46 -26.62 -19.09
N VAL C 34 38.03 -26.49 -17.89
CA VAL C 34 39.10 -25.53 -17.70
C VAL C 34 40.40 -26.18 -17.29
N PRO C 35 41.47 -25.85 -18.01
CA PRO C 35 42.82 -26.37 -17.77
C PRO C 35 43.44 -25.90 -16.46
N ALA C 36 44.23 -26.77 -15.86
CA ALA C 36 44.88 -26.47 -14.61
C ALA C 36 45.76 -25.23 -14.69
N SER C 37 46.30 -24.97 -15.88
CA SER C 37 47.14 -23.82 -16.04
C SER C 37 46.38 -22.51 -16.14
N ALA C 38 45.07 -22.55 -16.33
CA ALA C 38 44.28 -21.33 -16.45
C ALA C 38 44.36 -20.43 -15.23
N THR C 39 44.30 -19.14 -15.50
CA THR C 39 44.37 -18.08 -14.52
C THR C 39 43.51 -16.89 -14.96
N THR C 40 42.74 -16.30 -14.03
CA THR C 40 41.91 -15.13 -14.33
C THR C 40 41.96 -14.06 -13.27
N THR C 41 41.37 -12.94 -13.65
CA THR C 41 41.17 -11.82 -12.78
C THR C 41 39.68 -12.00 -12.58
N ALA C 42 39.23 -12.05 -11.32
CA ALA C 42 37.83 -12.18 -11.01
C ALA C 42 37.50 -11.10 -9.97
N SER C 43 36.25 -10.66 -9.93
CA SER C 43 35.86 -9.63 -8.99
C SER C 43 34.66 -10.07 -8.20
N LEU C 44 34.64 -9.77 -6.91
CA LEU C 44 33.47 -10.06 -6.07
C LEU C 44 32.68 -8.79 -6.28
N VAL C 45 31.53 -8.84 -6.96
CA VAL C 45 30.76 -7.61 -7.14
C VAL C 45 29.35 -7.75 -6.62
N THR C 46 28.88 -6.75 -5.88
CA THR C 46 27.53 -6.82 -5.31
C THR C 46 26.47 -6.67 -6.39
N ARG C 47 25.34 -7.33 -6.20
CA ARG C 47 24.25 -7.18 -7.12
C ARG C 47 23.29 -6.17 -6.52
N GLU C 48 23.55 -5.76 -5.27
CA GLU C 48 22.70 -4.79 -4.58
C GLU C 48 23.47 -3.92 -3.60
N ALA C 49 22.84 -2.84 -3.18
CA ALA C 49 23.48 -1.92 -2.25
C ALA C 49 23.39 -2.47 -0.86
N GLY C 50 24.38 -2.15 -0.04
CA GLY C 50 24.38 -2.62 1.33
C GLY C 50 25.69 -2.27 1.99
N VAL C 51 25.96 -2.86 3.13
CA VAL C 51 27.21 -2.64 3.85
C VAL C 51 27.99 -3.95 3.77
N VAL C 52 29.23 -3.88 3.31
CA VAL C 52 30.05 -5.06 3.18
C VAL C 52 30.72 -5.48 4.50
N ALA C 53 30.86 -6.79 4.69
CA ALA C 53 31.48 -7.36 5.88
C ALA C 53 31.91 -8.76 5.53
N GLY C 54 33.03 -9.19 6.11
CA GLY C 54 33.54 -10.53 5.85
C GLY C 54 34.52 -10.73 4.68
N LEU C 55 35.06 -9.66 4.12
CA LEU C 55 35.99 -9.81 2.99
C LEU C 55 37.21 -10.65 3.35
N ASP C 56 37.67 -10.56 4.59
CA ASP C 56 38.82 -11.35 4.99
C ASP C 56 38.46 -12.79 4.90
N VAL C 57 37.22 -13.12 5.22
CA VAL C 57 36.75 -14.50 5.15
C VAL C 57 36.85 -15.04 3.70
N ALA C 58 36.75 -14.14 2.71
CA ALA C 58 36.87 -14.52 1.31
C ALA C 58 38.33 -14.91 1.09
N LEU C 59 39.25 -14.07 1.57
CA LEU C 59 40.66 -14.39 1.44
C LEU C 59 40.99 -15.71 2.12
N LEU C 60 40.36 -16.00 3.27
CA LEU C 60 40.66 -17.24 3.99
C LEU C 60 40.20 -18.49 3.24
N THR C 61 39.19 -18.35 2.40
CA THR C 61 38.70 -19.47 1.62
C THR C 61 39.69 -19.80 0.49
N LEU C 62 40.32 -18.75 -0.02
CA LEU C 62 41.30 -18.88 -1.07
C LEU C 62 42.54 -19.54 -0.51
N ASN C 63 42.98 -19.11 0.66
CA ASN C 63 44.14 -19.69 1.33
C ASN C 63 43.96 -21.19 1.44
N GLU C 64 42.76 -21.57 1.86
CA GLU C 64 42.43 -22.96 2.05
C GLU C 64 42.44 -23.74 0.73
N VAL C 65 41.95 -23.12 -0.33
CA VAL C 65 41.90 -23.81 -1.60
C VAL C 65 43.15 -23.67 -2.49
N LEU C 66 43.71 -22.46 -2.52
CA LEU C 66 44.86 -22.12 -3.36
C LEU C 66 46.18 -21.97 -2.66
N GLY C 67 46.18 -21.88 -1.34
CA GLY C 67 47.45 -21.69 -0.66
C GLY C 67 47.66 -20.20 -0.56
N THR C 68 48.30 -19.79 0.53
CA THR C 68 48.50 -18.38 0.78
C THR C 68 49.04 -17.56 -0.37
N ASN C 69 49.82 -18.19 -1.23
CA ASN C 69 50.39 -17.47 -2.35
C ASN C 69 49.78 -17.98 -3.64
N GLY C 70 48.53 -18.45 -3.58
CA GLY C 70 47.92 -18.98 -4.80
C GLY C 70 47.16 -17.95 -5.58
N TYR C 71 47.14 -16.73 -5.05
CA TYR C 71 46.40 -15.64 -5.66
C TYR C 71 46.97 -14.27 -5.28
N ARG C 72 46.51 -13.24 -5.98
CA ARG C 72 46.97 -11.88 -5.76
C ARG C 72 45.74 -10.97 -5.71
N VAL C 73 45.68 -10.18 -4.65
CA VAL C 73 44.61 -9.24 -4.49
C VAL C 73 45.04 -7.91 -5.17
N LEU C 74 44.38 -7.57 -6.26
CA LEU C 74 44.69 -6.34 -6.98
C LEU C 74 44.04 -5.16 -6.31
N ASP C 75 42.87 -5.38 -5.73
CA ASP C 75 42.15 -4.28 -5.09
C ASP C 75 41.05 -4.80 -4.22
N ARG C 76 40.66 -3.99 -3.26
CA ARG C 76 39.60 -4.35 -2.36
C ARG C 76 39.07 -3.16 -1.56
N VAL C 77 37.86 -3.30 -1.11
CA VAL C 77 37.13 -2.30 -0.36
C VAL C 77 37.34 -2.71 1.09
N GLU C 78 37.09 -1.81 2.03
CA GLU C 78 37.25 -2.14 3.44
C GLU C 78 35.93 -2.65 4.04
N ASP C 79 36.00 -3.57 4.99
CA ASP C 79 34.77 -4.03 5.63
C ASP C 79 34.09 -2.81 6.28
N GLY C 80 32.77 -2.73 6.17
CA GLY C 80 32.05 -1.61 6.76
C GLY C 80 31.67 -0.55 5.74
N ALA C 81 32.20 -0.67 4.52
CA ALA C 81 31.90 0.29 3.48
C ALA C 81 30.48 0.13 3.01
N ARG C 82 29.79 1.26 2.79
CA ARG C 82 28.43 1.25 2.27
C ARG C 82 28.71 1.12 0.79
N VAL C 83 28.00 0.24 0.12
CA VAL C 83 28.29 -0.02 -1.26
C VAL C 83 27.05 0.01 -2.19
N PRO C 84 27.20 0.55 -3.42
CA PRO C 84 26.09 0.62 -4.36
C PRO C 84 26.10 -0.68 -5.16
N PRO C 85 25.00 -0.97 -5.86
CA PRO C 85 24.88 -2.18 -6.67
C PRO C 85 26.04 -2.76 -7.54
N GLY C 86 26.54 -2.16 -8.59
CA GLY C 86 27.58 -2.93 -9.28
C GLY C 86 28.98 -2.77 -8.77
N GLU C 87 29.13 -2.52 -7.49
CA GLU C 87 30.44 -2.29 -6.88
C GLU C 87 31.35 -3.54 -6.81
N ALA C 88 32.60 -3.37 -7.22
CA ALA C 88 33.58 -4.47 -7.16
C ALA C 88 34.18 -4.39 -5.78
N LEU C 89 33.81 -5.33 -4.92
CA LEU C 89 34.31 -5.40 -3.54
C LEU C 89 35.77 -5.85 -3.49
N MET C 90 36.16 -6.71 -4.41
CA MET C 90 37.52 -7.21 -4.44
C MET C 90 37.83 -7.76 -5.81
N THR C 91 39.04 -7.51 -6.27
CA THR C 91 39.49 -8.00 -7.56
C THR C 91 40.76 -8.74 -7.35
N LEU C 92 40.83 -9.96 -7.87
CA LEU C 92 42.01 -10.77 -7.70
C LEU C 92 42.38 -11.60 -8.90
N GLU C 93 43.63 -12.02 -8.92
CA GLU C 93 44.13 -12.87 -9.99
C GLU C 93 44.45 -14.20 -9.31
N ALA C 94 43.95 -15.30 -9.85
CA ALA C 94 44.18 -16.62 -9.26
C ALA C 94 43.98 -17.71 -10.30
N GLN C 95 44.29 -18.94 -9.94
CA GLN C 95 44.09 -20.05 -10.84
C GLN C 95 42.57 -20.18 -10.94
N THR C 96 42.09 -20.32 -12.16
CA THR C 96 40.67 -20.44 -12.41
C THR C 96 39.99 -21.61 -11.77
N ARG C 97 40.62 -22.78 -11.76
CA ARG C 97 39.98 -23.94 -11.14
C ARG C 97 39.74 -23.71 -9.65
N GLY C 98 40.72 -23.11 -8.99
CA GLY C 98 40.64 -22.82 -7.58
C GLY C 98 39.56 -21.82 -7.25
N LEU C 99 39.43 -20.76 -8.02
CA LEU C 99 38.37 -19.78 -7.79
C LEU C 99 37.00 -20.42 -7.89
N LEU C 100 36.81 -21.27 -8.89
CA LEU C 100 35.54 -21.95 -9.13
C LEU C 100 35.16 -22.91 -8.02
N THR C 101 36.14 -23.57 -7.42
CA THR C 101 35.85 -24.51 -6.34
C THR C 101 35.55 -23.75 -5.05
N ALA C 102 36.24 -22.62 -4.87
CA ALA C 102 36.13 -21.74 -3.71
C ALA C 102 34.88 -20.87 -3.71
N GLU C 103 34.42 -20.50 -4.89
CA GLU C 103 33.29 -19.61 -5.11
C GLU C 103 32.05 -19.65 -4.20
N ARG C 104 31.33 -20.76 -4.20
CA ARG C 104 30.11 -20.83 -3.45
C ARG C 104 30.32 -20.63 -1.94
N THR C 105 31.34 -21.24 -1.37
CA THR C 105 31.63 -21.08 0.07
C THR C 105 31.92 -19.62 0.40
N MET C 106 32.78 -19.02 -0.41
CA MET C 106 33.17 -17.65 -0.22
C MET C 106 31.96 -16.72 -0.31
N LEU C 107 31.19 -16.85 -1.37
CA LEU C 107 30.01 -16.03 -1.58
C LEU C 107 28.93 -16.23 -0.51
N ASN C 108 28.71 -17.47 -0.07
CA ASN C 108 27.71 -17.78 0.98
C ASN C 108 28.05 -17.07 2.32
N LEU C 109 29.33 -17.08 2.68
CA LEU C 109 29.79 -16.47 3.90
C LEU C 109 29.79 -14.94 3.90
N VAL C 110 30.35 -14.27 2.87
CA VAL C 110 30.37 -12.82 2.86
C VAL C 110 28.98 -12.28 2.58
N GLY C 111 28.17 -13.02 1.84
CA GLY C 111 26.82 -12.58 1.58
C GLY C 111 26.02 -12.50 2.86
N HIS C 112 26.18 -13.52 3.70
CA HIS C 112 25.49 -13.61 4.99
C HIS C 112 25.98 -12.51 5.91
N LEU C 113 27.28 -12.42 6.07
CA LEU C 113 27.87 -11.43 6.93
C LEU C 113 27.50 -10.01 6.51
N SER C 114 27.43 -9.78 5.20
CA SER C 114 27.05 -8.48 4.65
C SER C 114 25.57 -8.25 4.88
N GLY C 115 24.77 -9.28 4.72
CA GLY C 115 23.36 -9.17 5.00
C GLY C 115 23.14 -8.65 6.42
N ILE C 116 23.89 -9.15 7.39
CA ILE C 116 23.80 -8.75 8.80
C ILE C 116 24.29 -7.32 9.02
N ALA C 117 25.45 -6.96 8.48
CA ALA C 117 25.97 -5.61 8.61
C ALA C 117 25.00 -4.60 7.99
N THR C 118 24.44 -4.94 6.84
CA THR C 118 23.47 -4.10 6.10
C THR C 118 22.24 -3.81 6.95
N ALA C 119 21.68 -4.85 7.55
CA ALA C 119 20.52 -4.74 8.41
C ALA C 119 20.80 -3.97 9.64
N THR C 120 21.96 -4.17 10.27
CA THR C 120 22.19 -3.42 11.48
C THR C 120 22.42 -1.95 11.18
N ALA C 121 23.03 -1.68 10.06
CA ALA C 121 23.27 -0.31 9.65
C ALA C 121 21.92 0.41 9.50
N ALA C 122 20.89 -0.31 9.08
CA ALA C 122 19.60 0.31 8.90
C ALA C 122 18.99 0.66 10.26
N TRP C 123 19.13 -0.25 11.24
CA TRP C 123 18.63 -0.01 12.60
C TRP C 123 19.40 1.15 13.22
N VAL C 124 20.71 1.16 12.99
CA VAL C 124 21.53 2.21 13.51
C VAL C 124 21.11 3.61 13.02
N ASP C 125 20.85 3.71 11.71
CA ASP C 125 20.41 4.96 11.08
C ASP C 125 19.05 5.37 11.61
N ALA C 126 18.23 4.38 11.92
CA ALA C 126 16.89 4.61 12.44
C ALA C 126 16.91 5.30 13.77
N VAL C 127 17.82 4.92 14.65
CA VAL C 127 17.86 5.56 15.96
C VAL C 127 18.87 6.68 16.08
N ARG C 128 19.38 7.21 14.97
CA ARG C 128 20.37 8.29 15.13
C ARG C 128 19.80 9.59 15.62
N GLY C 129 20.62 10.31 16.40
CA GLY C 129 20.20 11.55 17.01
C GLY C 129 19.59 11.20 18.35
N THR C 130 19.77 9.96 18.75
CA THR C 130 19.25 9.37 20.00
C THR C 130 20.47 8.78 20.71
N LYS C 131 20.40 8.50 22.00
CA LYS C 131 21.58 7.93 22.64
C LYS C 131 21.59 6.42 22.51
N ALA C 132 20.47 5.84 22.12
CA ALA C 132 20.35 4.40 21.98
C ALA C 132 21.36 3.74 21.04
N LYS C 133 21.79 2.54 21.44
CA LYS C 133 22.72 1.72 20.70
C LYS C 133 21.98 0.45 20.33
N ILE C 134 22.23 -0.05 19.12
CA ILE C 134 21.59 -1.29 18.66
C ILE C 134 22.46 -2.47 19.14
N ARG C 135 21.86 -3.42 19.83
CA ARG C 135 22.59 -4.56 20.35
C ARG C 135 22.10 -5.89 19.80
N ASP C 136 22.98 -6.89 19.81
CA ASP C 136 22.58 -8.19 19.29
C ASP C 136 22.21 -9.10 20.43
N THR C 137 21.91 -10.34 20.09
CA THR C 137 21.51 -11.33 21.04
C THR C 137 22.29 -12.66 20.82
N ARG C 138 21.95 -13.68 21.62
CA ARG C 138 22.54 -15.04 21.48
C ARG C 138 21.65 -15.85 20.52
N LYS C 139 20.73 -15.16 19.83
CA LYS C 139 19.92 -15.85 18.83
C LYS C 139 20.80 -15.89 17.54
N THR C 140 21.82 -16.73 17.58
CA THR C 140 22.77 -16.85 16.49
C THR C 140 22.77 -18.25 15.90
N LEU C 141 23.38 -18.45 14.74
CA LEU C 141 23.40 -19.79 14.18
C LEU C 141 24.58 -20.52 14.76
N PRO C 142 24.40 -21.79 15.13
CA PRO C 142 25.44 -22.65 15.71
C PRO C 142 26.70 -22.75 14.84
N GLY C 143 27.84 -22.36 15.44
CA GLY C 143 29.08 -22.40 14.74
C GLY C 143 29.37 -21.09 14.03
N LEU C 144 28.40 -20.17 13.97
CA LEU C 144 28.63 -18.90 13.32
C LEU C 144 28.57 -17.67 14.23
N ARG C 145 28.43 -17.87 15.53
CA ARG C 145 28.32 -16.73 16.46
C ARG C 145 29.35 -15.67 16.37
N ALA C 146 30.62 -16.02 16.52
CA ALA C 146 31.70 -15.03 16.49
C ALA C 146 31.66 -14.17 15.20
N LEU C 147 31.38 -14.81 14.07
CA LEU C 147 31.30 -14.11 12.80
C LEU C 147 30.06 -13.16 12.73
N GLN C 148 28.90 -13.67 13.16
CA GLN C 148 27.68 -12.88 13.17
C GLN C 148 27.83 -11.69 14.07
N LYS C 149 28.43 -11.92 15.23
CA LYS C 149 28.70 -10.87 16.21
C LYS C 149 29.63 -9.84 15.60
N TYR C 150 30.62 -10.31 14.86
CA TYR C 150 31.56 -9.43 14.19
C TYR C 150 30.85 -8.51 13.16
N ALA C 151 29.98 -9.11 12.35
CA ALA C 151 29.25 -8.39 11.35
C ALA C 151 28.32 -7.32 11.95
N VAL C 152 27.67 -7.60 13.09
CA VAL C 152 26.78 -6.55 13.62
C VAL C 152 27.60 -5.35 14.06
N ARG C 153 28.80 -5.64 14.58
CA ARG C 153 29.68 -4.55 15.00
C ARG C 153 30.09 -3.72 13.78
N THR C 154 30.30 -4.41 12.66
CA THR C 154 30.71 -3.79 11.42
C THR C 154 29.61 -2.89 10.85
N GLY C 155 28.36 -3.23 11.16
CA GLY C 155 27.25 -2.41 10.71
C GLY C 155 26.94 -1.27 11.68
N GLY C 156 27.66 -1.20 12.80
CA GLY C 156 27.45 -0.13 13.77
C GLY C 156 26.73 -0.53 15.03
N GLY C 157 26.40 -1.82 15.17
CA GLY C 157 25.73 -2.28 16.37
C GLY C 157 26.79 -2.57 17.41
N VAL C 158 26.35 -2.92 18.63
CA VAL C 158 27.26 -3.27 19.71
C VAL C 158 26.89 -4.67 20.20
N ASN C 159 27.91 -5.47 20.48
CA ASN C 159 27.72 -6.86 20.91
C ASN C 159 27.28 -6.96 22.34
N HIS C 160 26.34 -7.85 22.62
CA HIS C 160 25.91 -7.99 23.98
C HIS C 160 26.63 -9.19 24.63
N ARG C 161 25.91 -10.24 24.99
CA ARG C 161 26.53 -11.39 25.62
C ARG C 161 27.13 -12.29 24.57
N LEU C 162 28.27 -12.89 24.88
CA LEU C 162 28.90 -13.82 23.96
C LEU C 162 28.53 -15.26 24.31
N GLY C 163 28.12 -15.45 25.55
CA GLY C 163 27.74 -16.77 26.00
C GLY C 163 26.94 -16.72 27.26
N LEU C 164 26.81 -17.86 27.91
CA LEU C 164 26.06 -18.00 29.12
C LEU C 164 26.84 -17.50 30.33
N GLY C 165 28.17 -17.61 30.27
CA GLY C 165 28.97 -17.23 31.42
C GLY C 165 29.46 -15.81 31.43
N ASP C 166 29.29 -15.18 30.27
CA ASP C 166 29.67 -13.81 29.98
C ASP C 166 29.17 -12.80 31.02
N ALA C 167 27.90 -12.93 31.39
CA ALA C 167 27.25 -12.03 32.33
C ALA C 167 26.08 -12.80 32.86
N ALA C 168 25.53 -12.36 33.98
CA ALA C 168 24.36 -13.06 34.55
C ALA C 168 23.12 -12.43 33.97
N LEU C 169 22.22 -13.22 33.44
CA LEU C 169 21.00 -12.67 32.91
C LEU C 169 19.84 -13.46 33.49
N ILE C 170 19.08 -12.82 34.35
CA ILE C 170 17.94 -13.46 34.99
C ILE C 170 16.70 -13.33 34.10
N LYS C 171 16.11 -14.44 33.73
CA LYS C 171 14.91 -14.43 32.91
C LYS C 171 13.81 -15.05 33.73
N ASP C 172 12.65 -15.16 33.10
CA ASP C 172 11.45 -15.75 33.70
C ASP C 172 11.68 -17.07 34.45
N ASN C 173 12.34 -18.02 33.78
CA ASN C 173 12.64 -19.34 34.34
C ASN C 173 13.38 -19.26 35.68
N HIS C 174 14.35 -18.37 35.74
CA HIS C 174 15.16 -18.22 36.94
C HIS C 174 14.31 -17.62 38.04
N VAL C 175 13.55 -16.61 37.65
CA VAL C 175 12.66 -15.91 38.56
C VAL C 175 11.79 -16.94 39.29
N ALA C 176 11.22 -17.84 38.48
CA ALA C 176 10.37 -18.90 39.00
C ALA C 176 11.10 -19.76 40.04
N ALA C 177 12.21 -20.36 39.61
CA ALA C 177 13.03 -21.21 40.45
C ALA C 177 13.43 -20.53 41.75
N ALA C 178 13.80 -19.26 41.66
CA ALA C 178 14.19 -18.52 42.85
C ALA C 178 12.94 -18.20 43.67
N GLY C 179 11.80 -18.11 42.97
CA GLY C 179 10.53 -17.78 43.58
C GLY C 179 10.05 -16.49 42.94
N SER C 180 10.88 -15.45 43.02
CA SER C 180 10.58 -14.14 42.44
C SER C 180 11.82 -13.55 41.77
N VAL C 181 11.60 -12.45 41.05
CA VAL C 181 12.68 -11.77 40.35
C VAL C 181 13.73 -11.30 41.36
N VAL C 182 13.28 -10.71 42.44
CA VAL C 182 14.22 -10.21 43.43
C VAL C 182 14.93 -11.34 44.11
N ASP C 183 14.27 -12.49 44.20
CA ASP C 183 14.87 -13.66 44.83
C ASP C 183 16.06 -14.11 44.00
N ALA C 184 15.82 -14.24 42.69
CA ALA C 184 16.83 -14.63 41.72
C ALA C 184 18.00 -13.67 41.76
N LEU C 185 17.69 -12.38 41.78
CA LEU C 185 18.69 -11.32 41.79
C LEU C 185 19.69 -11.42 42.93
N ARG C 186 19.21 -11.65 44.14
CA ARG C 186 20.09 -11.77 45.29
C ARG C 186 20.97 -13.01 45.23
N ALA C 187 20.38 -14.11 44.76
CA ALA C 187 21.08 -15.37 44.62
C ALA C 187 22.30 -15.25 43.74
N VAL C 188 22.10 -14.69 42.55
CA VAL C 188 23.18 -14.50 41.60
C VAL C 188 24.22 -13.52 42.13
N ARG C 189 23.77 -12.44 42.75
CA ARG C 189 24.68 -11.44 43.32
C ARG C 189 25.64 -12.07 44.31
N ASN C 190 25.11 -12.96 45.12
CA ASN C 190 25.87 -13.65 46.13
C ASN C 190 26.78 -14.72 45.52
N ALA C 191 26.38 -15.28 44.39
CA ALA C 191 27.19 -16.30 43.74
C ALA C 191 28.26 -15.77 42.79
N ALA C 192 27.98 -14.68 42.08
CA ALA C 192 28.93 -14.09 41.14
C ALA C 192 28.89 -12.58 41.35
N PRO C 193 29.34 -12.10 42.50
CA PRO C 193 29.35 -10.68 42.83
C PRO C 193 30.11 -9.72 41.89
N ASP C 194 31.01 -10.27 41.10
CA ASP C 194 31.84 -9.49 40.17
C ASP C 194 31.26 -9.49 38.74
N LEU C 195 30.25 -10.30 38.51
CA LEU C 195 29.63 -10.44 37.22
C LEU C 195 28.50 -9.46 37.02
N PRO C 196 28.40 -8.86 35.81
CA PRO C 196 27.35 -7.90 35.46
C PRO C 196 26.01 -8.61 35.68
N CYS C 197 25.07 -7.93 36.30
CA CYS C 197 23.80 -8.55 36.57
C CYS C 197 22.73 -7.86 35.74
N GLU C 198 22.05 -8.63 34.92
CA GLU C 198 21.01 -8.09 34.06
C GLU C 198 19.77 -8.88 34.35
N VAL C 199 18.64 -8.19 34.48
CA VAL C 199 17.38 -8.84 34.74
C VAL C 199 16.35 -8.44 33.70
N GLU C 200 15.59 -9.43 33.29
CA GLU C 200 14.56 -9.26 32.30
C GLU C 200 13.19 -9.20 32.98
N VAL C 201 12.45 -8.13 32.76
CA VAL C 201 11.10 -7.98 33.35
C VAL C 201 10.01 -7.82 32.27
N ASP C 202 8.82 -8.29 32.54
CA ASP C 202 7.80 -8.16 31.55
C ASP C 202 6.61 -7.37 32.03
N SER C 203 6.77 -6.60 33.10
CA SER C 203 5.65 -5.78 33.58
C SER C 203 6.22 -4.65 34.36
N LEU C 204 5.45 -3.59 34.56
CA LEU C 204 5.92 -2.45 35.33
C LEU C 204 5.96 -2.86 36.79
N GLU C 205 5.22 -3.90 37.12
CA GLU C 205 5.23 -4.36 38.51
C GLU C 205 6.59 -4.97 38.81
N GLN C 206 7.08 -5.86 37.95
CA GLN C 206 8.38 -6.47 38.20
C GLN C 206 9.45 -5.39 38.19
N LEU C 207 9.31 -4.44 37.29
CA LEU C 207 10.27 -3.36 37.18
C LEU C 207 10.41 -2.63 38.53
N ASP C 208 9.28 -2.23 39.12
CA ASP C 208 9.28 -1.52 40.40
C ASP C 208 9.97 -2.33 41.47
N ALA C 209 9.78 -3.64 41.41
CA ALA C 209 10.37 -4.56 42.36
C ALA C 209 11.90 -4.67 42.27
N VAL C 210 12.43 -4.71 41.06
CA VAL C 210 13.87 -4.83 40.87
C VAL C 210 14.66 -3.52 40.83
N LEU C 211 14.01 -2.41 40.49
CA LEU C 211 14.73 -1.11 40.43
C LEU C 211 15.55 -0.79 41.68
N PRO C 212 14.96 -0.92 42.87
CA PRO C 212 15.73 -0.63 44.08
C PRO C 212 16.94 -1.52 44.27
N GLU C 213 16.87 -2.76 43.83
CA GLU C 213 17.99 -3.68 43.94
C GLU C 213 19.18 -3.25 43.09
N LYS C 214 18.95 -2.33 42.17
CA LYS C 214 19.96 -1.81 41.28
C LYS C 214 20.77 -2.76 40.41
N PRO C 215 20.11 -3.58 39.59
CA PRO C 215 20.89 -4.47 38.72
C PRO C 215 21.59 -3.61 37.64
N GLU C 216 22.60 -4.14 36.97
CA GLU C 216 23.31 -3.40 35.94
C GLU C 216 22.42 -2.97 34.76
N LEU C 217 21.48 -3.82 34.41
CA LEU C 217 20.63 -3.60 33.27
C LEU C 217 19.32 -4.36 33.41
N ILE C 218 18.24 -3.76 32.93
CA ILE C 218 16.94 -4.37 32.96
C ILE C 218 16.50 -4.49 31.48
N LEU C 219 16.00 -5.64 31.09
CA LEU C 219 15.53 -5.78 29.71
C LEU C 219 14.04 -5.70 29.81
N LEU C 220 13.44 -4.77 29.07
CA LEU C 220 12.01 -4.57 29.06
C LEU C 220 11.49 -5.49 28.00
N ASP C 221 10.97 -6.61 28.44
CA ASP C 221 10.46 -7.60 27.53
C ASP C 221 9.09 -7.33 27.01
N ASN C 222 9.01 -6.92 25.74
CA ASN C 222 7.73 -6.68 25.05
C ASN C 222 6.87 -5.61 25.67
N PHE C 223 7.46 -4.46 25.97
CA PHE C 223 6.72 -3.34 26.51
C PHE C 223 6.21 -2.46 25.35
N ALA C 224 5.01 -1.89 25.54
CA ALA C 224 4.42 -1.00 24.55
C ALA C 224 5.26 0.24 24.69
N VAL C 225 5.16 1.17 23.75
CA VAL C 225 5.97 2.37 23.87
C VAL C 225 5.62 3.16 25.13
N TRP C 226 4.33 3.25 25.47
CA TRP C 226 3.91 4.01 26.65
C TRP C 226 4.46 3.41 27.95
N GLN C 227 4.55 2.09 28.00
CA GLN C 227 5.15 1.44 29.17
C GLN C 227 6.66 1.67 29.20
N THR C 228 7.29 1.78 28.04
CA THR C 228 8.73 1.98 27.98
C THR C 228 9.05 3.38 28.50
N GLN C 229 8.23 4.35 28.12
CA GLN C 229 8.39 5.75 28.53
C GLN C 229 8.30 5.82 30.04
N THR C 230 7.31 5.14 30.61
CA THR C 230 7.10 5.07 32.06
C THR C 230 8.34 4.44 32.71
N ALA C 231 8.76 3.28 32.21
CA ALA C 231 9.93 2.60 32.74
C ALA C 231 11.13 3.55 32.75
N VAL C 232 11.31 4.32 31.69
CA VAL C 232 12.44 5.25 31.65
C VAL C 232 12.29 6.33 32.71
N GLN C 233 11.07 6.82 32.89
CA GLN C 233 10.80 7.84 33.89
C GLN C 233 11.07 7.26 35.27
N ARG C 234 10.59 6.05 35.56
CA ARG C 234 10.82 5.46 36.87
C ARG C 234 12.28 5.19 37.15
N ARG C 235 13.03 4.80 36.13
CA ARG C 235 14.44 4.50 36.26
C ARG C 235 15.15 5.80 36.56
N ASP C 236 14.84 6.83 35.80
CA ASP C 236 15.45 8.13 36.00
C ASP C 236 15.31 8.72 37.39
N SER C 237 14.19 8.44 38.04
CA SER C 237 13.93 8.97 39.36
C SER C 237 14.39 8.05 40.47
N ARG C 238 14.38 6.74 40.23
CA ARG C 238 14.76 5.82 41.29
C ARG C 238 16.14 5.21 41.22
N ALA C 239 16.61 4.88 40.02
CA ALA C 239 17.91 4.23 39.90
C ALA C 239 18.57 4.70 38.64
N PRO C 240 19.08 5.91 38.65
CA PRO C 240 19.74 6.51 37.50
C PRO C 240 20.88 5.70 36.89
N THR C 241 21.49 4.82 37.67
CA THR C 241 22.60 4.00 37.17
C THR C 241 22.20 2.77 36.32
N VAL C 242 21.00 2.26 36.56
CA VAL C 242 20.53 1.09 35.84
C VAL C 242 20.27 1.40 34.37
N MET C 243 20.85 0.59 33.49
CA MET C 243 20.66 0.74 32.05
C MET C 243 19.35 0.01 31.69
N LEU C 244 18.67 0.53 30.69
CA LEU C 244 17.43 -0.04 30.21
C LEU C 244 17.62 -0.49 28.74
N GLU C 245 17.02 -1.62 28.36
CA GLU C 245 17.14 -2.16 27.01
C GLU C 245 15.82 -2.74 26.60
N SER C 246 15.29 -2.28 25.48
CA SER C 246 14.00 -2.75 24.98
C SER C 246 14.24 -4.05 24.24
N SER C 247 13.39 -5.03 24.46
CA SER C 247 13.53 -6.33 23.82
C SER C 247 12.13 -6.84 23.54
N GLY C 248 11.85 -7.30 22.34
CA GLY C 248 10.52 -7.80 22.05
C GLY C 248 9.82 -7.35 20.80
N GLY C 249 8.85 -6.45 20.95
CA GLY C 249 8.06 -6.00 19.80
C GLY C 249 8.68 -4.90 18.97
N LEU C 250 9.94 -5.08 18.61
CA LEU C 250 10.67 -4.06 17.86
C LEU C 250 10.67 -4.33 16.39
N SER C 251 10.44 -3.28 15.61
CA SER C 251 10.47 -3.41 14.18
C SER C 251 11.19 -2.17 13.74
N LEU C 252 11.75 -2.21 12.55
CA LEU C 252 12.47 -1.07 12.00
C LEU C 252 11.57 0.17 11.85
N GLN C 253 10.26 -0.06 11.78
CA GLN C 253 9.31 1.04 11.64
C GLN C 253 9.06 1.70 12.99
N THR C 254 9.15 0.90 14.06
CA THR C 254 8.93 1.37 15.42
C THR C 254 10.19 1.74 16.22
N ALA C 255 11.36 1.31 15.75
CA ALA C 255 12.66 1.58 16.41
C ALA C 255 12.88 3.00 16.93
N ALA C 256 12.66 4.03 16.12
CA ALA C 256 12.88 5.40 16.57
C ALA C 256 11.94 5.79 17.73
N THR C 257 10.74 5.24 17.69
CA THR C 257 9.76 5.53 18.71
C THR C 257 10.20 5.02 20.07
N TYR C 258 10.72 3.79 20.11
CA TYR C 258 11.20 3.21 21.34
C TYR C 258 12.44 3.97 21.77
N ALA C 259 13.32 4.25 20.81
CA ALA C 259 14.55 4.97 21.14
C ALA C 259 14.26 6.32 21.72
N GLU C 260 13.28 7.00 21.16
CA GLU C 260 12.95 8.32 21.65
C GLU C 260 12.54 8.33 23.12
N THR C 261 12.11 7.20 23.67
CA THR C 261 11.71 7.14 25.08
C THR C 261 12.90 7.37 25.99
N GLY C 262 14.11 7.14 25.48
CA GLY C 262 15.29 7.32 26.30
C GLY C 262 15.96 6.02 26.73
N VAL C 263 15.48 4.83 26.32
CA VAL C 263 16.16 3.58 26.68
C VAL C 263 17.57 3.65 26.12
N ASP C 264 18.48 2.96 26.79
CA ASP C 264 19.88 2.98 26.39
C ASP C 264 20.20 2.03 25.21
N TYR C 265 19.41 0.97 25.02
CA TYR C 265 19.67 -0.01 23.99
C TYR C 265 18.42 -0.64 23.42
N LEU C 266 18.56 -1.22 22.24
CA LEU C 266 17.48 -1.92 21.58
C LEU C 266 18.12 -3.25 21.25
N ALA C 267 17.63 -4.31 21.86
CA ALA C 267 18.13 -5.65 21.64
C ALA C 267 17.39 -6.15 20.44
N VAL C 268 18.10 -6.48 19.36
CA VAL C 268 17.43 -6.97 18.13
C VAL C 268 17.82 -8.40 17.72
N GLY C 269 16.96 -9.37 18.00
CA GLY C 269 17.30 -10.73 17.63
C GLY C 269 17.37 -10.90 16.13
N ALA C 270 16.54 -10.18 15.43
CA ALA C 270 16.45 -10.25 13.98
C ALA C 270 17.75 -10.02 13.23
N LEU C 271 18.65 -9.28 13.81
CA LEU C 271 19.91 -9.02 13.16
C LEU C 271 20.67 -10.30 12.83
N THR C 272 20.55 -11.31 13.70
CA THR C 272 21.26 -12.59 13.54
C THR C 272 20.39 -13.81 13.20
N HIS C 273 19.13 -13.84 13.63
CA HIS C 273 18.24 -14.92 13.17
C HIS C 273 17.51 -14.17 12.07
N SER C 274 16.75 -14.78 11.22
CA SER C 274 16.14 -13.90 10.20
C SER C 274 17.04 -12.93 9.36
N VAL C 275 18.16 -13.39 8.78
CA VAL C 275 19.00 -12.48 7.97
C VAL C 275 18.81 -12.69 6.46
N ARG C 276 18.77 -11.60 5.72
CA ARG C 276 18.62 -11.58 4.27
C ARG C 276 20.03 -11.40 3.68
N VAL C 277 20.42 -12.30 2.79
CA VAL C 277 21.74 -12.29 2.20
C VAL C 277 21.94 -11.05 1.31
N LEU C 278 23.17 -10.52 1.28
CA LEU C 278 23.49 -9.43 0.37
C LEU C 278 23.98 -10.17 -0.86
N ASP C 279 23.21 -10.12 -1.94
CA ASP C 279 23.56 -10.79 -3.19
C ASP C 279 24.86 -10.25 -3.76
N ILE C 280 25.87 -11.12 -3.85
CA ILE C 280 27.20 -10.78 -4.36
C ILE C 280 27.60 -11.91 -5.31
N GLY C 281 28.27 -11.60 -6.41
CA GLY C 281 28.66 -12.68 -7.30
C GLY C 281 30.13 -12.57 -7.63
N LEU C 282 30.70 -13.65 -8.16
CA LEU C 282 32.12 -13.68 -8.54
C LEU C 282 32.07 -13.56 -10.04
N ASP C 283 32.54 -12.42 -10.55
CA ASP C 283 32.57 -12.15 -12.00
C ASP C 283 33.95 -12.33 -12.61
N MET C 284 34.04 -13.20 -13.59
CA MET C 284 35.29 -13.52 -14.26
C MET C 284 35.27 -13.08 -15.71
N GLY D 1 13.54 -39.30 11.38
CA GLY D 1 13.45 -38.31 10.26
C GLY D 1 14.84 -38.03 9.72
N LEU D 2 15.76 -37.71 10.61
CA LEU D 2 17.13 -37.42 10.23
C LEU D 2 17.82 -38.74 9.82
N SER D 3 18.55 -38.70 8.71
CA SER D 3 19.24 -39.86 8.23
C SER D 3 20.56 -39.89 8.97
N ASP D 4 21.46 -40.76 8.53
CA ASP D 4 22.77 -40.92 9.16
C ASP D 4 23.63 -39.65 9.04
N TRP D 5 23.84 -39.21 7.81
CA TRP D 5 24.62 -38.03 7.49
C TRP D 5 24.05 -36.80 8.20
N GLU D 6 22.73 -36.73 8.29
CA GLU D 6 22.06 -35.61 8.92
C GLU D 6 22.22 -35.66 10.42
N LEU D 7 22.12 -36.86 10.98
CA LEU D 7 22.27 -37.05 12.39
C LEU D 7 23.65 -36.57 12.81
N ALA D 8 24.64 -36.88 12.00
CA ALA D 8 26.04 -36.48 12.29
C ALA D 8 26.20 -34.98 12.22
N ALA D 9 25.64 -34.37 11.18
CA ALA D 9 25.70 -32.94 10.98
C ALA D 9 25.00 -32.29 12.19
N ALA D 10 23.84 -32.81 12.55
CA ALA D 10 23.08 -32.33 13.70
C ALA D 10 23.94 -32.37 14.97
N ARG D 11 24.55 -33.51 15.29
CA ARG D 11 25.39 -33.59 16.48
C ARG D 11 26.54 -32.60 16.48
N ALA D 12 27.14 -32.42 15.31
CA ALA D 12 28.26 -31.49 15.20
C ALA D 12 27.78 -30.07 15.42
N ALA D 13 26.67 -29.72 14.82
CA ALA D 13 26.14 -28.38 14.98
C ALA D 13 25.78 -28.09 16.45
N ILE D 14 25.06 -29.03 17.11
CA ILE D 14 24.68 -28.79 18.48
C ILE D 14 25.93 -28.66 19.31
N ALA D 15 26.95 -29.45 19.00
CA ALA D 15 28.23 -29.40 19.74
C ALA D 15 28.84 -28.00 19.60
N ARG D 16 28.86 -27.48 18.39
CA ARG D 16 29.40 -26.15 18.14
C ARG D 16 28.58 -25.10 18.86
N GLY D 17 27.26 -25.27 18.86
CA GLY D 17 26.43 -24.31 19.55
C GLY D 17 26.70 -24.25 21.06
N LEU D 18 26.79 -25.42 21.67
CA LEU D 18 27.00 -25.46 23.10
C LEU D 18 28.34 -24.91 23.43
N ASP D 19 29.33 -25.18 22.61
CA ASP D 19 30.65 -24.66 22.94
C ASP D 19 30.63 -23.14 22.94
N GLU D 20 29.95 -22.56 21.95
CA GLU D 20 29.86 -21.11 21.88
C GLU D 20 29.24 -20.55 23.14
N ASP D 21 28.23 -21.24 23.67
CA ASP D 21 27.53 -20.79 24.88
C ASP D 21 28.23 -21.04 26.21
N LEU D 22 29.04 -22.09 26.28
CA LEU D 22 29.72 -22.45 27.52
C LEU D 22 31.16 -22.08 27.57
N ARG D 23 31.66 -21.48 26.49
CA ARG D 23 33.04 -21.05 26.40
C ARG D 23 33.50 -20.07 27.49
N TYR D 24 32.61 -19.23 27.99
CA TYR D 24 32.96 -18.24 29.03
C TYR D 24 32.61 -18.70 30.44
N GLY D 25 32.48 -20.01 30.64
CA GLY D 25 32.13 -20.52 31.95
C GLY D 25 30.71 -21.03 31.92
N PRO D 26 30.26 -21.68 33.00
CA PRO D 26 28.89 -22.21 33.05
C PRO D 26 27.84 -21.11 33.23
N ASP D 27 26.59 -21.55 33.15
CA ASP D 27 25.47 -20.66 33.30
C ASP D 27 25.37 -20.34 34.79
N VAL D 28 26.11 -19.34 35.22
CA VAL D 28 26.17 -18.94 36.60
C VAL D 28 24.81 -18.57 37.19
N THR D 29 23.92 -18.06 36.36
CA THR D 29 22.62 -17.69 36.89
C THR D 29 21.74 -18.88 37.23
N THR D 30 21.74 -19.94 36.41
CA THR D 30 20.92 -21.09 36.77
C THR D 30 21.56 -21.85 37.91
N LEU D 31 22.89 -21.83 37.97
CA LEU D 31 23.58 -22.48 39.08
C LEU D 31 23.16 -21.79 40.37
N ALA D 32 23.06 -20.46 40.33
CA ALA D 32 22.68 -19.70 41.51
C ALA D 32 21.20 -19.78 41.89
N THR D 33 20.32 -19.86 40.90
CA THR D 33 18.88 -19.91 41.15
C THR D 33 18.17 -21.24 41.19
N VAL D 34 18.66 -22.23 40.44
CA VAL D 34 18.00 -23.51 40.44
C VAL D 34 18.85 -24.67 40.98
N PRO D 35 18.29 -25.39 41.98
CA PRO D 35 18.97 -26.52 42.58
C PRO D 35 19.16 -27.63 41.57
N ALA D 36 20.19 -28.43 41.78
CA ALA D 36 20.51 -29.50 40.87
C ALA D 36 19.44 -30.55 40.79
N SER D 37 18.71 -30.71 41.87
CA SER D 37 17.65 -31.71 41.94
C SER D 37 16.33 -31.25 41.28
N ALA D 38 16.21 -29.98 40.93
CA ALA D 38 15.00 -29.49 40.31
C ALA D 38 14.73 -30.17 38.94
N THR D 39 13.44 -30.36 38.67
CA THR D 39 12.94 -31.00 37.47
C THR D 39 11.65 -30.31 37.05
N THR D 40 11.43 -30.13 35.74
CA THR D 40 10.19 -29.51 35.29
C THR D 40 9.71 -30.18 34.09
N THR D 41 8.51 -29.75 33.71
CA THR D 41 7.84 -30.17 32.50
C THR D 41 7.96 -28.84 31.77
N ALA D 42 8.39 -28.91 30.51
CA ALA D 42 8.57 -27.72 29.72
C ALA D 42 8.01 -28.08 28.36
N SER D 43 7.59 -27.07 27.62
CA SER D 43 7.07 -27.29 26.28
C SER D 43 7.68 -26.34 25.28
N LEU D 44 7.90 -26.82 24.06
CA LEU D 44 8.42 -25.97 23.01
C LEU D 44 7.10 -25.50 22.41
N VAL D 45 6.79 -24.21 22.46
CA VAL D 45 5.53 -23.75 21.87
C VAL D 45 5.79 -22.63 20.89
N THR D 46 5.12 -22.69 19.73
CA THR D 46 5.27 -21.67 18.70
C THR D 46 4.54 -20.40 19.07
N ARG D 47 5.10 -19.29 18.65
CA ARG D 47 4.48 -18.03 18.89
C ARG D 47 3.80 -17.67 17.59
N GLU D 48 3.98 -18.50 16.57
CA GLU D 48 3.37 -18.22 15.29
C GLU D 48 3.05 -19.47 14.53
N ALA D 49 2.26 -19.30 13.48
CA ALA D 49 1.86 -20.44 12.68
C ALA D 49 2.92 -20.77 11.67
N GLY D 50 3.05 -22.06 11.33
CA GLY D 50 4.04 -22.45 10.34
C GLY D 50 4.18 -23.94 10.22
N VAL D 51 5.29 -24.41 9.67
CA VAL D 51 5.55 -25.85 9.52
C VAL D 51 6.74 -26.21 10.42
N VAL D 52 6.59 -27.24 11.24
CA VAL D 52 7.67 -27.59 12.16
C VAL D 52 8.71 -28.51 11.56
N ALA D 53 9.99 -28.26 11.85
CA ALA D 53 11.08 -29.10 11.37
C ALA D 53 12.20 -29.01 12.37
N GLY D 54 12.91 -30.11 12.58
CA GLY D 54 14.03 -30.08 13.50
C GLY D 54 13.78 -30.51 14.93
N LEU D 55 12.60 -31.09 15.19
CA LEU D 55 12.26 -31.57 16.51
C LEU D 55 13.27 -32.61 17.02
N ASP D 56 13.78 -33.46 16.13
CA ASP D 56 14.78 -34.45 16.54
C ASP D 56 16.05 -33.72 16.95
N VAL D 57 16.31 -32.58 16.34
CA VAL D 57 17.51 -31.81 16.68
C VAL D 57 17.39 -31.26 18.10
N ALA D 58 16.16 -31.03 18.55
CA ALA D 58 15.93 -30.57 19.92
C ALA D 58 16.29 -31.72 20.84
N LEU D 59 15.84 -32.94 20.52
CA LEU D 59 16.15 -34.12 21.33
C LEU D 59 17.65 -34.40 21.38
N LEU D 60 18.35 -34.18 20.27
CA LEU D 60 19.80 -34.41 20.27
C LEU D 60 20.56 -33.45 21.17
N THR D 61 20.02 -32.24 21.34
CA THR D 61 20.63 -31.22 22.20
C THR D 61 20.54 -31.65 23.68
N LEU D 62 19.40 -32.24 24.05
CA LEU D 62 19.19 -32.72 25.40
C LEU D 62 20.11 -33.87 25.66
N ASN D 63 20.26 -34.80 24.69
CA ASN D 63 21.18 -35.96 24.79
C ASN D 63 22.58 -35.47 25.13
N GLU D 64 22.99 -34.43 24.43
CA GLU D 64 24.28 -33.84 24.67
C GLU D 64 24.37 -33.20 26.05
N VAL D 65 23.37 -32.42 26.45
CA VAL D 65 23.44 -31.72 27.73
C VAL D 65 23.07 -32.56 28.92
N LEU D 66 22.01 -33.35 28.77
CA LEU D 66 21.48 -34.21 29.84
C LEU D 66 21.80 -35.70 29.79
N GLY D 67 22.24 -36.21 28.65
CA GLY D 67 22.48 -37.63 28.55
C GLY D 67 21.23 -38.21 27.96
N THR D 68 21.37 -39.26 27.17
CA THR D 68 20.23 -39.88 26.51
C THR D 68 19.04 -40.19 27.38
N ASN D 69 19.31 -40.46 28.64
CA ASN D 69 18.24 -40.76 29.58
C ASN D 69 18.15 -39.66 30.61
N GLY D 70 18.42 -38.43 30.20
CA GLY D 70 18.38 -37.34 31.14
C GLY D 70 17.02 -36.64 31.13
N TYR D 71 16.10 -37.14 30.30
CA TYR D 71 14.79 -36.52 30.17
C TYR D 71 13.78 -37.52 29.62
N ARG D 72 12.52 -37.12 29.64
CA ARG D 72 11.43 -37.96 29.16
C ARG D 72 10.50 -37.12 28.29
N VAL D 73 10.18 -37.65 27.12
CA VAL D 73 9.30 -36.96 26.20
C VAL D 73 7.90 -37.47 26.46
N LEU D 74 7.06 -36.60 26.98
CA LEU D 74 5.69 -36.93 27.27
C LEU D 74 4.86 -36.84 26.01
N ASP D 75 5.13 -35.86 25.16
CA ASP D 75 4.37 -35.72 23.92
C ASP D 75 5.10 -34.91 22.88
N ARG D 76 4.74 -35.11 21.61
CA ARG D 76 5.35 -34.39 20.49
C ARG D 76 4.55 -34.50 19.22
N VAL D 77 4.82 -33.57 18.33
CA VAL D 77 4.18 -33.42 17.04
C VAL D 77 5.17 -34.01 16.04
N GLU D 78 4.73 -34.27 14.83
CA GLU D 78 5.66 -34.81 13.86
C GLU D 78 6.23 -33.68 13.01
N ASP D 79 7.44 -33.85 12.51
CA ASP D 79 8.06 -32.86 11.66
C ASP D 79 7.17 -32.75 10.41
N GLY D 80 6.98 -31.54 9.92
CA GLY D 80 6.15 -31.40 8.75
C GLY D 80 4.76 -31.00 9.11
N ALA D 81 4.45 -30.99 10.39
CA ALA D 81 3.14 -30.58 10.81
C ALA D 81 2.94 -29.10 10.63
N ARG D 82 1.81 -28.70 10.06
CA ARG D 82 1.44 -27.29 9.90
C ARG D 82 0.91 -26.99 11.29
N VAL D 83 1.32 -25.88 11.87
CA VAL D 83 0.98 -25.58 13.24
C VAL D 83 0.47 -24.16 13.47
N PRO D 84 -0.51 -23.99 14.36
CA PRO D 84 -1.06 -22.67 14.65
C PRO D 84 -0.27 -22.05 15.76
N PRO D 85 -0.54 -20.76 16.02
CA PRO D 85 0.14 -20.03 17.06
C PRO D 85 0.39 -20.69 18.39
N GLY D 86 -0.59 -20.94 19.23
CA GLY D 86 -0.19 -21.47 20.53
C GLY D 86 0.03 -22.98 20.61
N GLU D 87 0.52 -23.57 19.54
CA GLU D 87 0.71 -25.01 19.49
C GLU D 87 1.93 -25.58 20.25
N ALA D 88 1.69 -26.56 21.13
CA ALA D 88 2.80 -27.17 21.87
C ALA D 88 3.39 -28.22 20.95
N LEU D 89 4.63 -28.00 20.53
CA LEU D 89 5.29 -28.89 19.61
C LEU D 89 5.81 -30.11 20.29
N MET D 90 6.25 -29.92 21.52
CA MET D 90 6.85 -31.02 22.29
C MET D 90 6.79 -30.65 23.76
N THR D 91 6.46 -31.64 24.58
CA THR D 91 6.39 -31.43 26.01
C THR D 91 7.26 -32.49 26.59
N LEU D 92 8.15 -32.10 27.49
CA LEU D 92 9.06 -33.03 28.11
C LEU D 92 9.29 -32.72 29.57
N GLU D 93 9.88 -33.68 30.26
CA GLU D 93 10.19 -33.56 31.67
C GLU D 93 11.70 -33.78 31.74
N ALA D 94 12.43 -32.86 32.38
CA ALA D 94 13.87 -32.96 32.48
C ALA D 94 14.45 -32.16 33.65
N GLN D 95 15.69 -32.45 34.04
CA GLN D 95 16.32 -31.70 35.10
C GLN D 95 16.32 -30.26 34.62
N THR D 96 15.86 -29.36 35.48
CA THR D 96 15.77 -27.95 35.14
C THR D 96 17.05 -27.27 34.72
N ARG D 97 18.15 -27.57 35.40
CA ARG D 97 19.39 -26.93 35.02
C ARG D 97 19.75 -27.26 33.58
N GLY D 98 19.57 -28.52 33.19
CA GLY D 98 19.90 -28.95 31.85
C GLY D 98 19.06 -28.31 30.77
N LEU D 99 17.77 -28.15 31.03
CA LEU D 99 16.89 -27.51 30.06
C LEU D 99 17.28 -26.07 29.83
N LEU D 100 17.64 -25.36 30.90
CA LEU D 100 18.01 -23.96 30.80
C LEU D 100 19.32 -23.71 30.07
N THR D 101 20.24 -24.65 30.15
CA THR D 101 21.50 -24.51 29.47
C THR D 101 21.33 -24.87 28.01
N ALA D 102 20.50 -25.89 27.73
CA ALA D 102 20.23 -26.38 26.36
C ALA D 102 19.33 -25.46 25.53
N GLU D 103 18.41 -24.81 26.23
CA GLU D 103 17.41 -23.92 25.66
C GLU D 103 17.72 -23.10 24.41
N ARG D 104 18.64 -22.16 24.51
CA ARG D 104 18.95 -21.29 23.37
C ARG D 104 19.48 -22.02 22.15
N THR D 105 20.32 -23.02 22.37
CA THR D 105 20.88 -23.79 21.26
C THR D 105 19.75 -24.56 20.57
N MET D 106 18.90 -25.15 21.38
CA MET D 106 17.78 -25.95 20.92
C MET D 106 16.80 -25.09 20.15
N LEU D 107 16.45 -23.95 20.73
CA LEU D 107 15.51 -23.03 20.10
C LEU D 107 16.06 -22.40 18.82
N ASN D 108 17.34 -22.03 18.80
CA ASN D 108 17.96 -21.46 17.62
C ASN D 108 17.89 -22.42 16.43
N LEU D 109 18.18 -23.70 16.68
CA LEU D 109 18.15 -24.73 15.65
C LEU D 109 16.74 -25.06 15.10
N VAL D 110 15.77 -25.37 15.97
CA VAL D 110 14.44 -25.68 15.45
C VAL D 110 13.75 -24.44 14.89
N GLY D 111 14.03 -23.26 15.45
CA GLY D 111 13.47 -22.04 14.96
C GLY D 111 13.95 -21.81 13.52
N HIS D 112 15.24 -22.05 13.26
CA HIS D 112 15.81 -21.90 11.92
C HIS D 112 15.27 -22.94 10.95
N LEU D 113 15.31 -24.20 11.33
CA LEU D 113 14.82 -25.22 10.44
C LEU D 113 13.31 -25.06 10.19
N SER D 114 12.54 -24.61 11.19
CA SER D 114 11.09 -24.44 10.99
C SER D 114 10.90 -23.23 10.10
N GLY D 115 11.81 -22.29 10.18
CA GLY D 115 11.67 -21.13 9.34
C GLY D 115 11.78 -21.56 7.88
N ILE D 116 12.74 -22.42 7.60
CA ILE D 116 12.97 -22.90 6.23
C ILE D 116 11.77 -23.70 5.72
N ALA D 117 11.32 -24.69 6.50
CA ALA D 117 10.17 -25.53 6.15
C ALA D 117 8.93 -24.68 5.93
N THR D 118 8.72 -23.72 6.81
CA THR D 118 7.59 -22.83 6.70
C THR D 118 7.63 -22.07 5.36
N ALA D 119 8.77 -21.43 5.05
CA ALA D 119 8.92 -20.69 3.81
C ALA D 119 8.75 -21.54 2.59
N THR D 120 9.34 -22.74 2.59
CA THR D 120 9.20 -23.56 1.42
C THR D 120 7.79 -24.02 1.27
N ALA D 121 7.07 -24.12 2.38
CA ALA D 121 5.67 -24.55 2.33
C ALA D 121 4.84 -23.47 1.66
N ALA D 122 5.23 -22.23 1.85
CA ALA D 122 4.52 -21.13 1.25
C ALA D 122 4.76 -21.10 -0.27
N TRP D 123 5.96 -21.43 -0.73
CA TRP D 123 6.28 -21.44 -2.16
C TRP D 123 5.54 -22.55 -2.84
N VAL D 124 5.46 -23.68 -2.15
CA VAL D 124 4.78 -24.86 -2.62
C VAL D 124 3.27 -24.58 -2.79
N ASP D 125 2.67 -23.87 -1.84
CA ASP D 125 1.24 -23.57 -1.95
C ASP D 125 1.06 -22.62 -3.08
N ALA D 126 2.00 -21.68 -3.23
CA ALA D 126 1.96 -20.71 -4.32
C ALA D 126 1.87 -21.35 -5.73
N VAL D 127 2.61 -22.44 -5.94
CA VAL D 127 2.59 -23.02 -7.26
C VAL D 127 1.70 -24.20 -7.40
N ARG D 128 0.81 -24.43 -6.43
CA ARG D 128 -0.04 -25.60 -6.56
C ARG D 128 -1.03 -25.47 -7.70
N GLY D 129 -1.30 -26.63 -8.31
CA GLY D 129 -2.18 -26.72 -9.47
C GLY D 129 -1.37 -26.47 -10.73
N THR D 130 -0.07 -26.67 -10.58
CA THR D 130 0.91 -26.44 -11.62
C THR D 130 1.78 -27.67 -11.46
N LYS D 131 2.56 -28.04 -12.47
CA LYS D 131 3.41 -29.23 -12.30
C LYS D 131 4.72 -28.94 -11.62
N ALA D 132 5.05 -27.65 -11.48
CA ALA D 132 6.31 -27.20 -10.88
C ALA D 132 6.57 -27.62 -9.47
N LYS D 133 7.81 -27.97 -9.20
CA LYS D 133 8.25 -28.35 -7.87
C LYS D 133 9.27 -27.29 -7.44
N ILE D 134 9.30 -27.03 -6.15
CA ILE D 134 10.20 -26.05 -5.57
C ILE D 134 11.53 -26.75 -5.26
N ARG D 135 12.66 -26.14 -5.63
CA ARG D 135 13.97 -26.73 -5.39
C ARG D 135 14.91 -25.78 -4.69
N ASP D 136 15.77 -26.35 -3.85
CA ASP D 136 16.71 -25.52 -3.11
C ASP D 136 17.98 -25.39 -3.92
N THR D 137 19.00 -24.80 -3.31
CA THR D 137 20.27 -24.54 -3.99
C THR D 137 21.47 -24.81 -3.04
N ARG D 138 22.68 -24.56 -3.54
CA ARG D 138 23.90 -24.69 -2.72
C ARG D 138 24.18 -23.37 -1.97
N LYS D 139 23.21 -22.46 -1.98
CA LYS D 139 23.33 -21.22 -1.24
C LYS D 139 22.83 -21.55 0.16
N THR D 140 23.67 -22.30 0.89
CA THR D 140 23.41 -22.73 2.25
C THR D 140 24.46 -22.16 3.22
N LEU D 141 24.21 -22.28 4.51
CA LEU D 141 25.17 -21.78 5.50
C LEU D 141 26.17 -22.90 5.79
N PRO D 142 27.48 -22.58 5.82
CA PRO D 142 28.56 -23.56 6.09
C PRO D 142 28.36 -24.35 7.35
N GLY D 143 28.36 -25.66 7.23
CA GLY D 143 28.14 -26.48 8.41
C GLY D 143 26.68 -26.83 8.63
N LEU D 144 25.76 -26.16 7.93
CA LEU D 144 24.31 -26.44 8.10
C LEU D 144 23.62 -26.99 6.87
N ARG D 145 24.35 -27.24 5.78
CA ARG D 145 23.73 -27.77 4.56
C ARG D 145 22.77 -28.96 4.70
N ALA D 146 23.21 -30.04 5.32
CA ALA D 146 22.35 -31.23 5.45
C ALA D 146 21.05 -30.93 6.19
N LEU D 147 21.15 -30.04 7.18
CA LEU D 147 20.02 -29.63 8.02
C LEU D 147 19.11 -28.70 7.25
N GLN D 148 19.68 -27.74 6.54
CA GLN D 148 18.85 -26.85 5.75
C GLN D 148 18.19 -27.61 4.61
N LYS D 149 18.87 -28.61 4.06
CA LYS D 149 18.35 -29.42 2.94
C LYS D 149 17.22 -30.28 3.48
N TYR D 150 17.41 -30.84 4.65
CA TYR D 150 16.41 -31.65 5.31
C TYR D 150 15.13 -30.81 5.57
N ALA D 151 15.31 -29.60 6.07
CA ALA D 151 14.14 -28.76 6.35
C ALA D 151 13.33 -28.38 5.09
N VAL D 152 13.96 -28.18 3.92
CA VAL D 152 13.17 -27.82 2.73
C VAL D 152 12.37 -29.04 2.29
N ARG D 153 12.97 -30.20 2.46
CA ARG D 153 12.27 -31.43 2.12
C ARG D 153 11.02 -31.55 3.02
N THR D 154 11.18 -31.19 4.30
CA THR D 154 10.11 -31.27 5.28
C THR D 154 8.97 -30.33 4.94
N GLY D 155 9.30 -29.18 4.37
CA GLY D 155 8.29 -28.21 3.98
C GLY D 155 7.65 -28.53 2.65
N GLY D 156 8.11 -29.58 1.97
CA GLY D 156 7.52 -29.95 0.68
C GLY D 156 8.36 -29.67 -0.55
N GLY D 157 9.57 -29.15 -0.36
CA GLY D 157 10.41 -28.90 -1.49
C GLY D 157 11.25 -30.12 -1.86
N VAL D 158 12.04 -29.98 -2.90
CA VAL D 158 12.88 -31.09 -3.30
C VAL D 158 14.32 -30.62 -3.35
N ASN D 159 15.22 -31.43 -2.83
CA ASN D 159 16.63 -31.12 -2.80
C ASN D 159 17.27 -31.21 -4.18
N HIS D 160 18.15 -30.26 -4.48
CA HIS D 160 18.84 -30.24 -5.74
C HIS D 160 20.28 -30.75 -5.51
N ARG D 161 21.30 -29.96 -5.81
CA ARG D 161 22.65 -30.45 -5.64
C ARG D 161 23.11 -30.44 -4.21
N LEU D 162 23.79 -31.49 -3.78
CA LEU D 162 24.34 -31.52 -2.41
C LEU D 162 25.75 -30.98 -2.34
N GLY D 163 26.41 -30.89 -3.49
CA GLY D 163 27.77 -30.41 -3.46
C GLY D 163 28.20 -30.18 -4.86
N LEU D 164 29.50 -30.05 -5.05
CA LEU D 164 30.09 -29.79 -6.34
C LEU D 164 30.16 -30.98 -7.28
N GLY D 165 30.36 -32.20 -6.76
CA GLY D 165 30.47 -33.39 -7.60
C GLY D 165 29.20 -34.20 -7.82
N ASP D 166 28.15 -33.73 -7.18
CA ASP D 166 26.83 -34.30 -7.20
C ASP D 166 26.28 -34.52 -8.62
N ALA D 167 26.49 -33.49 -9.45
CA ALA D 167 26.00 -33.49 -10.82
C ALA D 167 26.86 -32.50 -11.57
N ALA D 168 26.76 -32.52 -12.89
CA ALA D 168 27.55 -31.62 -13.70
C ALA D 168 26.67 -30.42 -13.98
N LEU D 169 27.16 -29.22 -13.70
CA LEU D 169 26.41 -28.01 -13.96
C LEU D 169 27.31 -27.03 -14.74
N ILE D 170 26.98 -26.86 -16.01
CA ILE D 170 27.74 -26.00 -16.91
C ILE D 170 27.20 -24.58 -16.84
N LYS D 171 28.06 -23.66 -16.42
CA LYS D 171 27.71 -22.26 -16.29
C LYS D 171 28.53 -21.50 -17.27
N ASP D 172 28.35 -20.19 -17.22
CA ASP D 172 29.05 -19.24 -18.07
C ASP D 172 30.56 -19.47 -18.17
N ASN D 173 31.20 -19.65 -17.02
CA ASN D 173 32.63 -19.88 -16.97
C ASN D 173 33.07 -21.09 -17.80
N HIS D 174 32.29 -22.16 -17.72
CA HIS D 174 32.61 -23.38 -18.44
C HIS D 174 32.46 -23.27 -19.95
N VAL D 175 31.36 -22.66 -20.39
CA VAL D 175 31.05 -22.46 -21.82
C VAL D 175 32.18 -21.76 -22.57
N ALA D 176 32.70 -20.69 -21.97
CA ALA D 176 33.77 -19.90 -22.55
C ALA D 176 35.02 -20.73 -22.77
N ALA D 177 35.49 -21.36 -21.70
CA ALA D 177 36.68 -22.20 -21.72
C ALA D 177 36.59 -23.31 -22.76
N ALA D 178 35.39 -23.88 -22.88
CA ALA D 178 35.13 -24.95 -23.83
C ALA D 178 35.07 -24.36 -25.23
N GLY D 179 34.56 -23.15 -25.31
CA GLY D 179 34.41 -22.48 -26.57
C GLY D 179 32.95 -22.10 -26.67
N SER D 180 32.10 -23.11 -26.49
CA SER D 180 30.67 -22.91 -26.54
C SER D 180 29.99 -23.84 -25.54
N VAL D 181 28.70 -23.58 -25.33
CA VAL D 181 27.90 -24.35 -24.42
C VAL D 181 27.96 -25.81 -24.83
N VAL D 182 27.74 -26.11 -26.10
CA VAL D 182 27.75 -27.50 -26.55
C VAL D 182 29.10 -28.14 -26.41
N ASP D 183 30.15 -27.36 -26.54
CA ASP D 183 31.51 -27.90 -26.39
C ASP D 183 31.66 -28.34 -24.95
N ALA D 184 31.35 -27.44 -24.02
CA ALA D 184 31.43 -27.74 -22.61
C ALA D 184 30.54 -28.95 -22.33
N LEU D 185 29.35 -28.94 -22.91
CA LEU D 185 28.39 -30.01 -22.72
C LEU D 185 29.00 -31.33 -23.17
N ARG D 186 29.58 -31.32 -24.35
CA ARG D 186 30.19 -32.51 -24.89
C ARG D 186 31.39 -32.95 -24.08
N ALA D 187 32.17 -31.99 -23.62
CA ALA D 187 33.39 -32.23 -22.83
C ALA D 187 33.10 -32.94 -21.54
N VAL D 188 32.11 -32.43 -20.81
CA VAL D 188 31.71 -33.02 -19.55
C VAL D 188 31.10 -34.37 -19.81
N ARG D 189 30.30 -34.49 -20.86
CA ARG D 189 29.67 -35.76 -21.22
C ARG D 189 30.74 -36.82 -21.41
N ASN D 190 31.78 -36.43 -22.11
CA ASN D 190 32.87 -37.32 -22.40
C ASN D 190 33.74 -37.62 -21.16
N ALA D 191 33.72 -36.70 -20.18
CA ALA D 191 34.51 -36.86 -18.96
C ALA D 191 33.78 -37.55 -17.81
N ALA D 192 32.48 -37.33 -17.68
CA ALA D 192 31.67 -37.93 -16.63
C ALA D 192 30.35 -38.35 -17.26
N PRO D 193 30.38 -39.40 -18.11
CA PRO D 193 29.22 -39.92 -18.81
C PRO D 193 28.09 -40.49 -17.95
N ASP D 194 28.39 -40.78 -16.70
CA ASP D 194 27.42 -41.36 -15.78
C ASP D 194 26.77 -40.29 -14.90
N LEU D 195 27.20 -39.06 -15.08
CA LEU D 195 26.74 -37.94 -14.29
C LEU D 195 25.66 -37.08 -14.93
N PRO D 196 24.66 -36.68 -14.14
CA PRO D 196 23.54 -35.84 -14.59
C PRO D 196 24.10 -34.51 -15.14
N CYS D 197 23.78 -34.20 -16.38
CA CYS D 197 24.27 -32.99 -17.00
C CYS D 197 23.19 -31.91 -16.97
N GLU D 198 23.52 -30.79 -16.35
CA GLU D 198 22.63 -29.67 -16.23
C GLU D 198 23.35 -28.50 -16.84
N VAL D 199 22.65 -27.69 -17.62
CA VAL D 199 23.30 -26.54 -18.19
C VAL D 199 22.47 -25.28 -17.96
N GLU D 200 23.16 -24.23 -17.58
CA GLU D 200 22.57 -22.95 -17.29
C GLU D 200 22.64 -22.02 -18.49
N VAL D 201 21.50 -21.49 -18.92
CA VAL D 201 21.48 -20.58 -20.06
C VAL D 201 20.87 -19.27 -19.65
N ASP D 202 21.32 -18.19 -20.28
CA ASP D 202 20.80 -16.88 -19.95
C ASP D 202 20.15 -16.19 -21.14
N SER D 203 19.95 -16.93 -22.23
CA SER D 203 19.28 -16.34 -23.39
C SER D 203 18.54 -17.44 -24.15
N LEU D 204 17.56 -17.04 -24.95
CA LEU D 204 16.82 -18.03 -25.74
C LEU D 204 17.74 -18.60 -26.83
N GLU D 205 18.80 -17.85 -27.13
CA GLU D 205 19.77 -18.27 -28.13
C GLU D 205 20.54 -19.47 -27.59
N GLN D 206 21.05 -19.36 -26.36
CA GLN D 206 21.76 -20.47 -25.74
C GLN D 206 20.82 -21.67 -25.61
N LEU D 207 19.57 -21.39 -25.30
CA LEU D 207 18.59 -22.45 -25.16
C LEU D 207 18.50 -23.23 -26.45
N ASP D 208 18.24 -22.52 -27.55
CA ASP D 208 18.14 -23.16 -28.86
C ASP D 208 19.38 -23.98 -29.15
N ALA D 209 20.55 -23.49 -28.73
CA ALA D 209 21.79 -24.22 -28.98
C ALA D 209 21.91 -25.54 -28.21
N VAL D 210 21.54 -25.53 -26.93
CA VAL D 210 21.66 -26.74 -26.13
C VAL D 210 20.53 -27.76 -26.19
N LEU D 211 19.33 -27.33 -26.56
CA LEU D 211 18.21 -28.25 -26.63
C LEU D 211 18.47 -29.53 -27.42
N PRO D 212 19.04 -29.44 -28.62
CA PRO D 212 19.30 -30.64 -29.38
C PRO D 212 20.30 -31.56 -28.68
N GLU D 213 21.19 -31.01 -27.86
CA GLU D 213 22.16 -31.84 -27.15
C GLU D 213 21.48 -32.67 -26.10
N LYS D 214 20.24 -32.31 -25.81
CA LYS D 214 19.43 -32.99 -24.84
C LYS D 214 20.04 -33.21 -23.46
N PRO D 215 20.48 -32.12 -22.78
CA PRO D 215 21.05 -32.28 -21.44
C PRO D 215 19.86 -32.64 -20.55
N GLU D 216 20.12 -33.16 -19.36
CA GLU D 216 19.07 -33.57 -18.43
C GLU D 216 18.13 -32.41 -18.01
N LEU D 217 18.71 -31.25 -17.77
CA LEU D 217 17.97 -30.10 -17.32
C LEU D 217 18.67 -28.85 -17.78
N ILE D 218 17.88 -27.81 -18.01
CA ILE D 218 18.38 -26.51 -18.40
C ILE D 218 17.84 -25.52 -17.36
N LEU D 219 18.71 -24.70 -16.79
CA LEU D 219 18.29 -23.69 -15.86
C LEU D 219 18.13 -22.43 -16.66
N LEU D 220 16.96 -21.81 -16.58
CA LEU D 220 16.67 -20.56 -17.29
C LEU D 220 17.05 -19.41 -16.34
N ASP D 221 18.25 -18.91 -16.51
CA ASP D 221 18.76 -17.85 -15.69
C ASP D 221 18.20 -16.44 -15.97
N ASN D 222 17.36 -15.98 -15.05
CA ASN D 222 16.75 -14.67 -15.13
C ASN D 222 15.97 -14.39 -16.40
N PHE D 223 15.07 -15.28 -16.76
CA PHE D 223 14.24 -15.10 -17.95
C PHE D 223 12.97 -14.37 -17.50
N ALA D 224 12.44 -13.49 -18.35
CA ALA D 224 11.17 -12.82 -18.06
C ALA D 224 10.10 -13.88 -18.25
N VAL D 225 8.88 -13.59 -17.87
CA VAL D 225 7.87 -14.61 -18.00
C VAL D 225 7.64 -15.03 -19.44
N TRP D 226 7.61 -14.06 -20.35
CA TRP D 226 7.34 -14.32 -21.75
C TRP D 226 8.44 -15.16 -22.36
N GLN D 227 9.66 -14.99 -21.91
CA GLN D 227 10.76 -15.80 -22.41
C GLN D 227 10.69 -17.20 -21.86
N THR D 228 10.15 -17.34 -20.66
CA THR D 228 10.02 -18.67 -20.05
C THR D 228 8.96 -19.46 -20.79
N GLN D 229 7.86 -18.82 -21.10
CA GLN D 229 6.76 -19.46 -21.85
C GLN D 229 7.33 -19.97 -23.17
N THR D 230 8.10 -19.13 -23.87
CA THR D 230 8.73 -19.51 -25.13
C THR D 230 9.65 -20.71 -24.94
N ALA D 231 10.48 -20.67 -23.90
CA ALA D 231 11.43 -21.77 -23.61
C ALA D 231 10.67 -23.07 -23.41
N VAL D 232 9.54 -23.01 -22.70
CA VAL D 232 8.72 -24.19 -22.48
C VAL D 232 8.17 -24.69 -23.80
N GLN D 233 7.71 -23.78 -24.66
CA GLN D 233 7.17 -24.16 -25.99
C GLN D 233 8.25 -24.83 -26.86
N ARG D 234 9.40 -24.21 -26.97
CA ARG D 234 10.46 -24.80 -27.76
C ARG D 234 10.88 -26.14 -27.19
N ARG D 235 10.88 -26.28 -25.88
CA ARG D 235 11.28 -27.54 -25.29
C ARG D 235 10.26 -28.62 -25.66
N ASP D 236 8.99 -28.27 -25.52
CA ASP D 236 7.90 -29.21 -25.77
C ASP D 236 7.92 -29.73 -27.18
N SER D 237 8.32 -28.88 -28.10
CA SER D 237 8.34 -29.29 -29.49
C SER D 237 9.63 -29.92 -29.94
N ARG D 238 10.74 -29.51 -29.34
CA ARG D 238 12.02 -30.04 -29.75
C ARG D 238 12.68 -31.10 -28.90
N ALA D 239 12.55 -31.00 -27.60
CA ALA D 239 13.21 -31.91 -26.69
C ALA D 239 12.35 -32.12 -25.46
N PRO D 240 11.26 -32.87 -25.62
CA PRO D 240 10.31 -33.17 -24.54
C PRO D 240 10.92 -33.76 -23.28
N THR D 241 12.10 -34.38 -23.39
CA THR D 241 12.72 -34.98 -22.21
C THR D 241 13.52 -34.03 -21.34
N VAL D 242 13.89 -32.89 -21.89
CA VAL D 242 14.67 -31.88 -21.15
C VAL D 242 13.81 -31.16 -20.07
N MET D 243 14.25 -31.25 -18.82
CA MET D 243 13.54 -30.59 -17.73
C MET D 243 13.97 -29.14 -17.76
N LEU D 244 13.07 -28.26 -17.33
CA LEU D 244 13.34 -26.83 -17.33
C LEU D 244 13.21 -26.33 -15.90
N GLU D 245 14.10 -25.44 -15.49
CA GLU D 245 14.05 -24.89 -14.16
C GLU D 245 14.33 -23.41 -14.18
N SER D 246 13.42 -22.61 -13.64
CA SER D 246 13.60 -21.16 -13.58
C SER D 246 14.47 -20.81 -12.39
N SER D 247 15.43 -19.94 -12.63
CA SER D 247 16.33 -19.51 -11.60
C SER D 247 16.55 -18.02 -11.83
N GLY D 248 16.51 -17.20 -10.77
CA GLY D 248 16.73 -15.79 -10.99
C GLY D 248 15.77 -14.81 -10.37
N GLY D 249 14.99 -14.14 -11.21
CA GLY D 249 14.06 -13.14 -10.71
C GLY D 249 12.74 -13.66 -10.14
N LEU D 250 12.84 -14.62 -9.23
CA LEU D 250 11.68 -15.25 -8.61
C LEU D 250 11.39 -14.69 -7.25
N SER D 251 10.12 -14.42 -7.01
CA SER D 251 9.67 -13.92 -5.73
C SER D 251 8.37 -14.67 -5.47
N LEU D 252 7.98 -14.74 -4.21
CA LEU D 252 6.77 -15.42 -3.88
C LEU D 252 5.56 -14.79 -4.58
N GLN D 253 5.66 -13.52 -4.96
CA GLN D 253 4.53 -12.89 -5.64
C GLN D 253 4.43 -13.31 -7.12
N THR D 254 5.56 -13.60 -7.72
CA THR D 254 5.62 -13.99 -9.13
C THR D 254 5.70 -15.51 -9.36
N ALA D 255 5.97 -16.25 -8.29
CA ALA D 255 6.11 -17.69 -8.38
C ALA D 255 5.06 -18.37 -9.22
N ALA D 256 3.80 -18.12 -8.95
CA ALA D 256 2.73 -18.76 -9.70
C ALA D 256 2.75 -18.39 -11.17
N THR D 257 3.12 -17.16 -11.47
CA THR D 257 3.18 -16.71 -12.84
C THR D 257 4.20 -17.53 -13.62
N TYR D 258 5.39 -17.70 -13.05
CA TYR D 258 6.40 -18.51 -13.72
C TYR D 258 5.96 -19.97 -13.83
N ALA D 259 5.41 -20.49 -12.75
CA ALA D 259 4.98 -21.86 -12.69
C ALA D 259 3.94 -22.16 -13.76
N GLU D 260 3.06 -21.20 -13.99
CA GLU D 260 2.00 -21.37 -14.97
C GLU D 260 2.52 -21.51 -16.39
N THR D 261 3.76 -21.10 -16.64
CA THR D 261 4.33 -21.25 -17.97
C THR D 261 4.55 -22.74 -18.28
N GLY D 262 4.66 -23.55 -17.22
CA GLY D 262 4.87 -24.98 -17.40
C GLY D 262 6.31 -25.46 -17.12
N VAL D 263 7.18 -24.61 -16.58
CA VAL D 263 8.52 -25.06 -16.24
C VAL D 263 8.37 -26.15 -15.21
N ASP D 264 9.35 -27.03 -15.12
CA ASP D 264 9.29 -28.14 -14.19
C ASP D 264 9.73 -27.76 -12.76
N TYR D 265 10.65 -26.83 -12.59
CA TYR D 265 11.08 -26.48 -11.24
C TYR D 265 11.31 -25.00 -11.08
N LEU D 266 11.35 -24.59 -9.82
CA LEU D 266 11.61 -23.20 -9.45
C LEU D 266 12.75 -23.35 -8.47
N ALA D 267 13.90 -22.82 -8.83
CA ALA D 267 15.05 -22.89 -7.96
C ALA D 267 14.95 -21.69 -7.05
N VAL D 268 14.81 -21.92 -5.75
CA VAL D 268 14.70 -20.84 -4.79
C VAL D 268 15.84 -20.78 -3.76
N GLY D 269 16.81 -19.88 -4.00
CA GLY D 269 17.91 -19.77 -3.08
C GLY D 269 17.48 -19.19 -1.74
N ALA D 270 16.45 -18.34 -1.73
CA ALA D 270 15.95 -17.66 -0.53
C ALA D 270 15.49 -18.62 0.56
N LEU D 271 15.11 -19.81 0.17
CA LEU D 271 14.67 -20.78 1.15
C LEU D 271 15.78 -21.02 2.19
N THR D 272 17.03 -21.03 1.74
CA THR D 272 18.17 -21.31 2.60
C THR D 272 19.06 -20.12 3.00
N HIS D 273 19.18 -19.13 2.11
CA HIS D 273 19.93 -17.91 2.44
C HIS D 273 18.76 -17.02 2.74
N SER D 274 18.89 -15.91 3.44
CA SER D 274 17.61 -15.15 3.72
C SER D 274 16.50 -15.92 4.52
N VAL D 275 16.80 -16.62 5.60
CA VAL D 275 15.68 -17.28 6.25
C VAL D 275 15.17 -16.52 7.44
N ARG D 276 13.85 -16.57 7.65
CA ARG D 276 13.21 -15.89 8.79
C ARG D 276 12.86 -16.98 9.80
N VAL D 277 13.31 -16.81 11.02
CA VAL D 277 13.08 -17.78 12.09
C VAL D 277 11.61 -17.97 12.43
N LEU D 278 11.23 -19.18 12.83
CA LEU D 278 9.88 -19.41 13.27
C LEU D 278 10.04 -19.19 14.78
N ASP D 279 9.35 -18.22 15.32
CA ASP D 279 9.47 -17.90 16.72
C ASP D 279 8.86 -19.03 17.58
N ILE D 280 9.69 -19.67 18.38
CA ILE D 280 9.28 -20.75 19.24
C ILE D 280 9.90 -20.50 20.60
N GLY D 281 9.20 -20.86 21.66
CA GLY D 281 9.72 -20.66 22.99
C GLY D 281 9.61 -21.91 23.84
N LEU D 282 10.35 -21.91 24.94
CA LEU D 282 10.34 -23.03 25.87
C LEU D 282 9.58 -22.53 27.09
N ASP D 283 8.37 -23.03 27.26
CA ASP D 283 7.52 -22.60 28.35
C ASP D 283 7.50 -23.61 29.47
N MET D 284 7.88 -23.15 30.65
CA MET D 284 7.91 -24.00 31.83
C MET D 284 6.85 -23.50 32.81
N GLY E 1 -10.10 26.76 32.45
CA GLY E 1 -10.08 26.71 30.94
C GLY E 1 -11.50 26.75 30.37
N LEU E 2 -12.35 25.89 30.90
CA LEU E 2 -13.72 25.88 30.44
C LEU E 2 -14.38 27.15 30.95
N SER E 3 -15.19 27.78 30.11
CA SER E 3 -15.94 28.96 30.48
C SER E 3 -17.23 28.50 31.16
N ASP E 4 -18.12 29.44 31.45
CA ASP E 4 -19.38 29.11 32.10
C ASP E 4 -20.25 28.19 31.26
N TRP E 5 -20.53 28.59 30.03
CA TRP E 5 -21.35 27.77 29.15
C TRP E 5 -20.77 26.34 29.04
N GLU E 6 -19.46 26.25 28.89
CA GLU E 6 -18.76 24.98 28.78
C GLU E 6 -18.74 24.22 30.10
N LEU E 7 -18.53 24.95 31.20
CA LEU E 7 -18.48 24.35 32.54
C LEU E 7 -19.81 23.68 32.86
N ALA E 8 -20.89 24.41 32.54
CA ALA E 8 -22.25 23.95 32.75
C ALA E 8 -22.49 22.71 31.90
N ALA E 9 -22.05 22.76 30.65
CA ALA E 9 -22.20 21.62 29.74
C ALA E 9 -21.42 20.42 30.28
N ALA E 10 -20.21 20.68 30.76
CA ALA E 10 -19.35 19.64 31.33
C ALA E 10 -20.06 18.99 32.49
N ARG E 11 -20.50 19.79 33.45
CA ARG E 11 -21.23 19.27 34.60
C ARG E 11 -22.46 18.43 34.23
N ALA E 12 -23.21 18.88 33.23
CA ALA E 12 -24.40 18.15 32.80
C ALA E 12 -24.02 16.84 32.16
N ALA E 13 -22.93 16.84 31.40
CA ALA E 13 -22.48 15.61 30.77
C ALA E 13 -21.96 14.64 31.79
N ILE E 14 -21.13 15.08 32.75
CA ILE E 14 -20.58 14.13 33.74
C ILE E 14 -21.73 13.55 34.59
N ALA E 15 -22.73 14.37 34.87
CA ALA E 15 -23.90 13.92 35.62
C ALA E 15 -24.64 12.84 34.85
N ARG E 16 -24.78 13.01 33.52
CA ARG E 16 -25.45 12.01 32.71
C ARG E 16 -24.66 10.74 32.65
N GLY E 17 -23.34 10.86 32.53
CA GLY E 17 -22.52 9.66 32.47
C GLY E 17 -22.53 8.83 33.75
N LEU E 18 -22.54 9.51 34.89
CA LEU E 18 -22.56 8.82 36.18
C LEU E 18 -23.91 8.14 36.37
N ASP E 19 -24.97 8.81 35.99
CA ASP E 19 -26.29 8.19 36.14
C ASP E 19 -26.39 6.93 35.29
N GLU E 20 -25.83 6.96 34.09
CA GLU E 20 -25.84 5.78 33.23
C GLU E 20 -25.09 4.62 33.90
N ASP E 21 -24.02 4.94 34.58
CA ASP E 21 -23.19 3.92 35.22
C ASP E 21 -23.72 3.41 36.52
N LEU E 22 -24.43 4.26 37.27
CA LEU E 22 -24.95 3.87 38.58
C LEU E 22 -26.42 3.50 38.62
N ARG E 23 -27.08 3.63 37.49
CA ARG E 23 -28.48 3.31 37.37
C ARG E 23 -28.83 1.88 37.85
N TYR E 24 -27.91 0.94 37.68
CA TYR E 24 -28.18 -0.45 38.06
C TYR E 24 -27.69 -0.82 39.46
N GLY E 25 -27.33 0.21 40.23
CA GLY E 25 -26.83 -0.03 41.57
C GLY E 25 -25.39 0.38 41.63
N PRO E 26 -24.77 0.35 42.82
CA PRO E 26 -23.37 0.73 42.99
C PRO E 26 -22.40 -0.30 42.45
N ASP E 27 -21.13 0.07 42.46
CA ASP E 27 -20.11 -0.81 41.99
C ASP E 27 -19.90 -1.90 43.02
N VAL E 28 -20.75 -2.90 42.97
CA VAL E 28 -20.68 -4.02 43.88
C VAL E 28 -19.28 -4.66 44.00
N THR E 29 -18.56 -4.71 42.89
CA THR E 29 -17.24 -5.30 42.95
C THR E 29 -16.22 -4.47 43.74
N THR E 30 -16.26 -3.14 43.64
CA THR E 30 -15.29 -2.38 44.42
C THR E 30 -15.70 -2.33 45.87
N LEU E 31 -16.99 -2.45 46.11
CA LEU E 31 -17.48 -2.42 47.48
C LEU E 31 -17.00 -3.69 48.18
N ALA E 32 -17.06 -4.79 47.46
CA ALA E 32 -16.65 -6.06 48.00
C ALA E 32 -15.13 -6.18 48.11
N THR E 33 -14.38 -5.62 47.16
CA THR E 33 -12.93 -5.77 47.18
C THR E 33 -12.11 -4.67 47.82
N VAL E 34 -12.59 -3.43 47.77
CA VAL E 34 -11.81 -2.35 48.35
C VAL E 34 -12.44 -1.61 49.52
N PRO E 35 -11.68 -1.51 50.62
CA PRO E 35 -12.17 -0.84 51.82
C PRO E 35 -12.40 0.63 51.59
N ALA E 36 -13.42 1.16 52.26
CA ALA E 36 -13.74 2.57 52.15
C ALA E 36 -12.60 3.44 52.59
N SER E 37 -11.74 2.92 53.47
CA SER E 37 -10.59 3.70 53.95
C SER E 37 -9.40 3.73 53.00
N ALA E 38 -9.46 2.90 51.97
CA ALA E 38 -8.38 2.86 50.98
C ALA E 38 -8.19 4.20 50.25
N THR E 39 -6.93 4.57 50.05
CA THR E 39 -6.54 5.79 49.35
C THR E 39 -5.32 5.49 48.46
N THR E 40 -5.31 6.02 47.23
CA THR E 40 -4.18 5.84 46.31
C THR E 40 -3.79 7.10 45.59
N THR E 41 -2.69 6.94 44.85
CA THR E 41 -2.15 7.97 44.00
C THR E 41 -2.45 7.32 42.65
N ALA E 42 -3.15 8.01 41.78
CA ALA E 42 -3.47 7.46 40.48
C ALA E 42 -3.04 8.50 39.50
N SER E 43 -2.77 8.07 38.27
CA SER E 43 -2.31 8.97 37.22
C SER E 43 -3.08 8.73 35.94
N LEU E 44 -3.46 9.80 35.26
CA LEU E 44 -4.13 9.70 33.98
C LEU E 44 -2.96 9.66 33.03
N VAL E 45 -2.66 8.52 32.42
CA VAL E 45 -1.54 8.51 31.48
C VAL E 45 -1.97 8.10 30.10
N THR E 46 -1.49 8.83 29.08
CA THR E 46 -1.83 8.51 27.68
C THR E 46 -1.11 7.26 27.21
N ARG E 47 -1.79 6.47 26.40
CA ARG E 47 -1.19 5.28 25.83
C ARG E 47 -0.68 5.68 24.42
N GLU E 48 -0.99 6.90 23.98
CA GLU E 48 -0.59 7.35 22.66
C GLU E 48 -0.36 8.83 22.66
N ALA E 49 0.29 9.30 21.60
CA ALA E 49 0.61 10.70 21.49
C ALA E 49 -0.59 11.43 20.97
N GLY E 50 -0.76 12.67 21.42
CA GLY E 50 -1.89 13.43 20.97
C GLY E 50 -1.85 14.79 21.59
N VAL E 51 -2.99 15.47 21.60
CA VAL E 51 -3.11 16.80 22.20
C VAL E 51 -4.14 16.58 23.27
N VAL E 52 -3.85 17.04 24.48
CA VAL E 52 -4.76 16.84 25.59
C VAL E 52 -5.78 17.96 25.71
N ALA E 53 -7.03 17.59 26.04
CA ALA E 53 -8.13 18.53 26.21
C ALA E 53 -9.12 17.87 27.17
N GLY E 54 -9.81 18.69 27.97
CA GLY E 54 -10.81 18.17 28.88
C GLY E 54 -10.32 17.74 30.23
N LEU E 55 -9.12 18.16 30.57
CA LEU E 55 -8.59 17.81 31.88
C LEU E 55 -9.43 18.41 33.03
N ASP E 56 -10.04 19.57 32.78
CA ASP E 56 -10.89 20.19 33.79
C ASP E 56 -12.10 19.30 33.95
N VAL E 57 -12.53 18.66 32.88
CA VAL E 57 -13.68 17.77 32.94
C VAL E 57 -13.36 16.57 33.85
N ALA E 58 -12.08 16.21 33.95
CA ALA E 58 -11.69 15.10 34.82
C ALA E 58 -11.91 15.55 36.27
N LEU E 59 -11.34 16.69 36.64
CA LEU E 59 -11.50 17.23 37.98
C LEU E 59 -12.99 17.36 38.33
N LEU E 60 -13.82 17.85 37.40
CA LEU E 60 -15.26 17.99 37.65
C LEU E 60 -15.94 16.67 37.99
N THR E 61 -15.45 15.58 37.43
CA THR E 61 -16.04 14.28 37.71
C THR E 61 -15.68 13.87 39.16
N LEU E 62 -14.45 14.19 39.57
CA LEU E 62 -14.00 13.88 40.91
C LEU E 62 -14.82 14.69 41.91
N ASN E 63 -15.05 15.97 41.63
CA ASN E 63 -15.85 16.81 42.52
C ASN E 63 -17.17 16.16 42.76
N GLU E 64 -17.76 15.67 41.69
CA GLU E 64 -19.06 15.05 41.77
C GLU E 64 -19.08 13.79 42.62
N VAL E 65 -18.10 12.89 42.41
CA VAL E 65 -18.04 11.65 43.16
C VAL E 65 -17.45 11.76 44.58
N LEU E 66 -16.37 12.53 44.73
CA LEU E 66 -15.66 12.69 46.00
C LEU E 66 -15.85 14.01 46.72
N GLY E 67 -16.39 15.00 46.02
CA GLY E 67 -16.59 16.30 46.61
C GLY E 67 -15.36 17.10 46.27
N THR E 68 -15.53 18.40 46.18
CA THR E 68 -14.44 19.29 45.82
C THR E 68 -13.13 19.10 46.56
N ASN E 69 -13.22 18.71 47.83
CA ASN E 69 -12.01 18.51 48.62
C ASN E 69 -11.83 17.03 48.90
N GLY E 70 -12.33 16.19 47.99
CA GLY E 70 -12.23 14.76 48.20
C GLY E 70 -10.94 14.19 47.67
N TYR E 71 -10.12 15.04 47.09
CA TYR E 71 -8.87 14.61 46.48
C TYR E 71 -7.86 15.75 46.37
N ARG E 72 -6.61 15.40 46.08
CA ARG E 72 -5.55 16.38 45.94
C ARG E 72 -4.81 16.11 44.64
N VAL E 73 -4.64 17.15 43.83
CA VAL E 73 -3.94 17.03 42.57
C VAL E 73 -2.49 17.34 42.83
N LEU E 74 -1.66 16.32 42.69
CA LEU E 74 -0.25 16.49 42.91
C LEU E 74 0.41 17.11 41.68
N ASP E 75 -0.21 16.91 40.52
CA ASP E 75 0.35 17.44 39.27
C ASP E 75 -0.57 17.25 38.08
N ARG E 76 -0.41 18.11 37.07
CA ARG E 76 -1.19 18.05 35.86
C ARG E 76 -0.54 18.82 34.73
N VAL E 77 -0.96 18.47 33.53
CA VAL E 77 -0.46 19.07 32.31
C VAL E 77 -1.50 20.12 31.94
N GLU E 78 -1.22 20.97 30.95
CA GLU E 78 -2.20 21.99 30.58
C GLU E 78 -2.89 21.54 29.33
N ASP E 79 -4.18 21.81 29.21
CA ASP E 79 -4.92 21.47 27.96
C ASP E 79 -4.19 22.11 26.76
N GLY E 80 -4.13 21.40 25.66
CA GLY E 80 -3.47 21.91 24.50
C GLY E 80 -2.10 21.32 24.34
N ALA E 81 -1.58 20.70 25.39
CA ALA E 81 -0.24 20.12 25.33
C ALA E 81 -0.16 18.96 24.38
N ARG E 82 0.89 18.92 23.58
CA ARG E 82 1.14 17.82 22.64
C ARG E 82 1.81 16.84 23.60
N VAL E 83 1.40 15.60 23.56
CA VAL E 83 1.91 14.66 24.54
C VAL E 83 2.39 13.37 23.91
N PRO E 84 3.46 12.78 24.44
CA PRO E 84 4.00 11.53 23.91
C PRO E 84 3.35 10.38 24.66
N PRO E 85 3.50 9.16 24.16
CA PRO E 85 2.92 7.96 24.76
C PRO E 85 2.87 7.76 26.26
N GLY E 86 3.95 7.58 26.97
CA GLY E 86 3.71 7.32 28.39
C GLY E 86 3.58 8.53 29.30
N GLU E 87 2.98 9.59 28.80
CA GLU E 87 2.86 10.81 29.57
C GLU E 87 1.80 10.83 30.67
N ALA E 88 2.17 11.24 31.87
CA ALA E 88 1.23 11.35 33.00
C ALA E 88 0.56 12.69 32.83
N LEU E 89 -0.71 12.70 32.45
CA LEU E 89 -1.44 13.95 32.25
C LEU E 89 -1.82 14.61 33.57
N MET E 90 -2.06 13.81 34.59
CA MET E 90 -2.48 14.33 35.87
C MET E 90 -2.30 13.24 36.90
N THR E 91 -1.80 13.64 38.07
CA THR E 91 -1.61 12.68 39.15
C THR E 91 -2.34 13.28 40.33
N LEU E 92 -3.09 12.42 41.00
CA LEU E 92 -3.85 12.81 42.16
C LEU E 92 -3.87 11.75 43.25
N GLU E 93 -4.30 12.18 44.42
CA GLU E 93 -4.42 11.30 45.55
C GLU E 93 -5.90 11.41 45.92
N ALA E 94 -6.56 10.28 46.13
CA ALA E 94 -7.99 10.28 46.45
C ALA E 94 -8.47 8.92 47.02
N GLN E 95 -9.70 8.86 47.57
CA GLN E 95 -10.27 7.62 48.09
C GLN E 95 -10.42 6.67 46.91
N THR E 96 -9.88 5.47 47.08
CA THR E 96 -9.91 4.49 46.03
C THR E 96 -11.28 4.15 45.47
N ARG E 97 -12.27 3.91 46.32
CA ARG E 97 -13.61 3.59 45.84
C ARG E 97 -14.17 4.69 44.91
N GLY E 98 -13.88 5.94 45.27
CA GLY E 98 -14.36 7.07 44.51
C GLY E 98 -13.72 7.09 43.15
N LEU E 99 -12.40 6.92 43.10
CA LEU E 99 -11.67 6.91 41.83
C LEU E 99 -12.20 5.83 40.90
N LEU E 100 -12.39 4.62 41.41
CA LEU E 100 -12.89 3.55 40.59
C LEU E 100 -14.30 3.78 40.04
N THR E 101 -15.12 4.55 40.76
CA THR E 101 -16.47 4.79 40.29
C THR E 101 -16.44 5.89 39.27
N ALA E 102 -15.57 6.86 39.49
CA ALA E 102 -15.40 8.00 38.60
C ALA E 102 -14.75 7.64 37.27
N GLU E 103 -13.73 6.78 37.37
CA GLU E 103 -12.89 6.31 36.25
C GLU E 103 -13.42 6.32 34.81
N ARG E 104 -14.38 5.46 34.49
CA ARG E 104 -14.88 5.34 33.14
C ARG E 104 -15.50 6.62 32.61
N THR E 105 -16.33 7.26 33.41
CA THR E 105 -16.93 8.51 32.99
C THR E 105 -15.83 9.55 32.67
N MET E 106 -14.86 9.64 33.55
CA MET E 106 -13.74 10.57 33.41
C MET E 106 -12.90 10.29 32.15
N LEU E 107 -12.55 9.03 31.98
CA LEU E 107 -11.77 8.59 30.84
C LEU E 107 -12.54 8.76 29.51
N ASN E 108 -13.82 8.36 29.48
CA ASN E 108 -14.63 8.44 28.25
C ASN E 108 -14.68 9.90 27.73
N LEU E 109 -14.77 10.85 28.65
CA LEU E 109 -14.86 12.27 28.33
C LEU E 109 -13.51 12.90 27.92
N VAL E 110 -12.40 12.64 28.64
CA VAL E 110 -11.17 13.29 28.20
C VAL E 110 -10.59 12.56 26.99
N GLY E 111 -10.98 11.32 26.80
CA GLY E 111 -10.47 10.58 25.67
C GLY E 111 -11.12 11.10 24.42
N HIS E 112 -12.39 11.49 24.54
CA HIS E 112 -13.14 12.00 23.41
C HIS E 112 -12.66 13.38 23.10
N LEU E 113 -12.54 14.20 24.13
CA LEU E 113 -12.13 15.55 23.91
C LEU E 113 -10.69 15.64 23.41
N SER E 114 -9.83 14.74 23.87
CA SER E 114 -8.45 14.73 23.42
C SER E 114 -8.43 14.16 22.01
N GLY E 115 -9.38 13.27 21.74
CA GLY E 115 -9.50 12.67 20.43
C GLY E 115 -9.74 13.78 19.43
N ILE E 116 -10.71 14.67 19.70
CA ILE E 116 -11.05 15.79 18.82
C ILE E 116 -9.89 16.77 18.66
N ALA E 117 -9.26 17.16 19.78
CA ALA E 117 -8.15 18.10 19.73
C ALA E 117 -7.02 17.53 18.93
N THR E 118 -6.79 16.24 19.07
CA THR E 118 -5.71 15.57 18.36
C THR E 118 -5.93 15.63 16.83
N ALA E 119 -7.11 15.22 16.42
CA ALA E 119 -7.48 15.25 15.02
C ALA E 119 -7.42 16.66 14.46
N THR E 120 -7.93 17.65 15.18
CA THR E 120 -7.88 18.99 14.60
C THR E 120 -6.46 19.54 14.47
N ALA E 121 -5.57 19.11 15.36
CA ALA E 121 -4.20 19.57 15.30
C ALA E 121 -3.55 18.98 14.07
N ALA E 122 -4.00 17.81 13.64
CA ALA E 122 -3.42 17.20 12.45
C ALA E 122 -3.86 17.96 11.21
N TRP E 123 -5.10 18.42 11.20
CA TRP E 123 -5.63 19.17 10.08
C TRP E 123 -4.92 20.50 10.01
N VAL E 124 -4.72 21.11 11.15
CA VAL E 124 -4.06 22.39 11.22
C VAL E 124 -2.62 22.26 10.69
N ASP E 125 -1.97 21.15 10.96
CA ASP E 125 -0.63 20.98 10.43
C ASP E 125 -0.69 20.74 8.95
N ALA E 126 -1.70 20.00 8.51
CA ALA E 126 -1.83 19.67 7.12
C ALA E 126 -1.92 20.91 6.18
N VAL E 127 -2.56 21.98 6.66
CA VAL E 127 -2.72 23.16 5.81
C VAL E 127 -1.80 24.31 6.16
N ARG E 128 -0.77 24.06 6.98
CA ARG E 128 0.12 25.15 7.34
C ARG E 128 0.93 25.63 6.15
N GLY E 129 1.27 26.91 6.17
CA GLY E 129 1.98 27.48 5.05
C GLY E 129 0.97 27.95 4.00
N THR E 130 -0.32 27.82 4.35
CA THR E 130 -1.48 28.21 3.57
C THR E 130 -2.20 29.22 4.49
N LYS E 131 -3.15 29.99 3.97
CA LYS E 131 -3.85 30.95 4.86
C LYS E 131 -5.10 30.32 5.45
N ALA E 132 -5.44 29.13 5.01
CA ALA E 132 -6.66 28.50 5.43
C ALA E 132 -6.69 28.15 6.88
N LYS E 133 -7.87 28.33 7.47
CA LYS E 133 -8.15 28.01 8.87
C LYS E 133 -9.11 26.83 8.84
N ILE E 134 -8.94 25.91 9.78
CA ILE E 134 -9.78 24.70 9.92
C ILE E 134 -10.96 25.09 10.77
N ARG E 135 -12.17 24.91 10.26
CA ARG E 135 -13.35 25.29 11.00
C ARG E 135 -14.22 24.09 11.26
N ASP E 136 -14.97 24.12 12.35
CA ASP E 136 -15.86 23.03 12.64
C ASP E 136 -17.25 23.28 12.06
N THR E 137 -18.19 22.39 12.38
CA THR E 137 -19.56 22.45 11.91
C THR E 137 -20.60 22.20 13.03
N ARG E 138 -21.87 22.14 12.64
CA ARG E 138 -22.96 21.86 13.59
C ARG E 138 -23.16 20.37 13.68
N LYS E 139 -22.31 19.63 12.98
CA LYS E 139 -22.35 18.17 12.98
C LYS E 139 -21.70 17.70 14.28
N THR E 140 -22.39 17.95 15.38
CA THR E 140 -21.91 17.59 16.71
C THR E 140 -22.86 16.60 17.42
N LEU E 141 -22.39 15.91 18.44
CA LEU E 141 -23.23 14.97 19.18
C LEU E 141 -24.12 15.75 20.15
N PRO E 142 -25.41 15.42 20.22
CA PRO E 142 -26.39 16.07 21.09
C PRO E 142 -25.98 16.11 22.55
N GLY E 143 -25.91 17.31 23.10
CA GLY E 143 -25.51 17.45 24.50
C GLY E 143 -24.01 17.67 24.69
N LEU E 144 -23.23 17.49 23.63
CA LEU E 144 -21.78 17.65 23.71
C LEU E 144 -21.19 18.78 22.83
N ARG E 145 -22.04 19.58 22.18
CA ARG E 145 -21.56 20.64 21.31
C ARG E 145 -20.53 21.59 21.91
N ALA E 146 -20.86 22.21 23.04
CA ALA E 146 -19.93 23.16 23.66
C ALA E 146 -18.58 22.53 23.95
N LEU E 147 -18.61 21.28 24.42
CA LEU E 147 -17.40 20.54 24.74
C LEU E 147 -16.64 20.17 23.48
N GLN E 148 -17.35 19.69 22.46
CA GLN E 148 -16.72 19.37 21.18
C GLN E 148 -16.17 20.59 20.49
N LYS E 149 -16.84 21.73 20.66
CA LYS E 149 -16.44 23.00 20.06
C LYS E 149 -15.21 23.51 20.82
N TYR E 150 -15.21 23.28 22.12
CA TYR E 150 -14.08 23.68 22.97
C TYR E 150 -12.80 22.93 22.58
N ALA E 151 -12.93 21.63 22.32
CA ALA E 151 -11.82 20.78 21.94
C ALA E 151 -11.24 21.08 20.58
N VAL E 152 -12.03 21.51 19.60
CA VAL E 152 -11.42 21.80 18.29
C VAL E 152 -10.55 23.05 18.44
N ARG E 153 -11.04 24.01 19.22
CA ARG E 153 -10.32 25.24 19.48
C ARG E 153 -8.97 24.92 20.14
N THR E 154 -9.01 24.00 21.09
CA THR E 154 -7.81 23.59 21.78
C THR E 154 -6.80 22.95 20.78
N GLY E 155 -7.31 22.29 19.74
CA GLY E 155 -6.41 21.68 18.79
C GLY E 155 -5.91 22.65 17.74
N GLY E 156 -6.41 23.89 17.80
CA GLY E 156 -6.02 24.91 16.83
C GLY E 156 -7.05 25.24 15.75
N GLY E 157 -8.26 24.71 15.85
CA GLY E 157 -9.26 24.98 14.85
C GLY E 157 -10.03 26.18 15.30
N VAL E 158 -10.97 26.62 14.48
CA VAL E 158 -11.76 27.77 14.84
C VAL E 158 -13.22 27.37 14.78
N ASN E 159 -14.01 27.85 15.74
CA ASN E 159 -15.42 27.50 15.81
C ASN E 159 -16.23 28.28 14.82
N HIS E 160 -17.16 27.62 14.16
CA HIS E 160 -17.99 28.33 13.21
C HIS E 160 -19.36 28.66 13.83
N ARG E 161 -20.43 27.97 13.42
CA ARG E 161 -21.75 28.29 13.96
C ARG E 161 -22.03 27.50 15.26
N LEU E 162 -22.65 28.15 16.23
CA LEU E 162 -22.96 27.45 17.47
C LEU E 162 -24.38 26.93 17.44
N GLY E 163 -25.20 27.55 16.58
CA GLY E 163 -26.58 27.12 16.44
C GLY E 163 -27.20 27.73 15.21
N LEU E 164 -28.50 27.52 15.06
CA LEU E 164 -29.30 28.01 13.95
C LEU E 164 -29.44 29.54 13.80
N GLY E 165 -29.65 30.26 14.91
CA GLY E 165 -29.84 31.72 14.86
C GLY E 165 -28.56 32.55 14.94
N ASP E 166 -27.46 31.83 14.93
CA ASP E 166 -26.12 32.33 15.00
C ASP E 166 -25.76 33.23 13.80
N ALA E 167 -26.12 32.80 12.60
CA ALA E 167 -25.83 33.54 11.38
C ALA E 167 -26.86 33.09 10.36
N ALA E 168 -27.03 33.81 9.26
CA ALA E 168 -28.03 33.37 8.26
C ALA E 168 -27.34 32.52 7.23
N LEU E 169 -27.77 31.28 7.06
CA LEU E 169 -27.13 30.42 6.08
C LEU E 169 -28.16 30.00 5.07
N ILE E 170 -27.97 30.43 3.84
CA ILE E 170 -28.90 30.08 2.79
C ILE E 170 -28.42 28.82 2.10
N LYS E 171 -29.29 27.82 2.07
CA LYS E 171 -29.01 26.55 1.42
C LYS E 171 -30.03 26.38 0.30
N ASP E 172 -29.93 25.23 -0.35
CA ASP E 172 -30.81 24.80 -1.45
C ASP E 172 -32.30 24.98 -1.20
N ASN E 173 -32.76 24.52 -0.04
CA ASN E 173 -34.16 24.61 0.38
C ASN E 173 -34.67 26.06 0.34
N HIS E 174 -33.89 26.97 0.91
CA HIS E 174 -34.25 28.38 0.97
C HIS E 174 -34.23 28.98 -0.41
N VAL E 175 -33.23 28.60 -1.21
CA VAL E 175 -33.07 29.05 -2.58
C VAL E 175 -34.33 28.74 -3.38
N ALA E 176 -34.80 27.49 -3.23
CA ALA E 176 -36.00 26.98 -3.91
C ALA E 176 -37.23 27.81 -3.57
N ALA E 177 -37.51 27.90 -2.28
CA ALA E 177 -38.64 28.66 -1.75
C ALA E 177 -38.60 30.10 -2.26
N ALA E 178 -37.40 30.69 -2.24
CA ALA E 178 -37.22 32.07 -2.70
C ALA E 178 -37.35 32.14 -4.19
N GLY E 179 -37.01 31.06 -4.85
CA GLY E 179 -37.07 31.02 -6.28
C GLY E 179 -35.65 30.73 -6.70
N SER E 180 -34.74 31.60 -6.27
CA SER E 180 -33.34 31.43 -6.62
C SER E 180 -32.47 31.80 -5.43
N VAL E 181 -31.18 31.51 -5.58
CA VAL E 181 -30.18 31.80 -4.55
C VAL E 181 -30.18 33.28 -4.24
N VAL E 182 -30.17 34.12 -5.28
CA VAL E 182 -30.14 35.56 -5.07
C VAL E 182 -31.45 36.08 -4.49
N ASP E 183 -32.54 35.40 -4.79
CA ASP E 183 -33.83 35.78 -4.24
C ASP E 183 -33.77 35.59 -2.72
N ALA E 184 -33.38 34.39 -2.31
CA ALA E 184 -33.24 34.05 -0.89
C ALA E 184 -32.26 35.00 -0.24
N LEU E 185 -31.14 35.28 -0.91
CA LEU E 185 -30.10 36.14 -0.36
C LEU E 185 -30.68 37.49 0.01
N ARG E 186 -31.37 38.09 -0.95
CA ARG E 186 -31.97 39.40 -0.78
C ARG E 186 -33.05 39.37 0.29
N ALA E 187 -33.87 38.31 0.26
CA ALA E 187 -34.95 38.14 1.21
C ALA E 187 -34.42 38.21 2.66
N VAL E 188 -33.42 37.39 2.93
CA VAL E 188 -32.83 37.32 4.25
C VAL E 188 -32.14 38.60 4.62
N ARG E 189 -31.50 39.24 3.65
CA ARG E 189 -30.81 40.49 3.89
C ARG E 189 -31.82 41.50 4.36
N ASN E 190 -32.97 41.51 3.70
CA ASN E 190 -34.03 42.43 4.03
C ASN E 190 -34.74 42.07 5.34
N ALA E 191 -34.72 40.80 5.71
CA ALA E 191 -35.38 40.37 6.94
C ALA E 191 -34.48 40.39 8.20
N ALA E 192 -33.18 40.19 8.04
CA ALA E 192 -32.25 40.20 9.17
C ALA E 192 -30.98 40.85 8.69
N PRO E 193 -31.04 42.16 8.45
CA PRO E 193 -29.92 42.96 7.97
C PRO E 193 -28.67 43.00 8.88
N ASP E 194 -28.84 42.69 10.16
CA ASP E 194 -27.74 42.72 11.13
C ASP E 194 -27.06 41.38 11.31
N LEU E 195 -27.45 40.41 10.52
CA LEU E 195 -26.90 39.07 10.66
C LEU E 195 -25.95 38.71 9.52
N PRO E 196 -24.88 37.96 9.84
CA PRO E 196 -23.87 37.51 8.88
C PRO E 196 -24.58 36.59 7.89
N CYS E 197 -24.44 36.90 6.61
CA CYS E 197 -25.10 36.14 5.57
C CYS E 197 -24.11 35.17 4.92
N GLU E 198 -24.44 33.88 4.99
CA GLU E 198 -23.61 32.83 4.45
C GLU E 198 -24.44 32.05 3.49
N VAL E 199 -23.92 31.88 2.28
CA VAL E 199 -24.67 31.14 1.29
C VAL E 199 -23.90 29.94 0.81
N GLU E 200 -24.62 28.85 0.68
CA GLU E 200 -24.06 27.59 0.24
C GLU E 200 -24.36 27.38 -1.26
N VAL E 201 -23.31 27.13 -2.04
CA VAL E 201 -23.46 26.89 -3.46
C VAL E 201 -22.80 25.56 -3.84
N ASP E 202 -23.36 24.90 -4.85
CA ASP E 202 -22.82 23.62 -5.32
C ASP E 202 -22.41 23.64 -6.78
N SER E 203 -22.27 24.80 -7.38
CA SER E 203 -21.85 24.88 -8.78
C SER E 203 -21.22 26.23 -9.02
N LEU E 204 -20.40 26.32 -10.05
CA LEU E 204 -19.79 27.60 -10.33
C LEU E 204 -20.85 28.57 -10.86
N GLU E 205 -22.00 28.03 -11.30
CA GLU E 205 -23.08 28.86 -11.81
C GLU E 205 -23.73 29.62 -10.65
N GLN E 206 -24.04 28.92 -9.54
CA GLN E 206 -24.65 29.59 -8.37
C GLN E 206 -23.64 30.54 -7.79
N LEU E 207 -22.36 30.18 -7.87
CA LEU E 207 -21.31 31.03 -7.35
C LEU E 207 -21.35 32.37 -8.06
N ASP E 208 -21.24 32.36 -9.38
CA ASP E 208 -21.29 33.61 -10.15
C ASP E 208 -22.52 34.44 -9.81
N ALA E 209 -23.67 33.79 -9.57
CA ALA E 209 -24.90 34.50 -9.26
C ALA E 209 -24.87 35.23 -7.95
N VAL E 210 -24.34 34.58 -6.92
CA VAL E 210 -24.27 35.22 -5.61
C VAL E 210 -23.10 36.18 -5.35
N LEU E 211 -21.98 35.98 -6.03
CA LEU E 211 -20.81 36.84 -5.83
C LEU E 211 -21.09 38.34 -5.85
N PRO E 212 -21.83 38.84 -6.83
CA PRO E 212 -22.11 40.28 -6.86
C PRO E 212 -22.93 40.76 -5.63
N GLU E 213 -23.76 39.87 -5.11
CA GLU E 213 -24.58 40.18 -3.95
C GLU E 213 -23.72 40.42 -2.73
N LYS E 214 -22.47 39.98 -2.82
CA LYS E 214 -21.49 40.11 -1.76
C LYS E 214 -21.89 39.59 -0.38
N PRO E 215 -22.17 38.28 -0.27
CA PRO E 215 -22.53 37.76 1.06
C PRO E 215 -21.25 37.69 1.88
N GLU E 216 -21.37 37.54 3.18
CA GLU E 216 -20.20 37.48 4.04
C GLU E 216 -19.31 36.29 3.70
N LEU E 217 -19.94 35.15 3.44
CA LEU E 217 -19.22 33.92 3.19
C LEU E 217 -19.99 33.07 2.25
N ILE E 218 -19.26 32.34 1.40
CA ILE E 218 -19.89 31.38 0.49
C ILE E 218 -19.32 29.98 0.85
N LEU E 219 -20.16 28.96 0.93
CA LEU E 219 -19.70 27.61 1.22
C LEU E 219 -19.70 26.82 -0.09
N LEU E 220 -18.52 26.38 -0.51
CA LEU E 220 -18.37 25.65 -1.74
C LEU E 220 -18.68 24.24 -1.40
N ASP E 221 -19.89 23.82 -1.72
CA ASP E 221 -20.35 22.48 -1.40
C ASP E 221 -19.94 21.41 -2.41
N ASN E 222 -19.01 20.55 -1.99
CA ASN E 222 -18.48 19.45 -2.82
C ASN E 222 -17.90 19.86 -4.17
N PHE E 223 -16.98 20.82 -4.16
CA PHE E 223 -16.31 21.29 -5.36
C PHE E 223 -15.01 20.48 -5.53
N ALA E 224 -14.66 20.17 -6.77
CA ALA E 224 -13.41 19.50 -7.08
C ALA E 224 -12.30 20.54 -6.82
N VAL E 225 -11.02 20.16 -6.67
CA VAL E 225 -10.01 21.16 -6.41
C VAL E 225 -9.94 22.22 -7.50
N TRP E 226 -10.06 21.81 -8.77
CA TRP E 226 -10.02 22.76 -9.91
C TRP E 226 -11.13 23.78 -9.87
N GLN E 227 -12.32 23.37 -9.44
CA GLN E 227 -13.45 24.27 -9.33
C GLN E 227 -13.26 25.20 -8.17
N THR E 228 -12.56 24.74 -7.15
CA THR E 228 -12.27 25.56 -5.97
C THR E 228 -11.25 26.64 -6.40
N GLN E 229 -10.25 26.24 -7.16
CA GLN E 229 -9.25 27.17 -7.66
C GLN E 229 -9.93 28.28 -8.43
N THR E 230 -10.89 27.90 -9.27
CA THR E 230 -11.67 28.85 -10.09
C THR E 230 -12.51 29.79 -9.22
N ALA E 231 -13.19 29.23 -8.22
CA ALA E 231 -14.01 30.02 -7.30
C ALA E 231 -13.16 31.10 -6.62
N VAL E 232 -11.98 30.71 -6.17
CA VAL E 232 -11.10 31.67 -5.52
C VAL E 232 -10.72 32.78 -6.49
N GLN E 233 -10.33 32.42 -7.71
CA GLN E 233 -9.96 33.42 -8.74
C GLN E 233 -11.11 34.37 -9.05
N ARG E 234 -12.31 33.84 -9.19
CA ARG E 234 -13.47 34.69 -9.48
C ARG E 234 -13.78 35.60 -8.35
N ARG E 235 -13.60 35.11 -7.13
CA ARG E 235 -13.87 35.88 -5.92
C ARG E 235 -12.85 37.00 -5.81
N ASP E 236 -11.60 36.67 -6.08
CA ASP E 236 -10.53 37.63 -6.01
C ASP E 236 -10.71 38.79 -6.97
N SER E 237 -11.28 38.50 -8.13
CA SER E 237 -11.50 39.53 -9.13
C SER E 237 -12.84 40.25 -9.01
N ARG E 238 -13.88 39.57 -8.55
CA ARG E 238 -15.17 40.23 -8.48
C ARG E 238 -15.70 40.66 -7.11
N ALA E 239 -15.33 39.95 -6.05
CA ALA E 239 -15.83 40.31 -4.73
C ALA E 239 -14.80 39.89 -3.71
N PRO E 240 -13.70 40.65 -3.62
CA PRO E 240 -12.59 40.38 -2.70
C PRO E 240 -12.98 40.25 -1.24
N THR E 241 -14.13 40.81 -0.87
CA THR E 241 -14.59 40.75 0.54
C THR E 241 -15.25 39.46 0.97
N VAL E 242 -15.77 38.71 0.01
CA VAL E 242 -16.46 37.46 0.27
C VAL E 242 -15.48 36.37 0.68
N MET E 243 -15.72 35.76 1.84
CA MET E 243 -14.90 34.68 2.34
C MET E 243 -15.38 33.41 1.66
N LEU E 244 -14.47 32.47 1.42
CA LEU E 244 -14.79 31.21 0.76
C LEU E 244 -14.45 30.05 1.72
N GLU E 245 -15.35 29.08 1.80
CA GLU E 245 -15.15 27.96 2.66
C GLU E 245 -15.46 26.66 1.96
N SER E 246 -14.50 25.73 1.94
CA SER E 246 -14.67 24.43 1.31
C SER E 246 -15.41 23.51 2.27
N SER E 247 -16.39 22.80 1.74
CA SER E 247 -17.20 21.90 2.55
C SER E 247 -17.58 20.68 1.74
N GLY E 248 -17.34 19.48 2.27
CA GLY E 248 -17.74 18.32 1.50
C GLY E 248 -16.70 17.25 1.31
N GLY E 249 -16.04 17.26 0.16
CA GLY E 249 -15.09 16.19 -0.12
C GLY E 249 -13.70 16.31 0.44
N LEU E 250 -13.62 16.67 1.71
CA LEU E 250 -12.33 16.87 2.32
C LEU E 250 -11.85 15.72 3.15
N SER E 251 -10.57 15.41 2.99
CA SER E 251 -9.96 14.34 3.75
C SER E 251 -8.61 14.90 4.13
N LEU E 252 -8.03 14.36 5.20
CA LEU E 252 -6.75 14.84 5.66
C LEU E 252 -5.66 14.72 4.59
N GLN E 253 -5.86 13.83 3.63
CA GLN E 253 -4.87 13.65 2.56
C GLN E 253 -5.00 14.74 1.50
N THR E 254 -6.23 15.23 1.32
CA THR E 254 -6.52 16.26 0.32
C THR E 254 -6.57 17.69 0.89
N ALA E 255 -6.52 17.80 2.20
CA ALA E 255 -6.58 19.10 2.86
C ALA E 255 -5.64 20.15 2.30
N ALA E 256 -4.37 19.81 2.16
CA ALA E 256 -3.42 20.78 1.65
C ALA E 256 -3.75 21.20 0.23
N THR E 257 -4.23 20.26 -0.56
CA THR E 257 -4.58 20.53 -1.95
C THR E 257 -5.68 21.58 -2.03
N TYR E 258 -6.71 21.40 -1.23
CA TYR E 258 -7.77 22.37 -1.22
C TYR E 258 -7.24 23.69 -0.65
N ALA E 259 -6.54 23.63 0.46
CA ALA E 259 -5.98 24.85 1.04
C ALA E 259 -5.09 25.60 0.07
N GLU E 260 -4.37 24.89 -0.78
CA GLU E 260 -3.48 25.56 -1.69
C GLU E 260 -4.20 26.41 -2.72
N THR E 261 -5.47 26.15 -2.93
CA THR E 261 -6.23 26.92 -3.90
C THR E 261 -6.39 28.37 -3.40
N GLY E 262 -6.27 28.57 -2.08
CA GLY E 262 -6.43 29.90 -1.53
C GLY E 262 -7.73 30.16 -0.76
N VAL E 263 -8.57 29.15 -0.60
CA VAL E 263 -9.79 29.34 0.20
C VAL E 263 -9.37 29.78 1.61
N ASP E 264 -10.27 30.47 2.28
CA ASP E 264 -10.03 30.97 3.60
C ASP E 264 -10.25 29.95 4.70
N TYR E 265 -11.17 29.01 4.50
CA TYR E 265 -11.48 28.05 5.50
C TYR E 265 -11.80 26.71 4.93
N LEU E 266 -11.65 25.68 5.76
CA LEU E 266 -11.97 24.33 5.40
C LEU E 266 -12.94 23.91 6.48
N ALA E 267 -14.19 23.63 6.11
CA ALA E 267 -15.17 23.19 7.10
C ALA E 267 -15.02 21.67 7.22
N VAL E 268 -14.61 21.17 8.40
CA VAL E 268 -14.40 19.73 8.57
C VAL E 268 -15.36 19.13 9.54
N GLY E 269 -16.41 18.52 9.04
CA GLY E 269 -17.39 17.92 9.92
C GLY E 269 -16.79 16.78 10.71
N ALA E 270 -15.82 16.10 10.11
CA ALA E 270 -15.21 14.92 10.71
C ALA E 270 -14.59 15.12 12.04
N LEU E 271 -14.23 16.35 12.34
CA LEU E 271 -13.61 16.69 13.61
C LEU E 271 -14.54 16.33 14.78
N THR E 272 -15.84 16.55 14.61
CA THR E 272 -16.84 16.31 15.66
C THR E 272 -17.73 15.05 15.48
N HIS E 273 -18.01 14.66 14.24
CA HIS E 273 -18.74 13.40 14.01
C HIS E 273 -17.56 12.50 13.66
N SER E 274 -17.64 11.20 13.66
CA SER E 274 -16.36 10.51 13.30
C SER E 274 -15.08 10.80 14.15
N VAL E 275 -15.14 10.76 15.46
CA VAL E 275 -13.89 11.02 16.20
C VAL E 275 -13.25 9.75 16.76
N ARG E 276 -11.92 9.68 16.75
CA ARG E 276 -11.21 8.52 17.25
C ARG E 276 -10.65 8.90 18.62
N VAL E 277 -11.03 8.14 19.64
CA VAL E 277 -10.64 8.43 21.00
C VAL E 277 -9.13 8.44 21.20
N LEU E 278 -8.63 9.27 22.10
CA LEU E 278 -7.21 9.23 22.46
C LEU E 278 -7.22 8.20 23.61
N ASP E 279 -6.44 7.15 23.50
CA ASP E 279 -6.45 6.12 24.52
C ASP E 279 -5.71 6.56 25.75
N ILE E 280 -6.42 6.70 26.84
CA ILE E 280 -5.83 7.14 28.11
C ILE E 280 -6.28 6.18 29.18
N GLY E 281 -5.41 5.89 30.15
CA GLY E 281 -5.83 4.98 31.21
C GLY E 281 -5.56 5.60 32.56
N LEU E 282 -6.20 5.07 33.59
CA LEU E 282 -6.02 5.56 34.97
C LEU E 282 -5.15 4.49 35.59
N ASP E 283 -3.91 4.83 35.90
CA ASP E 283 -2.99 3.87 36.48
C ASP E 283 -2.82 4.13 37.95
N MET E 284 -3.06 3.09 38.73
CA MET E 284 -2.94 3.16 40.18
C MET E 284 -1.85 2.20 40.63
N GLY F 1 -38.64 -0.60 18.27
CA GLY F 1 -37.25 -1.12 18.48
C GLY F 1 -36.67 -0.61 19.78
N LEU F 2 -36.84 0.69 19.99
CA LEU F 2 -36.36 1.32 21.22
C LEU F 2 -37.26 0.87 22.38
N SER F 3 -36.66 0.56 23.51
CA SER F 3 -37.43 0.13 24.65
C SER F 3 -37.86 1.40 25.37
N ASP F 4 -38.42 1.25 26.56
CA ASP F 4 -38.87 2.39 27.37
C ASP F 4 -37.64 3.22 27.77
N TRP F 5 -36.64 2.51 28.24
CA TRP F 5 -35.37 3.10 28.68
C TRP F 5 -34.69 3.81 27.49
N GLU F 6 -34.66 3.18 26.31
CA GLU F 6 -34.03 3.79 25.14
C GLU F 6 -34.86 4.92 24.56
N LEU F 7 -36.18 4.79 24.66
CA LEU F 7 -37.06 5.83 24.15
C LEU F 7 -36.83 7.07 25.03
N ALA F 8 -36.76 6.85 26.34
CA ALA F 8 -36.53 7.94 27.29
C ALA F 8 -35.18 8.62 27.04
N ALA F 9 -34.17 7.81 26.77
CA ALA F 9 -32.84 8.29 26.52
C ALA F 9 -32.86 9.10 25.24
N ALA F 10 -33.52 8.55 24.24
CA ALA F 10 -33.63 9.22 22.93
C ALA F 10 -34.29 10.59 23.05
N ARG F 11 -35.41 10.69 23.77
CA ARG F 11 -36.10 11.97 23.95
C ARG F 11 -35.23 12.97 24.72
N ALA F 12 -34.45 12.49 25.68
CA ALA F 12 -33.59 13.38 26.44
C ALA F 12 -32.43 13.91 25.59
N ALA F 13 -31.86 13.04 24.76
CA ALA F 13 -30.78 13.47 23.90
C ALA F 13 -31.32 14.46 22.86
N ILE F 14 -32.45 14.15 22.19
CA ILE F 14 -32.96 15.08 21.16
C ILE F 14 -33.31 16.42 21.78
N ALA F 15 -33.89 16.40 22.98
CA ALA F 15 -34.23 17.65 23.63
C ALA F 15 -32.96 18.44 23.82
N ARG F 16 -31.85 17.78 24.16
CA ARG F 16 -30.55 18.45 24.33
C ARG F 16 -30.00 18.99 23.02
N GLY F 17 -30.14 18.18 21.98
CA GLY F 17 -29.69 18.57 20.65
C GLY F 17 -30.41 19.79 20.15
N LEU F 18 -31.74 19.83 20.25
CA LEU F 18 -32.53 20.97 19.78
C LEU F 18 -32.24 22.24 20.54
N ASP F 19 -31.96 22.10 21.83
CA ASP F 19 -31.68 23.28 22.64
C ASP F 19 -30.36 23.93 22.22
N GLU F 20 -29.37 23.11 21.93
CA GLU F 20 -28.10 23.63 21.48
C GLU F 20 -28.32 24.39 20.16
N ASP F 21 -29.22 23.88 19.34
CA ASP F 21 -29.49 24.49 18.03
C ASP F 21 -30.33 25.74 18.06
N LEU F 22 -31.25 25.80 19.03
CA LEU F 22 -32.16 26.92 19.14
C LEU F 22 -31.83 27.92 20.21
N ARG F 23 -30.75 27.69 20.90
CA ARG F 23 -30.31 28.57 21.96
C ARG F 23 -30.05 30.02 21.47
N TYR F 24 -29.64 30.17 20.21
CA TYR F 24 -29.29 31.51 19.72
C TYR F 24 -30.37 32.19 18.89
N GLY F 25 -31.58 31.68 18.90
CA GLY F 25 -32.61 32.31 18.11
C GLY F 25 -33.10 31.31 17.07
N PRO F 26 -34.25 31.58 16.43
CA PRO F 26 -34.80 30.67 15.44
C PRO F 26 -34.05 30.77 14.14
N ASP F 27 -34.42 29.91 13.22
CA ASP F 27 -33.76 29.90 11.93
C ASP F 27 -34.32 31.04 11.11
N VAL F 28 -33.70 32.20 11.26
CA VAL F 28 -34.13 33.40 10.57
C VAL F 28 -34.21 33.30 9.05
N THR F 29 -33.38 32.46 8.46
CA THR F 29 -33.41 32.35 7.02
C THR F 29 -34.62 31.58 6.50
N THR F 30 -35.07 30.53 7.20
CA THR F 30 -36.26 29.79 6.74
C THR F 30 -37.50 30.62 7.06
N LEU F 31 -37.43 31.42 8.12
CA LEU F 31 -38.55 32.29 8.49
C LEU F 31 -38.73 33.30 7.37
N ALA F 32 -37.61 33.80 6.85
CA ALA F 32 -37.64 34.77 5.78
C ALA F 32 -37.99 34.18 4.41
N THR F 33 -37.57 32.96 4.13
CA THR F 33 -37.83 32.37 2.83
C THR F 33 -38.99 31.39 2.68
N VAL F 34 -39.42 30.76 3.78
CA VAL F 34 -40.50 29.79 3.70
C VAL F 34 -41.65 30.05 4.68
N PRO F 35 -42.88 30.13 4.17
CA PRO F 35 -44.09 30.37 4.96
C PRO F 35 -44.45 29.23 5.90
N ALA F 36 -45.05 29.58 7.03
CA ALA F 36 -45.48 28.63 8.05
C ALA F 36 -46.44 27.57 7.51
N SER F 37 -47.24 27.95 6.52
CA SER F 37 -48.20 27.02 5.96
C SER F 37 -47.59 25.98 4.99
N ALA F 38 -46.33 26.17 4.64
CA ALA F 38 -45.65 25.28 3.72
C ALA F 38 -45.50 23.87 4.27
N THR F 39 -45.55 22.90 3.38
CA THR F 39 -45.46 21.51 3.70
C THR F 39 -44.75 20.77 2.57
N THR F 40 -43.85 19.86 2.91
CA THR F 40 -43.15 19.08 1.89
C THR F 40 -43.05 17.62 2.23
N THR F 41 -42.57 16.88 1.24
CA THR F 41 -42.28 15.48 1.36
C THR F 41 -40.76 15.57 1.34
N ALA F 42 -40.11 14.92 2.27
CA ALA F 42 -38.68 14.95 2.34
C ALA F 42 -38.24 13.53 2.60
N SER F 43 -37.03 13.21 2.17
CA SER F 43 -36.51 11.87 2.42
C SER F 43 -35.15 11.87 3.09
N LEU F 44 -34.93 10.92 4.00
CA LEU F 44 -33.65 10.78 4.62
C LEU F 44 -32.99 9.82 3.66
N VAL F 45 -31.97 10.23 2.90
CA VAL F 45 -31.31 9.29 1.98
C VAL F 45 -29.82 9.19 2.25
N THR F 46 -29.29 7.97 2.24
CA THR F 46 -27.87 7.78 2.51
C THR F 46 -27.03 8.23 1.34
N ARG F 47 -25.81 8.63 1.64
CA ARG F 47 -24.89 9.03 0.62
C ARG F 47 -23.92 7.86 0.54
N GLU F 48 -24.04 6.90 1.42
CA GLU F 48 -23.15 5.78 1.39
C GLU F 48 -23.81 4.54 1.92
N ALA F 49 -23.21 3.40 1.61
CA ALA F 49 -23.70 2.09 2.02
C ALA F 49 -23.42 1.88 3.48
N GLY F 50 -24.29 1.12 4.13
CA GLY F 50 -24.09 0.86 5.53
C GLY F 50 -25.31 0.17 6.06
N VAL F 51 -25.40 0.09 7.38
CA VAL F 51 -26.50 -0.52 8.10
C VAL F 51 -27.23 0.65 8.79
N VAL F 52 -28.53 0.72 8.64
CA VAL F 52 -29.25 1.83 9.21
C VAL F 52 -29.72 1.55 10.62
N ALA F 53 -29.57 2.54 11.50
CA ALA F 53 -30.04 2.45 12.89
C ALA F 53 -30.53 3.83 13.36
N GLY F 54 -31.52 3.83 14.24
CA GLY F 54 -32.02 5.10 14.77
C GLY F 54 -33.12 5.82 14.02
N LEU F 55 -33.89 5.15 13.15
CA LEU F 55 -35.00 5.80 12.43
C LEU F 55 -36.12 6.25 13.39
N ASP F 56 -36.31 5.52 14.47
CA ASP F 56 -37.33 5.90 15.43
C ASP F 56 -36.90 7.23 16.01
N VAL F 57 -35.59 7.41 16.20
CA VAL F 57 -35.02 8.64 16.79
C VAL F 57 -35.29 9.82 15.87
N ALA F 58 -35.45 9.53 14.58
CA ALA F 58 -35.76 10.58 13.64
C ALA F 58 -37.19 10.98 13.93
N LEU F 59 -38.08 10.01 14.13
CA LEU F 59 -39.47 10.32 14.44
C LEU F 59 -39.63 11.07 15.76
N LEU F 60 -38.87 10.68 16.78
CA LEU F 60 -38.95 11.39 18.05
C LEU F 60 -38.53 12.86 17.94
N THR F 61 -37.62 13.17 17.02
CA THR F 61 -37.17 14.54 16.87
C THR F 61 -38.29 15.40 16.30
N LEU F 62 -39.09 14.83 15.41
CA LEU F 62 -40.21 15.50 14.77
C LEU F 62 -41.31 15.68 15.82
N ASN F 63 -41.54 14.68 16.64
CA ASN F 63 -42.54 14.82 17.69
C ASN F 63 -42.25 16.02 18.52
N GLU F 64 -40.98 16.19 18.85
CA GLU F 64 -40.54 17.27 19.68
C GLU F 64 -40.69 18.64 19.03
N VAL F 65 -40.40 18.75 17.75
CA VAL F 65 -40.51 20.01 17.06
C VAL F 65 -41.91 20.26 16.52
N LEU F 66 -42.51 19.25 15.91
CA LEU F 66 -43.83 19.35 15.28
C LEU F 66 -45.03 18.80 16.08
N GLY F 67 -44.79 17.95 17.07
CA GLY F 67 -45.89 17.35 17.79
C GLY F 67 -46.17 16.02 17.10
N THR F 68 -46.61 15.05 17.87
CA THR F 68 -46.88 13.71 17.37
C THR F 68 -47.63 13.57 16.07
N ASN F 69 -48.52 14.50 15.82
CA ASN F 69 -49.31 14.42 14.59
C ASN F 69 -48.94 15.57 13.70
N GLY F 70 -47.69 16.00 13.78
CA GLY F 70 -47.27 17.13 12.98
C GLY F 70 -46.73 16.73 11.63
N TYR F 71 -46.71 15.41 11.39
CA TYR F 71 -46.17 14.89 10.14
C TYR F 71 -46.73 13.52 9.88
N ARG F 72 -46.49 13.04 8.68
CA ARG F 72 -46.96 11.75 8.23
C ARG F 72 -45.80 11.05 7.57
N VAL F 73 -45.56 9.80 7.94
CA VAL F 73 -44.48 9.00 7.37
C VAL F 73 -45.05 8.24 6.21
N LEU F 74 -44.59 8.56 5.01
CA LEU F 74 -45.10 7.89 3.83
C LEU F 74 -44.44 6.53 3.65
N ASP F 75 -43.20 6.39 4.06
CA ASP F 75 -42.49 5.12 3.90
C ASP F 75 -41.24 5.12 4.77
N ARG F 76 -40.73 3.92 5.05
CA ARG F 76 -39.54 3.78 5.86
C ARG F 76 -38.99 2.39 5.78
N VAL F 77 -37.69 2.28 6.04
CA VAL F 77 -36.92 1.06 6.01
C VAL F 77 -36.84 0.63 7.45
N GLU F 78 -36.49 -0.62 7.73
CA GLU F 78 -36.41 -1.06 9.12
C GLU F 78 -34.99 -0.94 9.66
N ASP F 79 -34.87 -0.64 10.95
CA ASP F 79 -33.55 -0.56 11.54
C ASP F 79 -32.86 -1.88 11.32
N GLY F 80 -31.57 -1.84 10.97
CA GLY F 80 -30.81 -3.06 10.76
C GLY F 80 -30.65 -3.38 9.30
N ALA F 81 -31.40 -2.68 8.46
CA ALA F 81 -31.32 -2.90 7.05
C ALA F 81 -29.95 -2.55 6.49
N ARG F 82 -29.40 -3.38 5.61
CA ARG F 82 -28.12 -3.07 4.96
C ARG F 82 -28.62 -2.24 3.78
N VAL F 83 -28.04 -1.07 3.58
CA VAL F 83 -28.51 -0.16 2.57
C VAL F 83 -27.39 0.32 1.62
N PRO F 84 -27.71 0.50 0.34
CA PRO F 84 -26.76 0.97 -0.68
C PRO F 84 -26.82 2.48 -0.72
N PRO F 85 -25.83 3.09 -1.38
CA PRO F 85 -25.74 4.55 -1.52
C PRO F 85 -27.01 5.40 -1.68
N GLY F 86 -27.67 5.44 -2.82
CA GLY F 86 -28.86 6.33 -2.85
C GLY F 86 -30.19 5.87 -2.25
N GLU F 87 -30.14 5.05 -1.22
CA GLU F 87 -31.33 4.50 -0.60
C GLU F 87 -32.16 5.47 0.24
N ALA F 88 -33.48 5.52 0.03
CA ALA F 88 -34.36 6.38 0.82
C ALA F 88 -34.74 5.60 2.03
N LEU F 89 -34.20 5.98 3.17
CA LEU F 89 -34.44 5.29 4.42
C LEU F 89 -35.81 5.58 4.97
N MET F 90 -36.31 6.77 4.69
CA MET F 90 -37.60 7.20 5.21
C MET F 90 -38.10 8.41 4.42
N THR F 91 -39.38 8.39 4.11
CA THR F 91 -39.98 9.48 3.39
C THR F 91 -41.15 9.96 4.22
N LEU F 92 -41.21 11.26 4.38
CA LEU F 92 -42.28 11.85 5.15
C LEU F 92 -42.81 13.16 4.59
N GLU F 93 -43.98 13.53 5.07
CA GLU F 93 -44.60 14.76 4.66
C GLU F 93 -44.77 15.53 5.97
N ALA F 94 -44.33 16.77 6.03
CA ALA F 94 -44.44 17.54 7.27
C ALA F 94 -44.33 18.98 6.92
N GLN F 95 -44.61 19.86 7.88
CA GLN F 95 -44.49 21.28 7.69
C GLN F 95 -43.00 21.57 7.39
N THR F 96 -42.75 22.33 6.32
CA THR F 96 -41.38 22.63 5.93
C THR F 96 -40.52 23.34 6.96
N ARG F 97 -41.07 24.28 7.70
CA ARG F 97 -40.28 24.95 8.72
C ARG F 97 -39.82 24.00 9.82
N GLY F 98 -40.69 23.06 10.18
CA GLY F 98 -40.35 22.09 11.20
C GLY F 98 -39.23 21.17 10.78
N LEU F 99 -39.32 20.67 9.56
CA LEU F 99 -38.28 19.77 9.05
C LEU F 99 -36.93 20.47 9.01
N LEU F 100 -36.90 21.71 8.57
CA LEU F 100 -35.64 22.44 8.49
C LEU F 100 -35.01 22.73 9.84
N THR F 101 -35.85 22.87 10.86
CA THR F 101 -35.35 23.11 12.22
C THR F 101 -34.82 21.81 12.81
N ALA F 102 -35.56 20.72 12.59
CA ALA F 102 -35.23 19.39 13.12
C ALA F 102 -34.04 18.72 12.44
N GLU F 103 -33.85 19.04 11.17
CA GLU F 103 -32.82 18.46 10.31
C GLU F 103 -31.46 18.05 10.88
N ARG F 104 -30.67 19.00 11.33
CA ARG F 104 -29.32 18.70 11.82
C ARG F 104 -29.28 17.80 13.07
N THR F 105 -30.23 17.96 13.98
CA THR F 105 -30.29 17.13 15.20
C THR F 105 -30.63 15.68 14.83
N MET F 106 -31.58 15.57 13.92
CA MET F 106 -32.08 14.29 13.43
C MET F 106 -30.97 13.56 12.70
N LEU F 107 -30.37 14.22 11.71
CA LEU F 107 -29.27 13.67 10.93
C LEU F 107 -28.05 13.31 11.78
N ASN F 108 -27.66 14.16 12.73
CA ASN F 108 -26.52 13.90 13.63
C ASN F 108 -26.72 12.61 14.45
N LEU F 109 -27.93 12.39 14.95
CA LEU F 109 -28.24 11.19 15.73
C LEU F 109 -28.33 9.90 14.88
N VAL F 110 -29.08 9.89 13.77
CA VAL F 110 -29.16 8.65 12.99
C VAL F 110 -27.85 8.36 12.25
N GLY F 111 -27.10 9.40 11.93
CA GLY F 111 -25.84 9.21 11.26
C GLY F 111 -24.88 8.55 12.22
N HIS F 112 -24.92 8.97 13.48
CA HIS F 112 -24.03 8.40 14.51
C HIS F 112 -24.42 6.97 14.78
N LEU F 113 -25.72 6.74 15.05
CA LEU F 113 -26.20 5.41 15.33
C LEU F 113 -25.97 4.44 14.17
N SER F 114 -26.17 4.92 12.94
CA SER F 114 -25.95 4.06 11.77
C SER F 114 -24.46 3.80 11.66
N GLY F 115 -23.64 4.80 11.99
CA GLY F 115 -22.20 4.64 11.98
C GLY F 115 -21.80 3.44 12.82
N ILE F 116 -22.34 3.34 14.04
CA ILE F 116 -22.08 2.23 14.97
C ILE F 116 -22.58 0.89 14.44
N ALA F 117 -23.82 0.86 13.96
CA ALA F 117 -24.39 -0.36 13.42
C ALA F 117 -23.58 -0.88 12.25
N THR F 118 -23.13 0.04 11.39
CA THR F 118 -22.35 -0.29 10.22
C THR F 118 -21.01 -0.91 10.59
N ALA F 119 -20.35 -0.30 11.57
CA ALA F 119 -19.05 -0.77 12.05
C ALA F 119 -19.18 -2.09 12.78
N THR F 120 -20.24 -2.28 13.56
CA THR F 120 -20.34 -3.54 14.26
C THR F 120 -20.68 -4.65 13.28
N ALA F 121 -21.36 -4.29 12.19
CA ALA F 121 -21.72 -5.30 11.20
C ALA F 121 -20.44 -5.83 10.54
N ALA F 122 -19.46 -4.95 10.36
CA ALA F 122 -18.18 -5.33 9.73
C ALA F 122 -17.43 -6.30 10.61
N TRP F 123 -17.48 -6.07 11.91
CA TRP F 123 -16.82 -6.96 12.85
C TRP F 123 -17.53 -8.29 12.87
N VAL F 124 -18.84 -8.25 12.83
CA VAL F 124 -19.60 -9.46 12.80
C VAL F 124 -19.23 -10.25 11.54
N ASP F 125 -19.11 -9.52 10.43
CA ASP F 125 -18.75 -10.18 9.21
C ASP F 125 -17.39 -10.78 9.32
N ALA F 126 -16.48 -10.05 9.93
CA ALA F 126 -15.10 -10.52 10.09
C ALA F 126 -14.93 -11.86 10.81
N VAL F 127 -15.73 -12.12 11.83
CA VAL F 127 -15.61 -13.35 12.60
C VAL F 127 -16.65 -14.40 12.21
N ARG F 128 -17.33 -14.22 11.09
CA ARG F 128 -18.30 -15.24 10.74
C ARG F 128 -17.66 -16.59 10.38
N GLY F 129 -18.38 -17.66 10.71
CA GLY F 129 -17.87 -19.01 10.48
C GLY F 129 -17.05 -19.41 11.68
N THR F 130 -17.20 -18.62 12.73
CA THR F 130 -16.52 -18.76 13.99
C THR F 130 -17.67 -18.68 15.01
N LYS F 131 -17.48 -19.19 16.24
CA LYS F 131 -18.56 -19.12 17.21
C LYS F 131 -18.60 -17.78 17.98
N ALA F 132 -17.53 -16.98 17.84
CA ALA F 132 -17.41 -15.71 18.53
C ALA F 132 -18.49 -14.72 18.25
N LYS F 133 -18.90 -14.01 19.31
CA LYS F 133 -19.88 -12.95 19.24
C LYS F 133 -19.16 -11.64 19.56
N ILE F 134 -19.56 -10.56 18.88
CA ILE F 134 -18.98 -9.22 19.06
C ILE F 134 -19.69 -8.56 20.19
N ARG F 135 -18.93 -8.00 21.12
CA ARG F 135 -19.49 -7.35 22.28
C ARG F 135 -18.96 -5.96 22.45
N ASP F 136 -19.80 -5.10 23.03
CA ASP F 136 -19.43 -3.71 23.28
C ASP F 136 -18.89 -3.52 24.68
N THR F 137 -18.61 -2.27 25.04
CA THR F 137 -18.04 -1.93 26.34
C THR F 137 -18.77 -0.75 26.99
N ARG F 138 -18.25 -0.30 28.13
CA ARG F 138 -18.80 0.84 28.83
C ARG F 138 -18.05 2.06 28.34
N LYS F 139 -17.26 1.90 27.28
CA LYS F 139 -16.53 3.01 26.69
C LYS F 139 -17.51 3.72 25.75
N THR F 140 -18.48 4.41 26.34
CA THR F 140 -19.54 5.12 25.63
C THR F 140 -19.52 6.63 25.93
N LEU F 141 -20.29 7.39 25.16
CA LEU F 141 -20.34 8.83 25.35
C LEU F 141 -21.42 9.13 26.35
N PRO F 142 -21.12 9.97 27.34
CA PRO F 142 -22.04 10.38 28.41
C PRO F 142 -23.39 10.86 27.92
N GLY F 143 -24.43 10.16 28.30
CA GLY F 143 -25.74 10.56 27.84
C GLY F 143 -26.17 9.78 26.61
N LEU F 144 -25.25 9.07 25.94
CA LEU F 144 -25.64 8.31 24.75
C LEU F 144 -25.50 6.81 24.87
N ARG F 145 -25.33 6.29 26.09
CA ARG F 145 -25.17 4.85 26.25
C ARG F 145 -26.24 3.93 25.72
N ALA F 146 -27.49 4.16 26.11
CA ALA F 146 -28.60 3.29 25.69
C ALA F 146 -28.74 3.23 24.17
N LEU F 147 -28.53 4.38 23.53
CA LEU F 147 -28.62 4.53 22.09
C LEU F 147 -27.46 3.84 21.42
N GLN F 148 -26.26 4.04 21.94
CA GLN F 148 -25.11 3.38 21.39
C GLN F 148 -25.20 1.85 21.53
N LYS F 149 -25.69 1.40 22.68
CA LYS F 149 -25.83 -0.03 22.96
C LYS F 149 -26.87 -0.61 21.99
N TYR F 150 -27.94 0.15 21.78
CA TYR F 150 -29.01 -0.25 20.90
C TYR F 150 -28.48 -0.44 19.48
N ALA F 151 -27.67 0.52 19.04
CA ALA F 151 -27.08 0.52 17.71
C ALA F 151 -26.11 -0.61 17.46
N VAL F 152 -25.39 -1.07 18.48
CA VAL F 152 -24.48 -2.19 18.22
C VAL F 152 -25.30 -3.47 18.07
N ARG F 153 -26.41 -3.54 18.79
CA ARG F 153 -27.27 -4.69 18.74
C ARG F 153 -27.87 -4.76 17.33
N THR F 154 -28.29 -3.62 16.82
CA THR F 154 -28.87 -3.54 15.48
C THR F 154 -27.88 -4.01 14.41
N GLY F 155 -26.59 -3.87 14.70
CA GLY F 155 -25.55 -4.28 13.76
C GLY F 155 -25.17 -5.76 13.90
N GLY F 156 -25.70 -6.41 14.93
CA GLY F 156 -25.40 -7.80 15.11
C GLY F 156 -24.54 -8.07 16.30
N GLY F 157 -24.18 -7.03 17.04
CA GLY F 157 -23.33 -7.23 18.21
C GLY F 157 -24.19 -7.54 19.43
N VAL F 158 -23.56 -7.83 20.56
CA VAL F 158 -24.32 -8.14 21.75
C VAL F 158 -23.84 -7.20 22.84
N ASN F 159 -24.79 -6.67 23.60
CA ASN F 159 -24.51 -5.73 24.68
C ASN F 159 -23.92 -6.43 25.89
N HIS F 160 -22.92 -5.79 26.50
CA HIS F 160 -22.29 -6.36 27.66
C HIS F 160 -22.79 -5.60 28.88
N ARG F 161 -21.92 -5.03 29.69
CA ARG F 161 -22.42 -4.34 30.88
C ARG F 161 -23.09 -3.05 30.55
N LEU F 162 -24.20 -2.78 31.21
CA LEU F 162 -24.90 -1.52 31.01
C LEU F 162 -24.46 -0.48 32.04
N GLY F 163 -23.79 -0.93 33.10
CA GLY F 163 -23.33 -0.02 34.11
C GLY F 163 -22.45 -0.74 35.11
N LEU F 164 -22.09 -0.05 36.18
CA LEU F 164 -21.25 -0.57 37.24
C LEU F 164 -21.87 -1.70 38.08
N GLY F 165 -23.18 -1.70 38.24
CA GLY F 165 -23.85 -2.71 39.08
C GLY F 165 -24.52 -3.85 38.33
N ASP F 166 -24.48 -3.71 37.02
CA ASP F 166 -25.04 -4.63 36.06
C ASP F 166 -24.53 -6.06 36.31
N ALA F 167 -23.21 -6.18 36.49
CA ALA F 167 -22.53 -7.47 36.68
C ALA F 167 -21.26 -7.18 37.40
N ALA F 168 -20.70 -8.16 38.09
CA ALA F 168 -19.47 -7.94 38.81
C ALA F 168 -18.35 -8.17 37.84
N LEU F 169 -17.41 -7.24 37.78
CA LEU F 169 -16.27 -7.38 36.91
C LEU F 169 -14.99 -7.04 37.70
N ILE F 170 -14.24 -8.08 38.03
CA ILE F 170 -12.99 -7.97 38.79
C ILE F 170 -11.84 -7.65 37.81
N LYS F 171 -11.16 -6.54 38.09
CA LYS F 171 -10.05 -6.07 37.30
C LYS F 171 -8.88 -6.04 38.22
N ASP F 172 -7.76 -5.58 37.67
CA ASP F 172 -6.49 -5.44 38.35
C ASP F 172 -6.60 -4.80 39.72
N ASN F 173 -7.26 -3.65 39.78
CA ASN F 173 -7.43 -2.89 41.02
C ASN F 173 -8.06 -3.74 42.14
N HIS F 174 -9.05 -4.54 41.79
CA HIS F 174 -9.74 -5.35 42.77
C HIS F 174 -8.89 -6.52 43.27
N VAL F 175 -8.19 -7.20 42.36
CA VAL F 175 -7.31 -8.36 42.68
C VAL F 175 -6.27 -7.98 43.73
N ALA F 176 -5.64 -6.84 43.50
CA ALA F 176 -4.60 -6.32 44.37
C ALA F 176 -5.13 -6.08 45.77
N ALA F 177 -6.20 -5.30 45.87
CA ALA F 177 -6.85 -4.98 47.13
C ALA F 177 -7.27 -6.25 47.86
N ALA F 178 -7.76 -7.23 47.10
CA ALA F 178 -8.17 -8.48 47.69
C ALA F 178 -6.94 -9.27 48.12
N GLY F 179 -5.88 -9.12 47.37
CA GLY F 179 -4.67 -9.85 47.68
C GLY F 179 -4.41 -10.62 46.42
N SER F 180 -5.40 -11.41 46.02
CA SER F 180 -5.26 -12.19 44.80
C SER F 180 -6.56 -12.24 44.02
N VAL F 181 -6.47 -12.72 42.79
CA VAL F 181 -7.61 -12.82 41.92
C VAL F 181 -8.67 -13.68 42.58
N VAL F 182 -8.26 -14.80 43.17
CA VAL F 182 -9.22 -15.70 43.82
C VAL F 182 -9.81 -15.08 45.09
N ASP F 183 -9.02 -14.23 45.75
CA ASP F 183 -9.48 -13.57 46.97
C ASP F 183 -10.60 -12.65 46.57
N ALA F 184 -10.34 -11.81 45.58
CA ALA F 184 -11.33 -10.89 45.06
C ALA F 184 -12.56 -11.66 44.53
N LEU F 185 -12.30 -12.71 43.73
CA LEU F 185 -13.34 -13.55 43.15
C LEU F 185 -14.26 -14.06 44.23
N ARG F 186 -13.67 -14.64 45.26
CA ARG F 186 -14.46 -15.17 46.35
C ARG F 186 -15.22 -14.04 47.08
N ALA F 187 -14.55 -12.93 47.30
CA ALA F 187 -15.14 -11.78 47.98
C ALA F 187 -16.42 -11.34 47.32
N VAL F 188 -16.35 -11.14 46.01
CA VAL F 188 -17.49 -10.72 45.25
C VAL F 188 -18.59 -11.76 45.26
N ARG F 189 -18.20 -13.03 45.15
CA ARG F 189 -19.16 -14.16 45.15
C ARG F 189 -19.96 -14.14 46.44
N ASN F 190 -19.27 -13.90 47.54
CA ASN F 190 -19.89 -13.87 48.84
C ASN F 190 -20.73 -12.60 49.08
N ALA F 191 -20.38 -11.52 48.38
CA ALA F 191 -21.09 -10.25 48.52
C ALA F 191 -22.25 -10.08 47.54
N ALA F 192 -22.14 -10.64 46.35
CA ALA F 192 -23.21 -10.53 45.34
C ALA F 192 -23.36 -11.87 44.66
N PRO F 193 -23.80 -12.89 45.42
CA PRO F 193 -23.98 -14.25 44.91
C PRO F 193 -24.93 -14.43 43.73
N ASP F 194 -25.79 -13.47 43.50
CA ASP F 194 -26.76 -13.56 42.41
C ASP F 194 -26.23 -12.84 41.18
N LEU F 195 -25.02 -12.32 41.32
CA LEU F 195 -24.40 -11.53 40.26
C LEU F 195 -23.34 -12.26 39.43
N PRO F 196 -23.42 -12.09 38.10
CA PRO F 196 -22.48 -12.69 37.16
C PRO F 196 -21.07 -12.26 37.53
N CYS F 197 -20.18 -13.22 37.72
CA CYS F 197 -18.83 -12.92 38.09
C CYS F 197 -17.93 -13.05 36.86
N GLU F 198 -17.29 -11.95 36.50
CA GLU F 198 -16.40 -11.90 35.36
C GLU F 198 -15.11 -11.42 35.91
N VAL F 199 -14.00 -12.01 35.46
CA VAL F 199 -12.70 -11.58 35.96
C VAL F 199 -11.75 -11.32 34.79
N GLU F 200 -10.96 -10.28 34.95
CA GLU F 200 -10.01 -9.86 33.95
C GLU F 200 -8.57 -10.23 34.34
N VAL F 201 -7.89 -10.98 33.47
CA VAL F 201 -6.51 -11.39 33.72
C VAL F 201 -5.64 -10.91 32.61
N ASP F 202 -4.39 -10.63 32.93
CA ASP F 202 -3.45 -10.19 31.92
C ASP F 202 -2.27 -11.13 31.75
N SER F 203 -2.34 -12.34 32.30
CA SER F 203 -1.24 -13.29 32.14
C SER F 203 -1.79 -14.71 32.20
N LEU F 204 -1.04 -15.66 31.68
CA LEU F 204 -1.52 -17.04 31.73
C LEU F 204 -1.44 -17.54 33.14
N GLU F 205 -0.51 -16.96 33.91
CA GLU F 205 -0.34 -17.33 35.31
C GLU F 205 -1.67 -17.00 36.01
N GLN F 206 -2.17 -15.77 35.83
CA GLN F 206 -3.45 -15.41 36.44
C GLN F 206 -4.54 -16.33 35.94
N LEU F 207 -4.52 -16.63 34.64
CA LEU F 207 -5.51 -17.52 34.06
C LEU F 207 -5.52 -18.86 34.81
N ASP F 208 -4.36 -19.47 35.01
CA ASP F 208 -4.26 -20.75 35.69
C ASP F 208 -4.82 -20.64 37.10
N ALA F 209 -4.60 -19.50 37.75
CA ALA F 209 -5.10 -19.27 39.10
C ALA F 209 -6.62 -19.14 39.20
N VAL F 210 -7.27 -18.48 38.24
CA VAL F 210 -8.73 -18.32 38.30
C VAL F 210 -9.56 -19.41 37.65
N LEU F 211 -8.97 -20.18 36.73
CA LEU F 211 -9.71 -21.25 36.04
C LEU F 211 -10.44 -22.26 36.95
N PRO F 212 -9.76 -22.75 37.99
CA PRO F 212 -10.42 -23.69 38.90
C PRO F 212 -11.59 -23.02 39.62
N GLU F 213 -11.47 -21.71 39.91
CA GLU F 213 -12.54 -20.96 40.58
C GLU F 213 -13.81 -20.94 39.75
N LYS F 214 -13.64 -21.22 38.46
CA LYS F 214 -14.75 -21.27 37.51
C LYS F 214 -15.64 -20.03 37.41
N PRO F 215 -15.05 -18.82 37.24
CA PRO F 215 -15.91 -17.64 37.12
C PRO F 215 -16.72 -17.80 35.84
N GLU F 216 -17.74 -16.95 35.65
CA GLU F 216 -18.61 -17.03 34.47
C GLU F 216 -17.87 -16.71 33.17
N LEU F 217 -16.93 -15.78 33.24
CA LEU F 217 -16.20 -15.36 32.07
C LEU F 217 -14.90 -14.76 32.49
N ILE F 218 -13.90 -14.95 31.65
CA ILE F 218 -12.56 -14.40 31.87
C ILE F 218 -12.27 -13.52 30.65
N LEU F 219 -11.80 -12.29 30.90
CA LEU F 219 -11.47 -11.41 29.81
C LEU F 219 -9.98 -11.51 29.68
N LEU F 220 -9.50 -11.90 28.51
CA LEU F 220 -8.07 -12.01 28.24
C LEU F 220 -7.55 -10.63 27.83
N ASP F 221 -7.00 -9.91 28.79
CA ASP F 221 -6.53 -8.56 28.52
C ASP F 221 -5.21 -8.43 27.76
N ASN F 222 -5.29 -8.08 26.49
CA ASN F 222 -4.11 -7.90 25.63
C ASN F 222 -3.21 -9.13 25.46
N PHE F 223 -3.80 -10.28 25.16
CA PHE F 223 -3.03 -11.49 24.94
C PHE F 223 -2.63 -11.54 23.45
N ALA F 224 -1.48 -12.12 23.16
CA ALA F 224 -1.00 -12.31 21.79
C ALA F 224 -1.84 -13.46 21.29
N VAL F 225 -1.92 -13.69 19.99
CA VAL F 225 -2.78 -14.76 19.52
C VAL F 225 -2.37 -16.09 20.12
N TRP F 226 -1.07 -16.32 20.20
CA TRP F 226 -0.58 -17.59 20.71
C TRP F 226 -1.00 -17.84 22.15
N GLN F 227 -1.07 -16.77 22.94
CA GLN F 227 -1.51 -16.90 24.33
C GLN F 227 -3.02 -17.12 24.40
N THR F 228 -3.74 -16.56 23.46
CA THR F 228 -5.17 -16.72 23.44
C THR F 228 -5.46 -18.18 23.13
N GLN F 229 -4.74 -18.74 22.17
CA GLN F 229 -4.89 -20.12 21.77
C GLN F 229 -4.67 -21.05 22.94
N THR F 230 -3.61 -20.78 23.71
CA THR F 230 -3.28 -21.57 24.90
C THR F 230 -4.42 -21.46 25.94
N ALA F 231 -4.89 -20.23 26.19
CA ALA F 231 -5.98 -20.00 27.15
C ALA F 231 -7.20 -20.81 26.80
N VAL F 232 -7.50 -20.90 25.52
CA VAL F 232 -8.67 -21.65 25.07
C VAL F 232 -8.43 -23.12 25.32
N GLN F 233 -7.21 -23.60 25.06
CA GLN F 233 -6.88 -25.00 25.27
C GLN F 233 -6.99 -25.31 26.75
N ARG F 234 -6.41 -24.47 27.60
CA ARG F 234 -6.47 -24.69 29.04
C ARG F 234 -7.89 -24.68 29.56
N ARG F 235 -8.67 -23.73 29.09
CA ARG F 235 -10.06 -23.61 29.50
C ARG F 235 -10.79 -24.87 29.07
N ASP F 236 -10.54 -25.32 27.86
CA ASP F 236 -11.21 -26.51 27.32
C ASP F 236 -10.93 -27.75 28.13
N SER F 237 -9.73 -27.84 28.69
CA SER F 237 -9.34 -29.01 29.45
C SER F 237 -9.65 -28.96 30.93
N ARG F 238 -9.68 -27.77 31.49
CA ARG F 238 -9.92 -27.63 32.91
C ARG F 238 -11.27 -27.10 33.36
N ALA F 239 -11.87 -26.19 32.60
CA ALA F 239 -13.13 -25.58 32.99
C ALA F 239 -13.92 -25.24 31.76
N PRO F 240 -14.43 -26.25 31.06
CA PRO F 240 -15.22 -26.07 29.84
C PRO F 240 -16.37 -25.07 29.93
N THR F 241 -16.84 -24.79 31.14
CA THR F 241 -17.97 -23.86 31.34
C THR F 241 -17.61 -22.37 31.36
N VAL F 242 -16.36 -22.06 31.66
CA VAL F 242 -15.89 -20.68 31.72
C VAL F 242 -15.79 -20.08 30.31
N MET F 243 -16.49 -18.98 30.09
CA MET F 243 -16.48 -18.32 28.80
C MET F 243 -15.21 -17.49 28.79
N LEU F 244 -14.67 -17.33 27.59
CA LEU F 244 -13.43 -16.55 27.35
C LEU F 244 -13.74 -15.35 26.40
N GLU F 245 -13.28 -14.14 26.75
CA GLU F 245 -13.50 -12.93 25.94
C GLU F 245 -12.20 -12.17 25.69
N SER F 246 -11.88 -11.89 24.43
CA SER F 246 -10.68 -11.17 24.11
C SER F 246 -10.92 -9.67 24.21
N SER F 247 -10.07 -9.00 24.97
CA SER F 247 -10.16 -7.56 25.16
C SER F 247 -8.78 -6.95 25.00
N GLY F 248 -8.67 -5.91 24.18
CA GLY F 248 -7.37 -5.31 24.06
C GLY F 248 -6.77 -5.00 22.72
N GLY F 249 -5.84 -5.84 22.27
CA GLY F 249 -5.15 -5.58 21.01
C GLY F 249 -5.89 -6.01 19.77
N LEU F 250 -7.16 -5.65 19.73
CA LEU F 250 -8.04 -6.03 18.63
C LEU F 250 -8.22 -5.00 17.55
N SER F 251 -8.09 -5.46 16.32
CA SER F 251 -8.28 -4.59 15.20
C SER F 251 -9.09 -5.39 14.23
N LEU F 252 -9.74 -4.70 13.33
CA LEU F 252 -10.56 -5.38 12.36
C LEU F 252 -9.69 -6.32 11.52
N GLN F 253 -8.39 -6.04 11.41
CA GLN F 253 -7.53 -6.89 10.58
C GLN F 253 -7.16 -8.18 11.27
N THR F 254 -7.11 -8.14 12.60
CA THR F 254 -6.75 -9.30 13.42
C THR F 254 -7.93 -10.05 14.01
N ALA F 255 -9.11 -9.45 13.94
CA ALA F 255 -10.33 -10.05 14.49
C ALA F 255 -10.54 -11.54 14.20
N ALA F 256 -10.42 -11.95 12.95
CA ALA F 256 -10.61 -13.37 12.56
C ALA F 256 -9.56 -14.28 13.19
N THR F 257 -8.33 -13.77 13.31
CA THR F 257 -7.24 -14.50 13.91
C THR F 257 -7.54 -14.80 15.37
N TYR F 258 -7.98 -13.79 16.12
CA TYR F 258 -8.31 -14.03 17.52
C TYR F 258 -9.51 -14.97 17.60
N ALA F 259 -10.55 -14.70 16.80
CA ALA F 259 -11.76 -15.48 16.77
C ALA F 259 -11.49 -16.92 16.43
N GLU F 260 -10.49 -17.15 15.60
CA GLU F 260 -10.17 -18.51 15.19
C GLU F 260 -9.61 -19.35 16.30
N THR F 261 -9.10 -18.71 17.36
CA THR F 261 -8.55 -19.44 18.51
C THR F 261 -9.69 -20.10 19.30
N GLY F 262 -10.93 -19.66 19.05
CA GLY F 262 -12.07 -20.24 19.72
C GLY F 262 -12.60 -19.49 20.93
N VAL F 263 -12.13 -18.25 21.19
CA VAL F 263 -12.66 -17.47 22.32
C VAL F 263 -14.14 -17.26 22.02
N ASP F 264 -14.93 -16.98 23.05
CA ASP F 264 -16.34 -16.83 22.84
C ASP F 264 -16.78 -15.45 22.39
N TYR F 265 -16.07 -14.44 22.89
CA TYR F 265 -16.42 -13.07 22.57
C TYR F 265 -15.21 -12.22 22.27
N LEU F 266 -15.45 -11.14 21.53
CA LEU F 266 -14.43 -10.16 21.24
C LEU F 266 -15.05 -8.90 21.82
N ALA F 267 -14.36 -8.29 22.76
CA ALA F 267 -14.83 -7.08 23.33
C ALA F 267 -14.27 -5.95 22.47
N VAL F 268 -15.14 -5.22 21.78
CA VAL F 268 -14.68 -4.10 20.92
C VAL F 268 -15.11 -2.70 21.40
N GLY F 269 -14.20 -1.98 22.06
CA GLY F 269 -14.53 -0.64 22.50
C GLY F 269 -14.67 0.36 21.33
N ALA F 270 -13.97 0.08 20.23
CA ALA F 270 -14.02 0.96 19.06
C ALA F 270 -15.41 1.13 18.52
N LEU F 271 -16.25 0.13 18.71
CA LEU F 271 -17.62 0.20 18.23
C LEU F 271 -18.30 1.47 18.75
N THR F 272 -18.04 1.83 20.00
CA THR F 272 -18.69 2.98 20.62
C THR F 272 -17.89 4.26 20.79
N HIS F 273 -16.59 4.09 21.01
CA HIS F 273 -15.68 5.24 21.12
C HIS F 273 -15.12 5.21 19.70
N SER F 274 -14.56 6.28 19.15
CA SER F 274 -14.07 6.10 17.77
C SER F 274 -15.14 5.72 16.74
N VAL F 275 -16.24 6.46 16.65
CA VAL F 275 -17.18 6.08 15.61
C VAL F 275 -17.17 7.02 14.42
N ARG F 276 -17.27 6.47 13.22
CA ARG F 276 -17.31 7.24 11.98
C ARG F 276 -18.80 7.35 11.56
N VAL F 277 -19.24 8.57 11.26
CA VAL F 277 -20.65 8.80 10.92
C VAL F 277 -21.06 8.17 9.60
N LEU F 278 -22.32 7.78 9.48
CA LEU F 278 -22.79 7.27 8.21
C LEU F 278 -23.39 8.53 7.62
N ASP F 279 -22.91 8.93 6.45
CA ASP F 279 -23.39 10.15 5.81
C ASP F 279 -24.77 9.95 5.23
N ILE F 280 -25.72 10.67 5.81
CA ILE F 280 -27.12 10.62 5.41
C ILE F 280 -27.60 12.06 5.28
N GLY F 281 -28.38 12.34 4.23
CA GLY F 281 -28.90 13.69 4.06
C GLY F 281 -30.42 13.69 4.00
N LEU F 282 -31.00 14.87 4.19
CA LEU F 282 -32.44 15.09 4.12
C LEU F 282 -32.64 15.75 2.78
N ASP F 283 -33.20 15.04 1.82
CA ASP F 283 -33.46 15.56 0.48
C ASP F 283 -34.92 15.92 0.30
N MET F 284 -35.14 17.15 -0.11
CA MET F 284 -36.47 17.67 -0.33
C MET F 284 -36.61 17.99 -1.83
S SO4 G . 10.33 1.13 -23.25
O1 SO4 G . 9.90 2.15 -22.30
O2 SO4 G . 11.58 1.58 -24.00
O3 SO4 G . 10.68 -0.21 -22.58
O4 SO4 G . 9.19 0.84 -24.21
S SO4 H . -13.49 11.04 -19.02
O1 SO4 H . -13.88 11.90 -17.90
O2 SO4 H . -12.15 11.57 -19.54
O3 SO4 H . -13.31 9.56 -18.61
O4 SO4 H . -14.59 11.04 -20.11
S SO4 I . 13.58 -10.53 18.64
O1 SO4 I . 13.60 -11.97 18.45
O2 SO4 I . 14.52 -10.19 19.81
O3 SO4 I . 14.07 -9.68 17.41
O4 SO4 I . 12.14 -10.08 18.88
S SO4 J . 18.26 -16.83 -5.93
O1 SO4 J . 18.13 -16.30 -7.28
O2 SO4 J . 19.35 -16.10 -5.20
O3 SO4 J . 16.93 -16.68 -5.10
O4 SO4 J . 18.59 -18.32 -6.01
S SO4 K . -18.26 16.53 6.25
O1 SO4 K . -17.73 17.82 6.68
O2 SO4 K . -18.69 16.59 4.79
O3 SO4 K . -17.19 15.40 6.35
O4 SO4 K . -19.42 16.14 7.15
S SO4 L . -10.49 -1.07 23.04
O1 SO4 L . -11.43 -2.15 23.33
O2 SO4 L . -9.10 -1.41 23.59
O3 SO4 L . -10.34 -0.81 21.52
O4 SO4 L . -10.96 0.23 23.64
#